data_4HXM
# 
_entry.id   4HXM 
# 
_audit_conform.dict_name       mmcif_pdbx.dic 
_audit_conform.dict_version    5.387 
_audit_conform.dict_location   http://mmcif.pdb.org/dictionaries/ascii/mmcif_pdbx.dic 
# 
loop_
_database_2.database_id 
_database_2.database_code 
_database_2.pdbx_database_accession 
_database_2.pdbx_DOI 
PDB   4HXM         pdb_00004hxm 10.2210/pdb4hxm/pdb 
RCSB  RCSB076047   ?            ?                   
WWPDB D_1000076047 ?            ?                   
# 
loop_
_pdbx_audit_revision_history.ordinal 
_pdbx_audit_revision_history.data_content_type 
_pdbx_audit_revision_history.major_revision 
_pdbx_audit_revision_history.minor_revision 
_pdbx_audit_revision_history.revision_date 
1 'Structure model' 1 0 2013-04-03 
2 'Structure model' 1 1 2013-04-10 
3 'Structure model' 1 2 2013-06-19 
4 'Structure model' 1 3 2024-02-28 
# 
_pdbx_audit_revision_details.ordinal             1 
_pdbx_audit_revision_details.revision_ordinal    1 
_pdbx_audit_revision_details.data_content_type   'Structure model' 
_pdbx_audit_revision_details.provider            repository 
_pdbx_audit_revision_details.type                'Initial release' 
_pdbx_audit_revision_details.description         ? 
_pdbx_audit_revision_details.details             ? 
# 
loop_
_pdbx_audit_revision_group.ordinal 
_pdbx_audit_revision_group.revision_ordinal 
_pdbx_audit_revision_group.data_content_type 
_pdbx_audit_revision_group.group 
1 2 'Structure model' 'Structure summary'    
2 3 'Structure model' 'Database references'  
3 4 'Structure model' 'Data collection'      
4 4 'Structure model' 'Database references'  
5 4 'Structure model' 'Derived calculations' 
# 
loop_
_pdbx_audit_revision_category.ordinal 
_pdbx_audit_revision_category.revision_ordinal 
_pdbx_audit_revision_category.data_content_type 
_pdbx_audit_revision_category.category 
1 4 'Structure model' chem_comp_atom     
2 4 'Structure model' chem_comp_bond     
3 4 'Structure model' database_2         
4 4 'Structure model' struct_ref_seq_dif 
5 4 'Structure model' struct_site        
# 
loop_
_pdbx_audit_revision_item.ordinal 
_pdbx_audit_revision_item.revision_ordinal 
_pdbx_audit_revision_item.data_content_type 
_pdbx_audit_revision_item.item 
1 4 'Structure model' '_database_2.pdbx_DOI'                
2 4 'Structure model' '_database_2.pdbx_database_accession' 
3 4 'Structure model' '_struct_ref_seq_dif.details'         
4 4 'Structure model' '_struct_site.pdbx_auth_asym_id'      
5 4 'Structure model' '_struct_site.pdbx_auth_comp_id'      
6 4 'Structure model' '_struct_site.pdbx_auth_seq_id'       
# 
_pdbx_database_status.entry_id                        4HXM 
_pdbx_database_status.status_code                     REL 
_pdbx_database_status.deposit_site                    RCSB 
_pdbx_database_status.process_site                    RCSB 
_pdbx_database_status.recvd_initial_deposition_date   2012-11-12 
_pdbx_database_status.status_code_sf                  REL 
_pdbx_database_status.status_code_mr                  ? 
_pdbx_database_status.SG_entry                        ? 
_pdbx_database_status.status_code_cs                  ? 
_pdbx_database_status.methods_development_category    ? 
_pdbx_database_status.pdb_format_compatible           Y 
_pdbx_database_status.status_code_nmr_data            ? 
# 
loop_
_pdbx_database_related.db_name 
_pdbx_database_related.db_id 
_pdbx_database_related.details 
_pdbx_database_related.content_type 
PDB 4HXK . unspecified 
PDB 4HXL . unspecified 
PDB 4HXN . unspecified 
PDB 4HXO . unspecified 
PDB 4HXP . unspecified 
PDB 4HXR . unspecified 
PDB 4HXS . unspecified 
# 
loop_
_audit_author.name 
_audit_author.pdbx_ordinal 
'Chen, T.T.' 1 
'Cao, D.Y.'  2 
'Chen, W.Y.' 3 
'Xiong, B.'  4 
'Shen, J.K.' 5 
'Xu, Y.C.'   6 
# 
_citation.id                        primary 
_citation.title                     
'Fragment-Based Drug Discovery of 2-Thiazolidinones as Inhibitors of the Histone Reader BRD4 Bromodomain.' 
_citation.journal_abbrev            J.Med.Chem. 
_citation.journal_volume            56 
_citation.page_first                3833 
_citation.page_last                 3851 
_citation.year                      2013 
_citation.journal_id_ASTM           JMCMAR 
_citation.country                   US 
_citation.journal_id_ISSN           0022-2623 
_citation.journal_id_CSD            0151 
_citation.book_publisher            ? 
_citation.pdbx_database_id_PubMed   23530754 
_citation.pdbx_database_id_DOI      10.1021/jm301793a 
# 
loop_
_citation_author.citation_id 
_citation_author.name 
_citation_author.ordinal 
_citation_author.identifier_ORCID 
primary 'Zhao, L.'  1  ? 
primary 'Cao, D.'   2  ? 
primary 'Chen, T.'  3  ? 
primary 'Wang, Y.'  4  ? 
primary 'Miao, Z.'  5  ? 
primary 'Xu, Y.'    6  ? 
primary 'Chen, W.'  7  ? 
primary 'Wang, X.'  8  ? 
primary 'Li, Y.'    9  ? 
primary 'Du, Z.'    10 ? 
primary 'Xiong, B.' 11 ? 
primary 'Li, J.'    12 ? 
primary 'Xu, C.'    13 ? 
primary 'Zhang, N.' 14 ? 
primary 'He, J.'    15 ? 
primary 'Shen, J.'  16 ? 
# 
loop_
_entity.id 
_entity.type 
_entity.src_method 
_entity.pdbx_description 
_entity.formula_weight 
_entity.pdbx_number_of_molecules 
_entity.pdbx_ec 
_entity.pdbx_mutation 
_entity.pdbx_fragment 
_entity.details 
1 polymer     man 'Bromodomain-containing protein 4'                                                            14754.074 1   ? ? 
? ? 
2 non-polymer syn 'N-{3-(2-oxo-2,3-dihydro-1,3-thiazol-4-yl)-5-[(thiophen-2-ylsulfonyl)amino]phenyl}butanamide' 423.530   1   ? ? 
? ? 
3 water       nat water                                                                                         18.015    136 ? ? 
? ? 
# 
_entity_name_com.entity_id   1 
_entity_name_com.name        'Protein HUNK1' 
# 
_entity_poly.entity_id                      1 
_entity_poly.type                           'polypeptide(L)' 
_entity_poly.nstd_linkage                   no 
_entity_poly.nstd_monomer                   no 
_entity_poly.pdbx_seq_one_letter_code       
;MNPPPPETSNPNKPKRQTNQLQYLLRVVLKTLWKHQFAWPFQQPVDAVKLNLPDYYKIIKTPMDMGTIKKRLENNYYWNA
QECIQDFNTMFTNCYIYNKPGDDIVLMAEALEKLFLQKINELPT
;
_entity_poly.pdbx_seq_one_letter_code_can   
;MNPPPPETSNPNKPKRQTNQLQYLLRVVLKTLWKHQFAWPFQQPVDAVKLNLPDYYKIIKTPMDMGTIKKRLENNYYWNA
QECIQDFNTMFTNCYIYNKPGDDIVLMAEALEKLFLQKINELPT
;
_entity_poly.pdbx_strand_id                 A 
_entity_poly.pdbx_target_identifier         ? 
# 
loop_
_pdbx_entity_nonpoly.entity_id 
_pdbx_entity_nonpoly.name 
_pdbx_entity_nonpoly.comp_id 
2 'N-{3-(2-oxo-2,3-dihydro-1,3-thiazol-4-yl)-5-[(thiophen-2-ylsulfonyl)amino]phenyl}butanamide' 1A8 
3 water                                                                                         HOH 
# 
loop_
_entity_poly_seq.entity_id 
_entity_poly_seq.num 
_entity_poly_seq.mon_id 
_entity_poly_seq.hetero 
1 1   MET n 
1 2   ASN n 
1 3   PRO n 
1 4   PRO n 
1 5   PRO n 
1 6   PRO n 
1 7   GLU n 
1 8   THR n 
1 9   SER n 
1 10  ASN n 
1 11  PRO n 
1 12  ASN n 
1 13  LYS n 
1 14  PRO n 
1 15  LYS n 
1 16  ARG n 
1 17  GLN n 
1 18  THR n 
1 19  ASN n 
1 20  GLN n 
1 21  LEU n 
1 22  GLN n 
1 23  TYR n 
1 24  LEU n 
1 25  LEU n 
1 26  ARG n 
1 27  VAL n 
1 28  VAL n 
1 29  LEU n 
1 30  LYS n 
1 31  THR n 
1 32  LEU n 
1 33  TRP n 
1 34  LYS n 
1 35  HIS n 
1 36  GLN n 
1 37  PHE n 
1 38  ALA n 
1 39  TRP n 
1 40  PRO n 
1 41  PHE n 
1 42  GLN n 
1 43  GLN n 
1 44  PRO n 
1 45  VAL n 
1 46  ASP n 
1 47  ALA n 
1 48  VAL n 
1 49  LYS n 
1 50  LEU n 
1 51  ASN n 
1 52  LEU n 
1 53  PRO n 
1 54  ASP n 
1 55  TYR n 
1 56  TYR n 
1 57  LYS n 
1 58  ILE n 
1 59  ILE n 
1 60  LYS n 
1 61  THR n 
1 62  PRO n 
1 63  MET n 
1 64  ASP n 
1 65  MET n 
1 66  GLY n 
1 67  THR n 
1 68  ILE n 
1 69  LYS n 
1 70  LYS n 
1 71  ARG n 
1 72  LEU n 
1 73  GLU n 
1 74  ASN n 
1 75  ASN n 
1 76  TYR n 
1 77  TYR n 
1 78  TRP n 
1 79  ASN n 
1 80  ALA n 
1 81  GLN n 
1 82  GLU n 
1 83  CYS n 
1 84  ILE n 
1 85  GLN n 
1 86  ASP n 
1 87  PHE n 
1 88  ASN n 
1 89  THR n 
1 90  MET n 
1 91  PHE n 
1 92  THR n 
1 93  ASN n 
1 94  CYS n 
1 95  TYR n 
1 96  ILE n 
1 97  TYR n 
1 98  ASN n 
1 99  LYS n 
1 100 PRO n 
1 101 GLY n 
1 102 ASP n 
1 103 ASP n 
1 104 ILE n 
1 105 VAL n 
1 106 LEU n 
1 107 MET n 
1 108 ALA n 
1 109 GLU n 
1 110 ALA n 
1 111 LEU n 
1 112 GLU n 
1 113 LYS n 
1 114 LEU n 
1 115 PHE n 
1 116 LEU n 
1 117 GLN n 
1 118 LYS n 
1 119 ILE n 
1 120 ASN n 
1 121 GLU n 
1 122 LEU n 
1 123 PRO n 
1 124 THR n 
# 
_entity_src_gen.entity_id                          1 
_entity_src_gen.pdbx_src_id                        1 
_entity_src_gen.pdbx_alt_source_flag               sample 
_entity_src_gen.pdbx_seq_type                      ? 
_entity_src_gen.pdbx_beg_seq_num                   ? 
_entity_src_gen.pdbx_end_seq_num                   ? 
_entity_src_gen.gene_src_common_name               human 
_entity_src_gen.gene_src_genus                     ? 
_entity_src_gen.pdbx_gene_src_gene                 'BRD4, HUNK1' 
_entity_src_gen.gene_src_species                   ? 
_entity_src_gen.gene_src_strain                    ? 
_entity_src_gen.gene_src_tissue                    ? 
_entity_src_gen.gene_src_tissue_fraction           ? 
_entity_src_gen.gene_src_details                   ? 
_entity_src_gen.pdbx_gene_src_fragment             ? 
_entity_src_gen.pdbx_gene_src_scientific_name      'Homo sapiens' 
_entity_src_gen.pdbx_gene_src_ncbi_taxonomy_id     9606 
_entity_src_gen.pdbx_gene_src_variant              ? 
_entity_src_gen.pdbx_gene_src_cell_line            ? 
_entity_src_gen.pdbx_gene_src_atcc                 ? 
_entity_src_gen.pdbx_gene_src_organ                ? 
_entity_src_gen.pdbx_gene_src_organelle            ? 
_entity_src_gen.pdbx_gene_src_cell                 ? 
_entity_src_gen.pdbx_gene_src_cellular_location    ? 
_entity_src_gen.host_org_common_name               ? 
_entity_src_gen.pdbx_host_org_scientific_name      'Escherichia coli' 
_entity_src_gen.pdbx_host_org_ncbi_taxonomy_id     562 
_entity_src_gen.host_org_genus                     ? 
_entity_src_gen.pdbx_host_org_gene                 ? 
_entity_src_gen.pdbx_host_org_organ                ? 
_entity_src_gen.host_org_species                   ? 
_entity_src_gen.pdbx_host_org_tissue               ? 
_entity_src_gen.pdbx_host_org_tissue_fraction      ? 
_entity_src_gen.pdbx_host_org_strain               'BL21(DE3)codon plus' 
_entity_src_gen.pdbx_host_org_variant              ? 
_entity_src_gen.pdbx_host_org_cell_line            ? 
_entity_src_gen.pdbx_host_org_atcc                 ? 
_entity_src_gen.pdbx_host_org_culture_collection   ? 
_entity_src_gen.pdbx_host_org_cell                 ? 
_entity_src_gen.pdbx_host_org_organelle            ? 
_entity_src_gen.pdbx_host_org_cellular_location    ? 
_entity_src_gen.pdbx_host_org_vector_type          plasmid 
_entity_src_gen.pdbx_host_org_vector               ? 
_entity_src_gen.host_org_details                   ? 
_entity_src_gen.expression_system_id               ? 
_entity_src_gen.plasmid_name                       pET28a 
_entity_src_gen.plasmid_details                    ? 
_entity_src_gen.pdbx_description                   ? 
# 
loop_
_chem_comp.id 
_chem_comp.type 
_chem_comp.mon_nstd_flag 
_chem_comp.name 
_chem_comp.pdbx_synonyms 
_chem_comp.formula 
_chem_comp.formula_weight 
1A8 non-polymer         . 'N-{3-(2-oxo-2,3-dihydro-1,3-thiazol-4-yl)-5-[(thiophen-2-ylsulfonyl)amino]phenyl}butanamide' ? 
'C17 H17 N3 O4 S3' 423.530 
ALA 'L-peptide linking' y ALANINE                                                                                       ? 
'C3 H7 N O2'       89.093  
ARG 'L-peptide linking' y ARGININE                                                                                      ? 
'C6 H15 N4 O2 1'   175.209 
ASN 'L-peptide linking' y ASPARAGINE                                                                                    ? 
'C4 H8 N2 O3'      132.118 
ASP 'L-peptide linking' y 'ASPARTIC ACID'                                                                               ? 
'C4 H7 N O4'       133.103 
CYS 'L-peptide linking' y CYSTEINE                                                                                      ? 
'C3 H7 N O2 S'     121.158 
GLN 'L-peptide linking' y GLUTAMINE                                                                                     ? 
'C5 H10 N2 O3'     146.144 
GLU 'L-peptide linking' y 'GLUTAMIC ACID'                                                                               ? 
'C5 H9 N O4'       147.129 
GLY 'peptide linking'   y GLYCINE                                                                                       ? 
'C2 H5 N O2'       75.067  
HIS 'L-peptide linking' y HISTIDINE                                                                                     ? 
'C6 H10 N3 O2 1'   156.162 
HOH non-polymer         . WATER                                                                                         ? 'H2 O' 
18.015  
ILE 'L-peptide linking' y ISOLEUCINE                                                                                    ? 
'C6 H13 N O2'      131.173 
LEU 'L-peptide linking' y LEUCINE                                                                                       ? 
'C6 H13 N O2'      131.173 
LYS 'L-peptide linking' y LYSINE                                                                                        ? 
'C6 H15 N2 O2 1'   147.195 
MET 'L-peptide linking' y METHIONINE                                                                                    ? 
'C5 H11 N O2 S'    149.211 
PHE 'L-peptide linking' y PHENYLALANINE                                                                                 ? 
'C9 H11 N O2'      165.189 
PRO 'L-peptide linking' y PROLINE                                                                                       ? 
'C5 H9 N O2'       115.130 
SER 'L-peptide linking' y SERINE                                                                                        ? 
'C3 H7 N O3'       105.093 
THR 'L-peptide linking' y THREONINE                                                                                     ? 
'C4 H9 N O3'       119.119 
TRP 'L-peptide linking' y TRYPTOPHAN                                                                                    ? 
'C11 H12 N2 O2'    204.225 
TYR 'L-peptide linking' y TYROSINE                                                                                      ? 
'C9 H11 N O3'      181.189 
VAL 'L-peptide linking' y VALINE                                                                                        ? 
'C5 H11 N O2'      117.146 
# 
loop_
_pdbx_poly_seq_scheme.asym_id 
_pdbx_poly_seq_scheme.entity_id 
_pdbx_poly_seq_scheme.seq_id 
_pdbx_poly_seq_scheme.mon_id 
_pdbx_poly_seq_scheme.ndb_seq_num 
_pdbx_poly_seq_scheme.pdb_seq_num 
_pdbx_poly_seq_scheme.auth_seq_num 
_pdbx_poly_seq_scheme.pdb_mon_id 
_pdbx_poly_seq_scheme.auth_mon_id 
_pdbx_poly_seq_scheme.pdb_strand_id 
_pdbx_poly_seq_scheme.pdb_ins_code 
_pdbx_poly_seq_scheme.hetero 
A 1 1   MET 1   43  43  MET MET A . n 
A 1 2   ASN 2   44  44  ASN ASN A . n 
A 1 3   PRO 3   45  45  PRO PRO A . n 
A 1 4   PRO 4   46  46  PRO PRO A . n 
A 1 5   PRO 5   47  47  PRO PRO A . n 
A 1 6   PRO 6   48  48  PRO PRO A . n 
A 1 7   GLU 7   49  49  GLU GLU A . n 
A 1 8   THR 8   50  50  THR THR A . n 
A 1 9   SER 9   51  51  SER SER A . n 
A 1 10  ASN 10  52  52  ASN ASN A . n 
A 1 11  PRO 11  53  53  PRO PRO A . n 
A 1 12  ASN 12  54  54  ASN ASN A . n 
A 1 13  LYS 13  55  55  LYS LYS A . n 
A 1 14  PRO 14  56  56  PRO PRO A . n 
A 1 15  LYS 15  57  57  LYS LYS A . n 
A 1 16  ARG 16  58  58  ARG ARG A . n 
A 1 17  GLN 17  59  59  GLN GLN A . n 
A 1 18  THR 18  60  60  THR THR A . n 
A 1 19  ASN 19  61  61  ASN ASN A . n 
A 1 20  GLN 20  62  62  GLN GLN A . n 
A 1 21  LEU 21  63  63  LEU LEU A . n 
A 1 22  GLN 22  64  64  GLN GLN A . n 
A 1 23  TYR 23  65  65  TYR TYR A . n 
A 1 24  LEU 24  66  66  LEU LEU A . n 
A 1 25  LEU 25  67  67  LEU LEU A . n 
A 1 26  ARG 26  68  68  ARG ARG A . n 
A 1 27  VAL 27  69  69  VAL VAL A . n 
A 1 28  VAL 28  70  70  VAL VAL A . n 
A 1 29  LEU 29  71  71  LEU LEU A . n 
A 1 30  LYS 30  72  72  LYS LYS A . n 
A 1 31  THR 31  73  73  THR THR A . n 
A 1 32  LEU 32  74  74  LEU LEU A . n 
A 1 33  TRP 33  75  75  TRP TRP A . n 
A 1 34  LYS 34  76  76  LYS LYS A . n 
A 1 35  HIS 35  77  77  HIS HIS A . n 
A 1 36  GLN 36  78  78  GLN GLN A . n 
A 1 37  PHE 37  79  79  PHE PHE A . n 
A 1 38  ALA 38  80  80  ALA ALA A . n 
A 1 39  TRP 39  81  81  TRP TRP A . n 
A 1 40  PRO 40  82  82  PRO PRO A . n 
A 1 41  PHE 41  83  83  PHE PHE A . n 
A 1 42  GLN 42  84  84  GLN GLN A . n 
A 1 43  GLN 43  85  85  GLN GLN A . n 
A 1 44  PRO 44  86  86  PRO PRO A . n 
A 1 45  VAL 45  87  87  VAL VAL A . n 
A 1 46  ASP 46  88  88  ASP ASP A . n 
A 1 47  ALA 47  89  89  ALA ALA A . n 
A 1 48  VAL 48  90  90  VAL VAL A . n 
A 1 49  LYS 49  91  91  LYS LYS A . n 
A 1 50  LEU 50  92  92  LEU LEU A . n 
A 1 51  ASN 51  93  93  ASN ASN A . n 
A 1 52  LEU 52  94  94  LEU LEU A . n 
A 1 53  PRO 53  95  95  PRO PRO A . n 
A 1 54  ASP 54  96  96  ASP ASP A . n 
A 1 55  TYR 55  97  97  TYR TYR A . n 
A 1 56  TYR 56  98  98  TYR TYR A . n 
A 1 57  LYS 57  99  99  LYS LYS A . n 
A 1 58  ILE 58  100 100 ILE ILE A . n 
A 1 59  ILE 59  101 101 ILE ILE A . n 
A 1 60  LYS 60  102 102 LYS LYS A . n 
A 1 61  THR 61  103 103 THR THR A . n 
A 1 62  PRO 62  104 104 PRO PRO A . n 
A 1 63  MET 63  105 105 MET MET A . n 
A 1 64  ASP 64  106 106 ASP ASP A . n 
A 1 65  MET 65  107 107 MET MET A . n 
A 1 66  GLY 66  108 108 GLY GLY A . n 
A 1 67  THR 67  109 109 THR THR A . n 
A 1 68  ILE 68  110 110 ILE ILE A . n 
A 1 69  LYS 69  111 111 LYS LYS A . n 
A 1 70  LYS 70  112 112 LYS LYS A . n 
A 1 71  ARG 71  113 113 ARG ARG A . n 
A 1 72  LEU 72  114 114 LEU LEU A . n 
A 1 73  GLU 73  115 115 GLU GLU A . n 
A 1 74  ASN 74  116 116 ASN ASN A . n 
A 1 75  ASN 75  117 117 ASN ASN A . n 
A 1 76  TYR 76  118 118 TYR TYR A . n 
A 1 77  TYR 77  119 119 TYR TYR A . n 
A 1 78  TRP 78  120 120 TRP TRP A . n 
A 1 79  ASN 79  121 121 ASN ASN A . n 
A 1 80  ALA 80  122 122 ALA ALA A . n 
A 1 81  GLN 81  123 123 GLN GLN A . n 
A 1 82  GLU 82  124 124 GLU GLU A . n 
A 1 83  CYS 83  125 125 CYS CYS A . n 
A 1 84  ILE 84  126 126 ILE ILE A . n 
A 1 85  GLN 85  127 127 GLN GLN A . n 
A 1 86  ASP 86  128 128 ASP ASP A . n 
A 1 87  PHE 87  129 129 PHE PHE A . n 
A 1 88  ASN 88  130 130 ASN ASN A . n 
A 1 89  THR 89  131 131 THR THR A . n 
A 1 90  MET 90  132 132 MET MET A . n 
A 1 91  PHE 91  133 133 PHE PHE A . n 
A 1 92  THR 92  134 134 THR THR A . n 
A 1 93  ASN 93  135 135 ASN ASN A . n 
A 1 94  CYS 94  136 136 CYS CYS A . n 
A 1 95  TYR 95  137 137 TYR TYR A . n 
A 1 96  ILE 96  138 138 ILE ILE A . n 
A 1 97  TYR 97  139 139 TYR TYR A . n 
A 1 98  ASN 98  140 140 ASN ASN A . n 
A 1 99  LYS 99  141 141 LYS LYS A . n 
A 1 100 PRO 100 142 142 PRO PRO A . n 
A 1 101 GLY 101 143 143 GLY GLY A . n 
A 1 102 ASP 102 144 144 ASP ASP A . n 
A 1 103 ASP 103 145 145 ASP ASP A . n 
A 1 104 ILE 104 146 146 ILE ILE A . n 
A 1 105 VAL 105 147 147 VAL VAL A . n 
A 1 106 LEU 106 148 148 LEU LEU A . n 
A 1 107 MET 107 149 149 MET MET A . n 
A 1 108 ALA 108 150 150 ALA ALA A . n 
A 1 109 GLU 109 151 151 GLU GLU A . n 
A 1 110 ALA 110 152 152 ALA ALA A . n 
A 1 111 LEU 111 153 153 LEU LEU A . n 
A 1 112 GLU 112 154 154 GLU GLU A . n 
A 1 113 LYS 113 155 155 LYS LYS A . n 
A 1 114 LEU 114 156 156 LEU LEU A . n 
A 1 115 PHE 115 157 157 PHE PHE A . n 
A 1 116 LEU 116 158 158 LEU LEU A . n 
A 1 117 GLN 117 159 159 GLN GLN A . n 
A 1 118 LYS 118 160 160 LYS LYS A . n 
A 1 119 ILE 119 161 161 ILE ILE A . n 
A 1 120 ASN 120 162 162 ASN ASN A . n 
A 1 121 GLU 121 163 163 GLU GLU A . n 
A 1 122 LEU 122 164 164 LEU LEU A . n 
A 1 123 PRO 123 165 165 PRO PRO A . n 
A 1 124 THR 124 166 166 THR THR A . n 
# 
loop_
_pdbx_nonpoly_scheme.asym_id 
_pdbx_nonpoly_scheme.entity_id 
_pdbx_nonpoly_scheme.mon_id 
_pdbx_nonpoly_scheme.ndb_seq_num 
_pdbx_nonpoly_scheme.pdb_seq_num 
_pdbx_nonpoly_scheme.auth_seq_num 
_pdbx_nonpoly_scheme.pdb_mon_id 
_pdbx_nonpoly_scheme.auth_mon_id 
_pdbx_nonpoly_scheme.pdb_strand_id 
_pdbx_nonpoly_scheme.pdb_ins_code 
B 2 1A8 1   201 1   1A8 DRG A . 
C 3 HOH 1   301 1   HOH HOH A . 
C 3 HOH 2   302 2   HOH HOH A . 
C 3 HOH 3   303 3   HOH HOH A . 
C 3 HOH 4   304 4   HOH HOH A . 
C 3 HOH 5   305 5   HOH HOH A . 
C 3 HOH 6   306 6   HOH HOH A . 
C 3 HOH 7   307 7   HOH HOH A . 
C 3 HOH 8   308 8   HOH HOH A . 
C 3 HOH 9   309 9   HOH HOH A . 
C 3 HOH 10  310 10  HOH HOH A . 
C 3 HOH 11  311 11  HOH HOH A . 
C 3 HOH 12  312 12  HOH HOH A . 
C 3 HOH 13  313 13  HOH HOH A . 
C 3 HOH 14  314 14  HOH HOH A . 
C 3 HOH 15  315 15  HOH HOH A . 
C 3 HOH 16  316 16  HOH HOH A . 
C 3 HOH 17  317 17  HOH HOH A . 
C 3 HOH 18  318 18  HOH HOH A . 
C 3 HOH 19  319 19  HOH HOH A . 
C 3 HOH 20  320 20  HOH HOH A . 
C 3 HOH 21  321 21  HOH HOH A . 
C 3 HOH 22  322 22  HOH HOH A . 
C 3 HOH 23  323 23  HOH HOH A . 
C 3 HOH 24  324 24  HOH HOH A . 
C 3 HOH 25  325 25  HOH HOH A . 
C 3 HOH 26  326 26  HOH HOH A . 
C 3 HOH 27  327 27  HOH HOH A . 
C 3 HOH 28  328 28  HOH HOH A . 
C 3 HOH 29  329 29  HOH HOH A . 
C 3 HOH 30  330 30  HOH HOH A . 
C 3 HOH 31  331 31  HOH HOH A . 
C 3 HOH 32  332 32  HOH HOH A . 
C 3 HOH 33  333 33  HOH HOH A . 
C 3 HOH 34  334 34  HOH HOH A . 
C 3 HOH 35  335 35  HOH HOH A . 
C 3 HOH 36  336 36  HOH HOH A . 
C 3 HOH 37  337 37  HOH HOH A . 
C 3 HOH 38  338 38  HOH HOH A . 
C 3 HOH 39  339 39  HOH HOH A . 
C 3 HOH 40  340 40  HOH HOH A . 
C 3 HOH 41  341 41  HOH HOH A . 
C 3 HOH 42  342 42  HOH HOH A . 
C 3 HOH 43  343 43  HOH HOH A . 
C 3 HOH 44  344 44  HOH HOH A . 
C 3 HOH 45  345 45  HOH HOH A . 
C 3 HOH 46  346 46  HOH HOH A . 
C 3 HOH 47  347 47  HOH HOH A . 
C 3 HOH 48  348 48  HOH HOH A . 
C 3 HOH 49  349 49  HOH HOH A . 
C 3 HOH 50  350 50  HOH HOH A . 
C 3 HOH 51  351 51  HOH HOH A . 
C 3 HOH 52  352 52  HOH HOH A . 
C 3 HOH 53  353 53  HOH HOH A . 
C 3 HOH 54  354 54  HOH HOH A . 
C 3 HOH 55  355 55  HOH HOH A . 
C 3 HOH 56  356 56  HOH HOH A . 
C 3 HOH 57  357 57  HOH HOH A . 
C 3 HOH 58  358 58  HOH HOH A . 
C 3 HOH 59  359 59  HOH HOH A . 
C 3 HOH 60  360 60  HOH HOH A . 
C 3 HOH 61  361 61  HOH HOH A . 
C 3 HOH 62  362 62  HOH HOH A . 
C 3 HOH 63  363 63  HOH HOH A . 
C 3 HOH 64  364 64  HOH HOH A . 
C 3 HOH 65  365 65  HOH HOH A . 
C 3 HOH 66  366 66  HOH HOH A . 
C 3 HOH 67  367 67  HOH HOH A . 
C 3 HOH 68  368 68  HOH HOH A . 
C 3 HOH 69  369 69  HOH HOH A . 
C 3 HOH 70  370 70  HOH HOH A . 
C 3 HOH 71  371 71  HOH HOH A . 
C 3 HOH 72  372 72  HOH HOH A . 
C 3 HOH 73  373 73  HOH HOH A . 
C 3 HOH 74  374 74  HOH HOH A . 
C 3 HOH 75  375 75  HOH HOH A . 
C 3 HOH 76  376 76  HOH HOH A . 
C 3 HOH 77  377 77  HOH HOH A . 
C 3 HOH 78  378 78  HOH HOH A . 
C 3 HOH 79  379 79  HOH HOH A . 
C 3 HOH 80  380 80  HOH HOH A . 
C 3 HOH 81  381 81  HOH HOH A . 
C 3 HOH 82  382 82  HOH HOH A . 
C 3 HOH 83  383 83  HOH HOH A . 
C 3 HOH 84  384 84  HOH HOH A . 
C 3 HOH 85  385 85  HOH HOH A . 
C 3 HOH 86  386 86  HOH HOH A . 
C 3 HOH 87  387 87  HOH HOH A . 
C 3 HOH 88  388 88  HOH HOH A . 
C 3 HOH 89  389 89  HOH HOH A . 
C 3 HOH 90  390 90  HOH HOH A . 
C 3 HOH 91  391 91  HOH HOH A . 
C 3 HOH 92  392 92  HOH HOH A . 
C 3 HOH 93  393 93  HOH HOH A . 
C 3 HOH 94  394 94  HOH HOH A . 
C 3 HOH 95  395 95  HOH HOH A . 
C 3 HOH 96  396 96  HOH HOH A . 
C 3 HOH 97  397 97  HOH HOH A . 
C 3 HOH 98  398 98  HOH HOH A . 
C 3 HOH 99  399 99  HOH HOH A . 
C 3 HOH 100 400 100 HOH HOH A . 
C 3 HOH 101 401 101 HOH HOH A . 
C 3 HOH 102 402 102 HOH HOH A . 
C 3 HOH 103 403 103 HOH HOH A . 
C 3 HOH 104 404 104 HOH HOH A . 
C 3 HOH 105 405 105 HOH HOH A . 
C 3 HOH 106 406 106 HOH HOH A . 
C 3 HOH 107 407 107 HOH HOH A . 
C 3 HOH 108 408 108 HOH HOH A . 
C 3 HOH 109 409 109 HOH HOH A . 
C 3 HOH 110 410 110 HOH HOH A . 
C 3 HOH 111 411 111 HOH HOH A . 
C 3 HOH 112 412 112 HOH HOH A . 
C 3 HOH 113 413 113 HOH HOH A . 
C 3 HOH 114 414 114 HOH HOH A . 
C 3 HOH 115 415 115 HOH HOH A . 
C 3 HOH 116 416 116 HOH HOH A . 
C 3 HOH 117 417 117 HOH HOH A . 
C 3 HOH 118 418 118 HOH HOH A . 
C 3 HOH 119 419 119 HOH HOH A . 
C 3 HOH 120 420 120 HOH HOH A . 
C 3 HOH 121 421 121 HOH HOH A . 
C 3 HOH 122 422 122 HOH HOH A . 
C 3 HOH 123 423 124 HOH HOH A . 
C 3 HOH 124 424 125 HOH HOH A . 
C 3 HOH 125 425 126 HOH HOH A . 
C 3 HOH 126 426 127 HOH HOH A . 
C 3 HOH 127 427 128 HOH HOH A . 
C 3 HOH 128 428 129 HOH HOH A . 
C 3 HOH 129 429 130 HOH HOH A . 
C 3 HOH 130 430 131 HOH HOH A . 
C 3 HOH 131 431 132 HOH HOH A . 
C 3 HOH 132 432 133 HOH HOH A . 
C 3 HOH 133 433 134 HOH HOH A . 
C 3 HOH 134 434 135 HOH HOH A . 
C 3 HOH 135 435 136 HOH HOH A . 
C 3 HOH 136 436 137 HOH HOH A . 
# 
loop_
_software.pdbx_ordinal 
_software.name 
_software.version 
_software.date 
_software.type 
_software.contact_author 
_software.contact_author_email 
_software.classification 
_software.location 
_software.language 
_software.citation_id 
1 SCALA       3.3.20   2011/05/18                        other   'Phil R. Evans' pre@mrc-lmb.cam.ac.uk       'data scaling'    
http://www.ccp4.ac.uk/dist/html/scala.html  Fortran_77 ? 
2 PHASER      2.3.0    'Sun Jun 26 20:05:17 2011 (svn )' program 'Randy J. Read' cimr-phaser@lists.cam.ac.uk phasing           
http://www-structmed.cimr.cam.ac.uk/phaser/ ?          ? 
3 PHENIX      1.8_1069 ?                                 package 'Paul D. Adams' PDAdams@lbl.gov             refinement        
http://www.phenix-online.org/               C++        ? 
4 PDB_EXTRACT 3.11     'April 22, 2011'                  package PDB             deposit@deposit.rcsb.org    'data extraction' 
http://sw-tools.pdb.org/apps/PDB_EXTRACT/   C++        ? 
5 Blu-Ice     .        ?                                 ?       ?               ?                           'data collection' ? ? 
? 
6 XDS         .        ?                                 ?       ?               ?                           'data reduction'  ? ? 
? 
# 
_cell.entry_id           4HXM 
_cell.length_a           32.070 
_cell.length_b           47.130 
_cell.length_c           79.230 
_cell.angle_alpha        90.00 
_cell.angle_beta         90.00 
_cell.angle_gamma        90.00 
_cell.Z_PDB              4 
_cell.pdbx_unique_axis   ? 
_cell.length_a_esd       ? 
_cell.length_b_esd       ? 
_cell.length_c_esd       ? 
_cell.angle_alpha_esd    ? 
_cell.angle_beta_esd     ? 
_cell.angle_gamma_esd    ? 
# 
_symmetry.entry_id                         4HXM 
_symmetry.space_group_name_H-M             'P 21 21 21' 
_symmetry.pdbx_full_space_group_name_H-M   ? 
_symmetry.cell_setting                     ? 
_symmetry.Int_Tables_number                19 
_symmetry.space_group_name_Hall            ? 
# 
_exptl.entry_id          4HXM 
_exptl.method            'X-RAY DIFFRACTION' 
_exptl.crystals_number   1 
# 
_exptl_crystal.id                    1 
_exptl_crystal.density_meas          ? 
_exptl_crystal.density_Matthews      2.03 
_exptl_crystal.density_percent_sol   39.33 
_exptl_crystal.description           ? 
_exptl_crystal.F_000                 ? 
_exptl_crystal.preparation           ? 
# 
_exptl_crystal_grow.crystal_id      1 
_exptl_crystal_grow.method          'VAPOR DIFFUSION, HANGING DROP' 
_exptl_crystal_grow.temp            293 
_exptl_crystal_grow.temp_details    ? 
_exptl_crystal_grow.pH              ? 
_exptl_crystal_grow.pdbx_pH_range   ? 
_exptl_crystal_grow.pdbx_details    '3.6M Na formate, 10% glycerol, vapor diffusion, hanging drop, temperature 293K' 
# 
_diffrn.id                     1 
_diffrn.ambient_temp           100 
_diffrn.ambient_temp_details   ? 
_diffrn.crystal_id             1 
# 
_diffrn_detector.diffrn_id              1 
_diffrn_detector.detector               CCD 
_diffrn_detector.type                   'ADSC QUANTUM 315r' 
_diffrn_detector.pdbx_collection_date   2012-10-18 
_diffrn_detector.details                ? 
# 
_diffrn_radiation.diffrn_id                        1 
_diffrn_radiation.wavelength_id                    1 
_diffrn_radiation.pdbx_monochromatic_or_laue_m_l   M 
_diffrn_radiation.monochromator                    ? 
_diffrn_radiation.pdbx_diffrn_protocol             'SINGLE WAVELENGTH' 
_diffrn_radiation.pdbx_scattering_type             x-ray 
# 
_diffrn_radiation_wavelength.id           1 
_diffrn_radiation_wavelength.wavelength   0.979 
_diffrn_radiation_wavelength.wt           1.0 
# 
_diffrn_source.diffrn_id                   1 
_diffrn_source.source                      SYNCHROTRON 
_diffrn_source.type                        'SSRF BEAMLINE BL17U' 
_diffrn_source.pdbx_synchrotron_site       SSRF 
_diffrn_source.pdbx_synchrotron_beamline   BL17U 
_diffrn_source.pdbx_wavelength             ? 
_diffrn_source.pdbx_wavelength_list        0.979 
# 
_reflns.pdbx_diffrn_id               1 
_reflns.pdbx_ordinal                 1 
_reflns.entry_id                     4HXM 
_reflns.observed_criterion_sigma_I   ? 
_reflns.observed_criterion_sigma_F   ? 
_reflns.d_resolution_low             20.387 
_reflns.d_resolution_high            1.420 
_reflns.number_obs                   ? 
_reflns.number_all                   ? 
_reflns.percent_possible_obs         97.100 
_reflns.pdbx_Rmerge_I_obs            ? 
_reflns.pdbx_Rsym_value              0.129 
_reflns.pdbx_netI_over_sigmaI        9.900 
_reflns.B_iso_Wilson_estimate        ? 
_reflns.pdbx_redundancy              6.000 
_reflns.R_free_details               ? 
_reflns.limit_h_max                  ? 
_reflns.limit_h_min                  ? 
_reflns.limit_k_max                  ? 
_reflns.limit_k_min                  ? 
_reflns.limit_l_max                  ? 
_reflns.limit_l_min                  ? 
_reflns.observed_criterion_F_max     ? 
_reflns.observed_criterion_F_min     ? 
_reflns.pdbx_chi_squared             ? 
_reflns.pdbx_scaling_rejects         ? 
# 
loop_
_reflns_shell.pdbx_diffrn_id 
_reflns_shell.pdbx_ordinal 
_reflns_shell.d_res_high 
_reflns_shell.d_res_low 
_reflns_shell.percent_possible_all 
_reflns_shell.Rmerge_I_obs 
_reflns_shell.pdbx_Rsym_value 
_reflns_shell.meanI_over_sigI_obs 
_reflns_shell.pdbx_redundancy 
_reflns_shell.percent_possible_obs 
_reflns_shell.number_unique_all 
_reflns_shell.number_measured_all 
_reflns_shell.number_measured_obs 
_reflns_shell.number_unique_obs 
_reflns_shell.pdbx_chi_squared 
1 1  1.420 1.500  82.600  0.229 0.229 3.000 3.300 ? ? ? ? ? ? 
1 2  1.500 1.590  99.600  0.218 0.218 3.100 4.900 ? ? ? ? ? ? 
1 3  1.590 1.700  100.000 0.192 0.192 3.500 6.000 ? ? ? ? ? ? 
1 4  1.700 1.830  100.000 0.169 0.169 3.700 6.400 ? ? ? ? ? ? 
1 5  1.830 2.010  99.900  0.162 0.162 3.700 7.000 ? ? ? ? ? ? 
1 6  2.010 2.250  99.900  0.130 0.130 4.400 7.100 ? ? ? ? ? ? 
1 7  2.250 2.590  100.000 0.133 0.133 4.100 6.800 ? ? ? ? ? ? 
1 8  2.590 3.180  99.900  0.113 0.113 4.900 6.900 ? ? ? ? ? ? 
1 9  3.180 4.490  99.400  0.108 0.108 5.300 6.400 ? ? ? ? ? ? 
1 10 4.490 20.380 93.600  0.100 0.100 5.700 5.800 ? ? ? ? ? ? 
# 
_refine.pdbx_refine_id                           'X-RAY DIFFRACTION' 
_refine.entry_id                                 4HXM 
_refine.pdbx_diffrn_id                           1 
_refine.pdbx_TLS_residual_ADP_flag               ? 
_refine.ls_number_reflns_obs                     36749 
_refine.ls_number_reflns_all                     ? 
_refine.pdbx_ls_sigma_I                          ? 
_refine.pdbx_ls_sigma_F                          1.15 
_refine.pdbx_data_cutoff_high_absF               ? 
_refine.pdbx_data_cutoff_low_absF                ? 
_refine.pdbx_data_cutoff_high_rms_absF           ? 
_refine.ls_d_res_low                             20.387 
_refine.ls_d_res_high                            1.500 
_refine.ls_percent_reflns_obs                    99.00 
_refine.ls_R_factor_obs                          0.1788 
_refine.ls_R_factor_all                          ? 
_refine.ls_R_factor_R_work                       0.1777 
_refine.ls_R_factor_R_free                       0.2150 
_refine.ls_R_factor_R_free_error                 ? 
_refine.ls_R_factor_R_free_error_details         ? 
_refine.ls_percent_reflns_R_free                 3.02 
_refine.ls_number_reflns_R_free                  1110 
_refine.ls_number_parameters                     ? 
_refine.ls_number_restraints                     ? 
_refine.occupancy_min                            0.500 
_refine.occupancy_max                            1.000 
_refine.correlation_coeff_Fo_to_Fc               ? 
_refine.correlation_coeff_Fo_to_Fc_free          ? 
_refine.B_iso_mean                               9.3011 
_refine.aniso_B[1][1]                            ? 
_refine.aniso_B[2][2]                            ? 
_refine.aniso_B[3][3]                            ? 
_refine.aniso_B[1][2]                            ? 
_refine.aniso_B[1][3]                            ? 
_refine.aniso_B[2][3]                            ? 
_refine.solvent_model_details                    'FLAT BULK SOLVENT MODEL' 
_refine.solvent_model_param_ksol                 ? 
_refine.solvent_model_param_bsol                 ? 
_refine.pdbx_solvent_vdw_probe_radii             1.11 
_refine.pdbx_solvent_ion_probe_radii             ? 
_refine.pdbx_solvent_shrinkage_radii             0.90 
_refine.pdbx_ls_cross_valid_method               ? 
_refine.details                                  ? 
_refine.pdbx_starting_model                      ? 
_refine.pdbx_method_to_determine_struct          'MOLECULAR REPLACEMENT' 
_refine.pdbx_isotropic_thermal_model             ? 
_refine.pdbx_stereochemistry_target_values       ML 
_refine.pdbx_stereochem_target_val_spec_case     ? 
_refine.pdbx_R_Free_selection_details            ? 
_refine.pdbx_overall_ESU_R                       ? 
_refine.pdbx_overall_ESU_R_Free                  ? 
_refine.overall_SU_ML                            0.15 
_refine.pdbx_overall_phase_error                 21.85 
_refine.overall_SU_B                             ? 
_refine.overall_SU_R_Cruickshank_DPI             ? 
_refine.pdbx_overall_SU_R_free_Cruickshank_DPI   ? 
_refine.pdbx_overall_SU_R_Blow_DPI               ? 
_refine.pdbx_overall_SU_R_free_Blow_DPI          ? 
_refine.ls_redundancy_reflns_obs                 ? 
_refine.B_iso_min                                ? 
_refine.B_iso_max                                ? 
_refine.overall_SU_R_free                        ? 
_refine.ls_wR_factor_R_free                      ? 
_refine.ls_wR_factor_R_work                      ? 
_refine.overall_FOM_free_R_set                   ? 
_refine.overall_FOM_work_R_set                   ? 
# 
_refine_hist.pdbx_refine_id                   'X-RAY DIFFRACTION' 
_refine_hist.cycle_id                         LAST 
_refine_hist.pdbx_number_atoms_protein        1037 
_refine_hist.pdbx_number_atoms_nucleic_acid   0 
_refine_hist.pdbx_number_atoms_ligand         27 
_refine_hist.number_atoms_solvent             136 
_refine_hist.number_atoms_total               1200 
_refine_hist.d_res_high                       1.500 
_refine_hist.d_res_low                        20.387 
# 
loop_
_refine_ls_restr.type 
_refine_ls_restr.dev_ideal 
_refine_ls_restr.dev_ideal_target 
_refine_ls_restr.weight 
_refine_ls_restr.number 
_refine_ls_restr.pdbx_refine_id 
_refine_ls_restr.pdbx_restraint_function 
f_bond_d           0.007  ? ? 1101 'X-RAY DIFFRACTION' ? 
f_angle_d          1.187  ? ? 1502 'X-RAY DIFFRACTION' ? 
f_dihedral_angle_d 16.538 ? ? 432  'X-RAY DIFFRACTION' ? 
f_chiral_restr     0.077  ? ? 157  'X-RAY DIFFRACTION' ? 
f_plane_restr      0.005  ? ? 192  'X-RAY DIFFRACTION' ? 
# 
loop_
_refine_ls_shell.pdbx_refine_id 
_refine_ls_shell.pdbx_total_number_of_bins_used 
_refine_ls_shell.d_res_high 
_refine_ls_shell.d_res_low 
_refine_ls_shell.number_reflns_R_work 
_refine_ls_shell.R_factor_R_work 
_refine_ls_shell.percent_reflns_obs 
_refine_ls_shell.R_factor_R_free 
_refine_ls_shell.R_factor_R_free_error 
_refine_ls_shell.percent_reflns_R_free 
_refine_ls_shell.number_reflns_R_free 
_refine_ls_shell.number_reflns_all 
_refine_ls_shell.R_factor_all 
_refine_ls_shell.redundancy_reflns_obs 
_refine_ls_shell.number_reflns_obs 
'X-RAY DIFFRACTION' . 1.500  1.5683  4348 0.2716 97.00  0.3002 . . 137 . . . . 
'X-RAY DIFFRACTION' . 1.5683 1.6510  4506 0.1801 100.00 0.1691 . . 140 . . . . 
'X-RAY DIFFRACTION' . 1.6510 1.7544  4496 0.1593 100.00 0.2205 . . 140 . . . . 
'X-RAY DIFFRACTION' . 1.7544 1.8897  4479 0.1566 100.00 0.1963 . . 140 . . . . 
'X-RAY DIFFRACTION' . 1.8897 2.0797  4503 0.1562 100.00 0.1661 . . 139 . . . . 
'X-RAY DIFFRACTION' . 2.0797 2.3803  4478 0.1731 100.00 0.2349 . . 135 . . . . 
'X-RAY DIFFRACTION' . 2.3803 2.9974  4459 0.1902 99.00  0.2260 . . 143 . . . . 
'X-RAY DIFFRACTION' . 2.9974 20.3887 4370 0.1731 97.00  0.2143 . . 136 . . . . 
# 
_struct.entry_id                  4HXM 
_struct.title                     
;Brd4 Bromodomain 1 complex with N-{3-(2-OXO-2,3-DIHYDRO-1,3-THIAZOL-4-YL)-5-[(THIOPHEN-2-YLSULFONYL)AMINO]PHENYL}BUTANAMIDE inhibitor
;
_struct.pdbx_model_details        ? 
_struct.pdbx_CASP_flag            ? 
_struct.pdbx_model_type_details   ? 
# 
_struct_keywords.entry_id        4HXM 
_struct_keywords.text            'BRD4, Bromodomain, four alpha helices, PROTEIN BINDING-INHIBITOR complex' 
_struct_keywords.pdbx_keywords   'PROTEIN BINDING/INHIBITOR' 
# 
loop_
_struct_asym.id 
_struct_asym.pdbx_blank_PDB_chainid_flag 
_struct_asym.pdbx_modified 
_struct_asym.entity_id 
_struct_asym.details 
A N N 1 ? 
B N N 2 ? 
C N N 3 ? 
# 
_struct_ref.id                         1 
_struct_ref.db_name                    UNP 
_struct_ref.db_code                    BRD4_HUMAN 
_struct_ref.pdbx_db_accession          O60885 
_struct_ref.entity_id                  1 
_struct_ref.pdbx_seq_one_letter_code   
;NPPPPETSNPNKPKRQTNQLQYLLRVVLKTLWKHQFAWPFQQPVDAVKLNLPDYYKIIKTPMDMGTIKKRLENNYYWNAQ
ECIQDFNTMFTNCYIYNKPGDDIVLMAEALEKLFLQKINELPT
;
_struct_ref.pdbx_align_begin           44 
_struct_ref.pdbx_db_isoform            ? 
# 
_struct_ref_seq.align_id                      1 
_struct_ref_seq.ref_id                        1 
_struct_ref_seq.pdbx_PDB_id_code              4HXM 
_struct_ref_seq.pdbx_strand_id                A 
_struct_ref_seq.seq_align_beg                 2 
_struct_ref_seq.pdbx_seq_align_beg_ins_code   ? 
_struct_ref_seq.seq_align_end                 124 
_struct_ref_seq.pdbx_seq_align_end_ins_code   ? 
_struct_ref_seq.pdbx_db_accession             O60885 
_struct_ref_seq.db_align_beg                  44 
_struct_ref_seq.pdbx_db_align_beg_ins_code    ? 
_struct_ref_seq.db_align_end                  166 
_struct_ref_seq.pdbx_db_align_end_ins_code    ? 
_struct_ref_seq.pdbx_auth_seq_align_beg       44 
_struct_ref_seq.pdbx_auth_seq_align_end       166 
# 
_struct_ref_seq_dif.align_id                     1 
_struct_ref_seq_dif.pdbx_pdb_id_code             4HXM 
_struct_ref_seq_dif.mon_id                       MET 
_struct_ref_seq_dif.pdbx_pdb_strand_id           A 
_struct_ref_seq_dif.seq_num                      1 
_struct_ref_seq_dif.pdbx_pdb_ins_code            ? 
_struct_ref_seq_dif.pdbx_seq_db_name             UNP 
_struct_ref_seq_dif.pdbx_seq_db_accession_code   O60885 
_struct_ref_seq_dif.db_mon_id                    ? 
_struct_ref_seq_dif.pdbx_seq_db_seq_num          ? 
_struct_ref_seq_dif.details                      'expression tag' 
_struct_ref_seq_dif.pdbx_auth_seq_num            43 
_struct_ref_seq_dif.pdbx_ordinal                 1 
# 
_pdbx_struct_assembly.id                   1 
_pdbx_struct_assembly.details              author_and_software_defined_assembly 
_pdbx_struct_assembly.method_details       PISA 
_pdbx_struct_assembly.oligomeric_details   monomeric 
_pdbx_struct_assembly.oligomeric_count     1 
# 
_pdbx_struct_assembly_gen.assembly_id       1 
_pdbx_struct_assembly_gen.oper_expression   1 
_pdbx_struct_assembly_gen.asym_id_list      A,B,C 
# 
_pdbx_struct_oper_list.id                   1 
_pdbx_struct_oper_list.type                 'identity operation' 
_pdbx_struct_oper_list.name                 1_555 
_pdbx_struct_oper_list.symmetry_operation   x,y,z 
_pdbx_struct_oper_list.matrix[1][1]         1.0000000000 
_pdbx_struct_oper_list.matrix[1][2]         0.0000000000 
_pdbx_struct_oper_list.matrix[1][3]         0.0000000000 
_pdbx_struct_oper_list.vector[1]            0.0000000000 
_pdbx_struct_oper_list.matrix[2][1]         0.0000000000 
_pdbx_struct_oper_list.matrix[2][2]         1.0000000000 
_pdbx_struct_oper_list.matrix[2][3]         0.0000000000 
_pdbx_struct_oper_list.vector[2]            0.0000000000 
_pdbx_struct_oper_list.matrix[3][1]         0.0000000000 
_pdbx_struct_oper_list.matrix[3][2]         0.0000000000 
_pdbx_struct_oper_list.matrix[3][3]         1.0000000000 
_pdbx_struct_oper_list.vector[3]            0.0000000000 
# 
_struct_biol.id        1 
_struct_biol.details   ? 
# 
loop_
_struct_conf.conf_type_id 
_struct_conf.id 
_struct_conf.pdbx_PDB_helix_id 
_struct_conf.beg_label_comp_id 
_struct_conf.beg_label_asym_id 
_struct_conf.beg_label_seq_id 
_struct_conf.pdbx_beg_PDB_ins_code 
_struct_conf.end_label_comp_id 
_struct_conf.end_label_asym_id 
_struct_conf.end_label_seq_id 
_struct_conf.pdbx_end_PDB_ins_code 
_struct_conf.beg_auth_comp_id 
_struct_conf.beg_auth_asym_id 
_struct_conf.beg_auth_seq_id 
_struct_conf.end_auth_comp_id 
_struct_conf.end_auth_asym_id 
_struct_conf.end_auth_seq_id 
_struct_conf.pdbx_PDB_helix_class 
_struct_conf.details 
_struct_conf.pdbx_PDB_helix_length 
HELX_P HELX_P1 1 THR A 18  ? VAL A 27  ? THR A 60  VAL A 69  1 ? 10 
HELX_P HELX_P2 2 VAL A 27  ? TRP A 33  ? VAL A 69  TRP A 75  1 ? 7  
HELX_P HELX_P3 3 ALA A 38  ? GLN A 42  ? ALA A 80  GLN A 84  5 ? 5  
HELX_P HELX_P4 4 ASP A 54  ? ILE A 59  ? ASP A 96  ILE A 101 1 ? 6  
HELX_P HELX_P5 5 ASP A 64  ? ASN A 74  ? ASP A 106 ASN A 116 1 ? 11 
HELX_P HELX_P6 6 ASN A 79  ? ASN A 98  ? ASN A 121 ASN A 140 1 ? 20 
HELX_P HELX_P7 7 ASP A 102 ? ASN A 120 ? ASP A 144 ASN A 162 1 ? 19 
# 
_struct_conf_type.id          HELX_P 
_struct_conf_type.criteria    ? 
_struct_conf_type.reference   ? 
# 
_struct_site.id                   AC1 
_struct_site.pdbx_evidence_code   Software 
_struct_site.pdbx_auth_asym_id    A 
_struct_site.pdbx_auth_comp_id    1A8 
_struct_site.pdbx_auth_seq_id     201 
_struct_site.pdbx_auth_ins_code   ? 
_struct_site.pdbx_num_residues    15 
_struct_site.details              'BINDING SITE FOR RESIDUE 1A8 A 201' 
# 
loop_
_struct_site_gen.id 
_struct_site_gen.site_id 
_struct_site_gen.pdbx_num_res 
_struct_site_gen.label_comp_id 
_struct_site_gen.label_asym_id 
_struct_site_gen.label_seq_id 
_struct_site_gen.pdbx_auth_ins_code 
_struct_site_gen.auth_comp_id 
_struct_site_gen.auth_asym_id 
_struct_site_gen.auth_seq_id 
_struct_site_gen.label_atom_id 
_struct_site_gen.label_alt_id 
_struct_site_gen.symmetry 
_struct_site_gen.details 
1  AC1 15 TRP A 39  ? TRP A 81  . ? 1_555 ? 
2  AC1 15 PRO A 40  ? PRO A 82  . ? 1_555 ? 
3  AC1 15 GLN A 43  ? GLN A 85  . ? 1_555 ? 
4  AC1 15 LEU A 50  ? LEU A 92  . ? 1_555 ? 
5  AC1 15 ASP A 54  ? ASP A 96  . ? 4_445 ? 
6  AC1 15 LYS A 57  ? LYS A 99  . ? 4_445 ? 
7  AC1 15 ILE A 58  ? ILE A 100 . ? 4_445 ? 
8  AC1 15 ASN A 98  ? ASN A 140 . ? 1_555 ? 
9  AC1 15 ILE A 104 ? ILE A 146 . ? 1_555 ? 
10 AC1 15 MET A 107 ? MET A 149 . ? 1_555 ? 
11 AC1 15 HOH C .   ? HOH A 304 . ? 1_555 ? 
12 AC1 15 HOH C .   ? HOH A 310 . ? 1_555 ? 
13 AC1 15 HOH C .   ? HOH A 332 . ? 4_445 ? 
14 AC1 15 HOH C .   ? HOH A 340 . ? 1_555 ? 
15 AC1 15 HOH C .   ? HOH A 361 . ? 1_555 ? 
# 
loop_
_pdbx_validate_torsion.id 
_pdbx_validate_torsion.PDB_model_num 
_pdbx_validate_torsion.auth_comp_id 
_pdbx_validate_torsion.auth_asym_id 
_pdbx_validate_torsion.auth_seq_id 
_pdbx_validate_torsion.PDB_ins_code 
_pdbx_validate_torsion.label_alt_id 
_pdbx_validate_torsion.phi 
_pdbx_validate_torsion.psi 
1 1 ASN A 52  ? ? -161.49 107.00  
2 1 ASN A 140 ? ? -109.93 -148.19 
# 
_pdbx_phasing_MR.entry_id                     4HXM 
_pdbx_phasing_MR.method_rotation              ? 
_pdbx_phasing_MR.method_translation           ? 
_pdbx_phasing_MR.model_details                'Phaser MODE: MR_AUTO' 
_pdbx_phasing_MR.R_factor                     ? 
_pdbx_phasing_MR.R_rigid_body                 ? 
_pdbx_phasing_MR.correlation_coeff_Fo_to_Fc   ? 
_pdbx_phasing_MR.correlation_coeff_Io_to_Ic   ? 
_pdbx_phasing_MR.d_res_high_rotation          1.420 
_pdbx_phasing_MR.d_res_low_rotation           20.380 
_pdbx_phasing_MR.d_res_high_translation       1.420 
_pdbx_phasing_MR.d_res_low_translation        20.380 
_pdbx_phasing_MR.packing                      ? 
_pdbx_phasing_MR.reflns_percent_rotation      ? 
_pdbx_phasing_MR.reflns_percent_translation   ? 
_pdbx_phasing_MR.sigma_F_rotation             ? 
_pdbx_phasing_MR.sigma_F_translation          ? 
_pdbx_phasing_MR.sigma_I_rotation             ? 
_pdbx_phasing_MR.sigma_I_translation          ? 
# 
_phasing.method   MR 
# 
loop_
_chem_comp_atom.comp_id 
_chem_comp_atom.atom_id 
_chem_comp_atom.type_symbol 
_chem_comp_atom.pdbx_aromatic_flag 
_chem_comp_atom.pdbx_stereo_config 
_chem_comp_atom.pdbx_ordinal 
1A8 CAA  C N N 1   
1A8 CAM  C N N 2   
1A8 CAN  C N N 3   
1A8 CAT  C N N 4   
1A8 OAB  O N N 5   
1A8 NAO  N N N 6   
1A8 CAU  C Y N 7   
1A8 CAJ  C Y N 8   
1A8 CAK  C Y N 9   
1A8 CAW  C Y N 10  
1A8 CAX  C N N 11  
1A8 CAI  C N N 12  
1A8 SAS  S N N 13  
1A8 CAZ  C N N 14  
1A8 OAC  O N N 15  
1A8 NAQ  N N N 16  
1A8 CAL  C Y N 17  
1A8 CAV  C Y N 18  
1A8 NAP  N N N 19  
1A8 SBA  S N N 20  
1A8 OAD  O N N 21  
1A8 OAE  O N N 22  
1A8 CAY  C Y N 23  
1A8 SAR  S Y N 24  
1A8 CAG  C Y N 25  
1A8 CAF  C Y N 26  
1A8 CAH  C Y N 27  
1A8 H1   H N N 28  
1A8 H2   H N N 29  
1A8 H3   H N N 30  
1A8 H4   H N N 31  
1A8 H5   H N N 32  
1A8 H6   H N N 33  
1A8 H7   H N N 34  
1A8 H8   H N N 35  
1A8 H9   H N N 36  
1A8 H10  H N N 37  
1A8 H11  H N N 38  
1A8 H12  H N N 39  
1A8 H13  H N N 40  
1A8 H14  H N N 41  
1A8 H15  H N N 42  
1A8 H16  H N N 43  
1A8 H17  H N N 44  
ALA N    N N N 45  
ALA CA   C N S 46  
ALA C    C N N 47  
ALA O    O N N 48  
ALA CB   C N N 49  
ALA OXT  O N N 50  
ALA H    H N N 51  
ALA H2   H N N 52  
ALA HA   H N N 53  
ALA HB1  H N N 54  
ALA HB2  H N N 55  
ALA HB3  H N N 56  
ALA HXT  H N N 57  
ARG N    N N N 58  
ARG CA   C N S 59  
ARG C    C N N 60  
ARG O    O N N 61  
ARG CB   C N N 62  
ARG CG   C N N 63  
ARG CD   C N N 64  
ARG NE   N N N 65  
ARG CZ   C N N 66  
ARG NH1  N N N 67  
ARG NH2  N N N 68  
ARG OXT  O N N 69  
ARG H    H N N 70  
ARG H2   H N N 71  
ARG HA   H N N 72  
ARG HB2  H N N 73  
ARG HB3  H N N 74  
ARG HG2  H N N 75  
ARG HG3  H N N 76  
ARG HD2  H N N 77  
ARG HD3  H N N 78  
ARG HE   H N N 79  
ARG HH11 H N N 80  
ARG HH12 H N N 81  
ARG HH21 H N N 82  
ARG HH22 H N N 83  
ARG HXT  H N N 84  
ASN N    N N N 85  
ASN CA   C N S 86  
ASN C    C N N 87  
ASN O    O N N 88  
ASN CB   C N N 89  
ASN CG   C N N 90  
ASN OD1  O N N 91  
ASN ND2  N N N 92  
ASN OXT  O N N 93  
ASN H    H N N 94  
ASN H2   H N N 95  
ASN HA   H N N 96  
ASN HB2  H N N 97  
ASN HB3  H N N 98  
ASN HD21 H N N 99  
ASN HD22 H N N 100 
ASN HXT  H N N 101 
ASP N    N N N 102 
ASP CA   C N S 103 
ASP C    C N N 104 
ASP O    O N N 105 
ASP CB   C N N 106 
ASP CG   C N N 107 
ASP OD1  O N N 108 
ASP OD2  O N N 109 
ASP OXT  O N N 110 
ASP H    H N N 111 
ASP H2   H N N 112 
ASP HA   H N N 113 
ASP HB2  H N N 114 
ASP HB3  H N N 115 
ASP HD2  H N N 116 
ASP HXT  H N N 117 
CYS N    N N N 118 
CYS CA   C N R 119 
CYS C    C N N 120 
CYS O    O N N 121 
CYS CB   C N N 122 
CYS SG   S N N 123 
CYS OXT  O N N 124 
CYS H    H N N 125 
CYS H2   H N N 126 
CYS HA   H N N 127 
CYS HB2  H N N 128 
CYS HB3  H N N 129 
CYS HG   H N N 130 
CYS HXT  H N N 131 
GLN N    N N N 132 
GLN CA   C N S 133 
GLN C    C N N 134 
GLN O    O N N 135 
GLN CB   C N N 136 
GLN CG   C N N 137 
GLN CD   C N N 138 
GLN OE1  O N N 139 
GLN NE2  N N N 140 
GLN OXT  O N N 141 
GLN H    H N N 142 
GLN H2   H N N 143 
GLN HA   H N N 144 
GLN HB2  H N N 145 
GLN HB3  H N N 146 
GLN HG2  H N N 147 
GLN HG3  H N N 148 
GLN HE21 H N N 149 
GLN HE22 H N N 150 
GLN HXT  H N N 151 
GLU N    N N N 152 
GLU CA   C N S 153 
GLU C    C N N 154 
GLU O    O N N 155 
GLU CB   C N N 156 
GLU CG   C N N 157 
GLU CD   C N N 158 
GLU OE1  O N N 159 
GLU OE2  O N N 160 
GLU OXT  O N N 161 
GLU H    H N N 162 
GLU H2   H N N 163 
GLU HA   H N N 164 
GLU HB2  H N N 165 
GLU HB3  H N N 166 
GLU HG2  H N N 167 
GLU HG3  H N N 168 
GLU HE2  H N N 169 
GLU HXT  H N N 170 
GLY N    N N N 171 
GLY CA   C N N 172 
GLY C    C N N 173 
GLY O    O N N 174 
GLY OXT  O N N 175 
GLY H    H N N 176 
GLY H2   H N N 177 
GLY HA2  H N N 178 
GLY HA3  H N N 179 
GLY HXT  H N N 180 
HIS N    N N N 181 
HIS CA   C N S 182 
HIS C    C N N 183 
HIS O    O N N 184 
HIS CB   C N N 185 
HIS CG   C Y N 186 
HIS ND1  N Y N 187 
HIS CD2  C Y N 188 
HIS CE1  C Y N 189 
HIS NE2  N Y N 190 
HIS OXT  O N N 191 
HIS H    H N N 192 
HIS H2   H N N 193 
HIS HA   H N N 194 
HIS HB2  H N N 195 
HIS HB3  H N N 196 
HIS HD1  H N N 197 
HIS HD2  H N N 198 
HIS HE1  H N N 199 
HIS HE2  H N N 200 
HIS HXT  H N N 201 
HOH O    O N N 202 
HOH H1   H N N 203 
HOH H2   H N N 204 
ILE N    N N N 205 
ILE CA   C N S 206 
ILE C    C N N 207 
ILE O    O N N 208 
ILE CB   C N S 209 
ILE CG1  C N N 210 
ILE CG2  C N N 211 
ILE CD1  C N N 212 
ILE OXT  O N N 213 
ILE H    H N N 214 
ILE H2   H N N 215 
ILE HA   H N N 216 
ILE HB   H N N 217 
ILE HG12 H N N 218 
ILE HG13 H N N 219 
ILE HG21 H N N 220 
ILE HG22 H N N 221 
ILE HG23 H N N 222 
ILE HD11 H N N 223 
ILE HD12 H N N 224 
ILE HD13 H N N 225 
ILE HXT  H N N 226 
LEU N    N N N 227 
LEU CA   C N S 228 
LEU C    C N N 229 
LEU O    O N N 230 
LEU CB   C N N 231 
LEU CG   C N N 232 
LEU CD1  C N N 233 
LEU CD2  C N N 234 
LEU OXT  O N N 235 
LEU H    H N N 236 
LEU H2   H N N 237 
LEU HA   H N N 238 
LEU HB2  H N N 239 
LEU HB3  H N N 240 
LEU HG   H N N 241 
LEU HD11 H N N 242 
LEU HD12 H N N 243 
LEU HD13 H N N 244 
LEU HD21 H N N 245 
LEU HD22 H N N 246 
LEU HD23 H N N 247 
LEU HXT  H N N 248 
LYS N    N N N 249 
LYS CA   C N S 250 
LYS C    C N N 251 
LYS O    O N N 252 
LYS CB   C N N 253 
LYS CG   C N N 254 
LYS CD   C N N 255 
LYS CE   C N N 256 
LYS NZ   N N N 257 
LYS OXT  O N N 258 
LYS H    H N N 259 
LYS H2   H N N 260 
LYS HA   H N N 261 
LYS HB2  H N N 262 
LYS HB3  H N N 263 
LYS HG2  H N N 264 
LYS HG3  H N N 265 
LYS HD2  H N N 266 
LYS HD3  H N N 267 
LYS HE2  H N N 268 
LYS HE3  H N N 269 
LYS HZ1  H N N 270 
LYS HZ2  H N N 271 
LYS HZ3  H N N 272 
LYS HXT  H N N 273 
MET N    N N N 274 
MET CA   C N S 275 
MET C    C N N 276 
MET O    O N N 277 
MET CB   C N N 278 
MET CG   C N N 279 
MET SD   S N N 280 
MET CE   C N N 281 
MET OXT  O N N 282 
MET H    H N N 283 
MET H2   H N N 284 
MET HA   H N N 285 
MET HB2  H N N 286 
MET HB3  H N N 287 
MET HG2  H N N 288 
MET HG3  H N N 289 
MET HE1  H N N 290 
MET HE2  H N N 291 
MET HE3  H N N 292 
MET HXT  H N N 293 
PHE N    N N N 294 
PHE CA   C N S 295 
PHE C    C N N 296 
PHE O    O N N 297 
PHE CB   C N N 298 
PHE CG   C Y N 299 
PHE CD1  C Y N 300 
PHE CD2  C Y N 301 
PHE CE1  C Y N 302 
PHE CE2  C Y N 303 
PHE CZ   C Y N 304 
PHE OXT  O N N 305 
PHE H    H N N 306 
PHE H2   H N N 307 
PHE HA   H N N 308 
PHE HB2  H N N 309 
PHE HB3  H N N 310 
PHE HD1  H N N 311 
PHE HD2  H N N 312 
PHE HE1  H N N 313 
PHE HE2  H N N 314 
PHE HZ   H N N 315 
PHE HXT  H N N 316 
PRO N    N N N 317 
PRO CA   C N S 318 
PRO C    C N N 319 
PRO O    O N N 320 
PRO CB   C N N 321 
PRO CG   C N N 322 
PRO CD   C N N 323 
PRO OXT  O N N 324 
PRO H    H N N 325 
PRO HA   H N N 326 
PRO HB2  H N N 327 
PRO HB3  H N N 328 
PRO HG2  H N N 329 
PRO HG3  H N N 330 
PRO HD2  H N N 331 
PRO HD3  H N N 332 
PRO HXT  H N N 333 
SER N    N N N 334 
SER CA   C N S 335 
SER C    C N N 336 
SER O    O N N 337 
SER CB   C N N 338 
SER OG   O N N 339 
SER OXT  O N N 340 
SER H    H N N 341 
SER H2   H N N 342 
SER HA   H N N 343 
SER HB2  H N N 344 
SER HB3  H N N 345 
SER HG   H N N 346 
SER HXT  H N N 347 
THR N    N N N 348 
THR CA   C N S 349 
THR C    C N N 350 
THR O    O N N 351 
THR CB   C N R 352 
THR OG1  O N N 353 
THR CG2  C N N 354 
THR OXT  O N N 355 
THR H    H N N 356 
THR H2   H N N 357 
THR HA   H N N 358 
THR HB   H N N 359 
THR HG1  H N N 360 
THR HG21 H N N 361 
THR HG22 H N N 362 
THR HG23 H N N 363 
THR HXT  H N N 364 
TRP N    N N N 365 
TRP CA   C N S 366 
TRP C    C N N 367 
TRP O    O N N 368 
TRP CB   C N N 369 
TRP CG   C Y N 370 
TRP CD1  C Y N 371 
TRP CD2  C Y N 372 
TRP NE1  N Y N 373 
TRP CE2  C Y N 374 
TRP CE3  C Y N 375 
TRP CZ2  C Y N 376 
TRP CZ3  C Y N 377 
TRP CH2  C Y N 378 
TRP OXT  O N N 379 
TRP H    H N N 380 
TRP H2   H N N 381 
TRP HA   H N N 382 
TRP HB2  H N N 383 
TRP HB3  H N N 384 
TRP HD1  H N N 385 
TRP HE1  H N N 386 
TRP HE3  H N N 387 
TRP HZ2  H N N 388 
TRP HZ3  H N N 389 
TRP HH2  H N N 390 
TRP HXT  H N N 391 
TYR N    N N N 392 
TYR CA   C N S 393 
TYR C    C N N 394 
TYR O    O N N 395 
TYR CB   C N N 396 
TYR CG   C Y N 397 
TYR CD1  C Y N 398 
TYR CD2  C Y N 399 
TYR CE1  C Y N 400 
TYR CE2  C Y N 401 
TYR CZ   C Y N 402 
TYR OH   O N N 403 
TYR OXT  O N N 404 
TYR H    H N N 405 
TYR H2   H N N 406 
TYR HA   H N N 407 
TYR HB2  H N N 408 
TYR HB3  H N N 409 
TYR HD1  H N N 410 
TYR HD2  H N N 411 
TYR HE1  H N N 412 
TYR HE2  H N N 413 
TYR HH   H N N 414 
TYR HXT  H N N 415 
VAL N    N N N 416 
VAL CA   C N S 417 
VAL C    C N N 418 
VAL O    O N N 419 
VAL CB   C N N 420 
VAL CG1  C N N 421 
VAL CG2  C N N 422 
VAL OXT  O N N 423 
VAL H    H N N 424 
VAL H2   H N N 425 
VAL HA   H N N 426 
VAL HB   H N N 427 
VAL HG11 H N N 428 
VAL HG12 H N N 429 
VAL HG13 H N N 430 
VAL HG21 H N N 431 
VAL HG22 H N N 432 
VAL HG23 H N N 433 
VAL HXT  H N N 434 
# 
loop_
_chem_comp_bond.comp_id 
_chem_comp_bond.atom_id_1 
_chem_comp_bond.atom_id_2 
_chem_comp_bond.value_order 
_chem_comp_bond.pdbx_aromatic_flag 
_chem_comp_bond.pdbx_stereo_config 
_chem_comp_bond.pdbx_ordinal 
1A8 CAF CAH  sing Y N 1   
1A8 CAF CAG  doub Y N 2   
1A8 CAH CAY  doub Y N 3   
1A8 OAE SBA  doub N N 4   
1A8 CAG SAR  sing Y N 5   
1A8 CAY SBA  sing N N 6   
1A8 CAY SAR  sing Y N 7   
1A8 OAD SBA  doub N N 8   
1A8 SBA NAP  sing N N 9   
1A8 NAP CAV  sing N N 10  
1A8 CAV CAJ  doub Y N 11  
1A8 CAV CAL  sing Y N 12  
1A8 CAJ CAU  sing Y N 13  
1A8 CAL CAW  doub Y N 14  
1A8 CAU NAO  sing N N 15  
1A8 CAU CAK  doub Y N 16  
1A8 CAW CAK  sing Y N 17  
1A8 CAW CAX  sing N N 18  
1A8 NAO CAT  sing N N 19  
1A8 NAQ CAX  sing N N 20  
1A8 NAQ CAZ  sing N N 21  
1A8 OAC CAZ  doub N N 22  
1A8 CAX CAI  doub N N 23  
1A8 CAZ SAS  sing N N 24  
1A8 CAT CAN  sing N N 25  
1A8 CAT OAB  doub N N 26  
1A8 CAN CAM  sing N N 27  
1A8 CAI SAS  sing N N 28  
1A8 CAM CAA  sing N N 29  
1A8 CAA H1   sing N N 30  
1A8 CAA H2   sing N N 31  
1A8 CAA H3   sing N N 32  
1A8 CAM H4   sing N N 33  
1A8 CAM H5   sing N N 34  
1A8 CAN H6   sing N N 35  
1A8 CAN H7   sing N N 36  
1A8 NAO H8   sing N N 37  
1A8 CAJ H9   sing N N 38  
1A8 CAK H10  sing N N 39  
1A8 CAI H11  sing N N 40  
1A8 CAL H12  sing N N 41  
1A8 NAP H13  sing N N 42  
1A8 CAG H14  sing N N 43  
1A8 CAF H15  sing N N 44  
1A8 CAH H16  sing N N 45  
1A8 NAQ H17  sing N N 46  
ALA N   CA   sing N N 47  
ALA N   H    sing N N 48  
ALA N   H2   sing N N 49  
ALA CA  C    sing N N 50  
ALA CA  CB   sing N N 51  
ALA CA  HA   sing N N 52  
ALA C   O    doub N N 53  
ALA C   OXT  sing N N 54  
ALA CB  HB1  sing N N 55  
ALA CB  HB2  sing N N 56  
ALA CB  HB3  sing N N 57  
ALA OXT HXT  sing N N 58  
ARG N   CA   sing N N 59  
ARG N   H    sing N N 60  
ARG N   H2   sing N N 61  
ARG CA  C    sing N N 62  
ARG CA  CB   sing N N 63  
ARG CA  HA   sing N N 64  
ARG C   O    doub N N 65  
ARG C   OXT  sing N N 66  
ARG CB  CG   sing N N 67  
ARG CB  HB2  sing N N 68  
ARG CB  HB3  sing N N 69  
ARG CG  CD   sing N N 70  
ARG CG  HG2  sing N N 71  
ARG CG  HG3  sing N N 72  
ARG CD  NE   sing N N 73  
ARG CD  HD2  sing N N 74  
ARG CD  HD3  sing N N 75  
ARG NE  CZ   sing N N 76  
ARG NE  HE   sing N N 77  
ARG CZ  NH1  sing N N 78  
ARG CZ  NH2  doub N N 79  
ARG NH1 HH11 sing N N 80  
ARG NH1 HH12 sing N N 81  
ARG NH2 HH21 sing N N 82  
ARG NH2 HH22 sing N N 83  
ARG OXT HXT  sing N N 84  
ASN N   CA   sing N N 85  
ASN N   H    sing N N 86  
ASN N   H2   sing N N 87  
ASN CA  C    sing N N 88  
ASN CA  CB   sing N N 89  
ASN CA  HA   sing N N 90  
ASN C   O    doub N N 91  
ASN C   OXT  sing N N 92  
ASN CB  CG   sing N N 93  
ASN CB  HB2  sing N N 94  
ASN CB  HB3  sing N N 95  
ASN CG  OD1  doub N N 96  
ASN CG  ND2  sing N N 97  
ASN ND2 HD21 sing N N 98  
ASN ND2 HD22 sing N N 99  
ASN OXT HXT  sing N N 100 
ASP N   CA   sing N N 101 
ASP N   H    sing N N 102 
ASP N   H2   sing N N 103 
ASP CA  C    sing N N 104 
ASP CA  CB   sing N N 105 
ASP CA  HA   sing N N 106 
ASP C   O    doub N N 107 
ASP C   OXT  sing N N 108 
ASP CB  CG   sing N N 109 
ASP CB  HB2  sing N N 110 
ASP CB  HB3  sing N N 111 
ASP CG  OD1  doub N N 112 
ASP CG  OD2  sing N N 113 
ASP OD2 HD2  sing N N 114 
ASP OXT HXT  sing N N 115 
CYS N   CA   sing N N 116 
CYS N   H    sing N N 117 
CYS N   H2   sing N N 118 
CYS CA  C    sing N N 119 
CYS CA  CB   sing N N 120 
CYS CA  HA   sing N N 121 
CYS C   O    doub N N 122 
CYS C   OXT  sing N N 123 
CYS CB  SG   sing N N 124 
CYS CB  HB2  sing N N 125 
CYS CB  HB3  sing N N 126 
CYS SG  HG   sing N N 127 
CYS OXT HXT  sing N N 128 
GLN N   CA   sing N N 129 
GLN N   H    sing N N 130 
GLN N   H2   sing N N 131 
GLN CA  C    sing N N 132 
GLN CA  CB   sing N N 133 
GLN CA  HA   sing N N 134 
GLN C   O    doub N N 135 
GLN C   OXT  sing N N 136 
GLN CB  CG   sing N N 137 
GLN CB  HB2  sing N N 138 
GLN CB  HB3  sing N N 139 
GLN CG  CD   sing N N 140 
GLN CG  HG2  sing N N 141 
GLN CG  HG3  sing N N 142 
GLN CD  OE1  doub N N 143 
GLN CD  NE2  sing N N 144 
GLN NE2 HE21 sing N N 145 
GLN NE2 HE22 sing N N 146 
GLN OXT HXT  sing N N 147 
GLU N   CA   sing N N 148 
GLU N   H    sing N N 149 
GLU N   H2   sing N N 150 
GLU CA  C    sing N N 151 
GLU CA  CB   sing N N 152 
GLU CA  HA   sing N N 153 
GLU C   O    doub N N 154 
GLU C   OXT  sing N N 155 
GLU CB  CG   sing N N 156 
GLU CB  HB2  sing N N 157 
GLU CB  HB3  sing N N 158 
GLU CG  CD   sing N N 159 
GLU CG  HG2  sing N N 160 
GLU CG  HG3  sing N N 161 
GLU CD  OE1  doub N N 162 
GLU CD  OE2  sing N N 163 
GLU OE2 HE2  sing N N 164 
GLU OXT HXT  sing N N 165 
GLY N   CA   sing N N 166 
GLY N   H    sing N N 167 
GLY N   H2   sing N N 168 
GLY CA  C    sing N N 169 
GLY CA  HA2  sing N N 170 
GLY CA  HA3  sing N N 171 
GLY C   O    doub N N 172 
GLY C   OXT  sing N N 173 
GLY OXT HXT  sing N N 174 
HIS N   CA   sing N N 175 
HIS N   H    sing N N 176 
HIS N   H2   sing N N 177 
HIS CA  C    sing N N 178 
HIS CA  CB   sing N N 179 
HIS CA  HA   sing N N 180 
HIS C   O    doub N N 181 
HIS C   OXT  sing N N 182 
HIS CB  CG   sing N N 183 
HIS CB  HB2  sing N N 184 
HIS CB  HB3  sing N N 185 
HIS CG  ND1  sing Y N 186 
HIS CG  CD2  doub Y N 187 
HIS ND1 CE1  doub Y N 188 
HIS ND1 HD1  sing N N 189 
HIS CD2 NE2  sing Y N 190 
HIS CD2 HD2  sing N N 191 
HIS CE1 NE2  sing Y N 192 
HIS CE1 HE1  sing N N 193 
HIS NE2 HE2  sing N N 194 
HIS OXT HXT  sing N N 195 
HOH O   H1   sing N N 196 
HOH O   H2   sing N N 197 
ILE N   CA   sing N N 198 
ILE N   H    sing N N 199 
ILE N   H2   sing N N 200 
ILE CA  C    sing N N 201 
ILE CA  CB   sing N N 202 
ILE CA  HA   sing N N 203 
ILE C   O    doub N N 204 
ILE C   OXT  sing N N 205 
ILE CB  CG1  sing N N 206 
ILE CB  CG2  sing N N 207 
ILE CB  HB   sing N N 208 
ILE CG1 CD1  sing N N 209 
ILE CG1 HG12 sing N N 210 
ILE CG1 HG13 sing N N 211 
ILE CG2 HG21 sing N N 212 
ILE CG2 HG22 sing N N 213 
ILE CG2 HG23 sing N N 214 
ILE CD1 HD11 sing N N 215 
ILE CD1 HD12 sing N N 216 
ILE CD1 HD13 sing N N 217 
ILE OXT HXT  sing N N 218 
LEU N   CA   sing N N 219 
LEU N   H    sing N N 220 
LEU N   H2   sing N N 221 
LEU CA  C    sing N N 222 
LEU CA  CB   sing N N 223 
LEU CA  HA   sing N N 224 
LEU C   O    doub N N 225 
LEU C   OXT  sing N N 226 
LEU CB  CG   sing N N 227 
LEU CB  HB2  sing N N 228 
LEU CB  HB3  sing N N 229 
LEU CG  CD1  sing N N 230 
LEU CG  CD2  sing N N 231 
LEU CG  HG   sing N N 232 
LEU CD1 HD11 sing N N 233 
LEU CD1 HD12 sing N N 234 
LEU CD1 HD13 sing N N 235 
LEU CD2 HD21 sing N N 236 
LEU CD2 HD22 sing N N 237 
LEU CD2 HD23 sing N N 238 
LEU OXT HXT  sing N N 239 
LYS N   CA   sing N N 240 
LYS N   H    sing N N 241 
LYS N   H2   sing N N 242 
LYS CA  C    sing N N 243 
LYS CA  CB   sing N N 244 
LYS CA  HA   sing N N 245 
LYS C   O    doub N N 246 
LYS C   OXT  sing N N 247 
LYS CB  CG   sing N N 248 
LYS CB  HB2  sing N N 249 
LYS CB  HB3  sing N N 250 
LYS CG  CD   sing N N 251 
LYS CG  HG2  sing N N 252 
LYS CG  HG3  sing N N 253 
LYS CD  CE   sing N N 254 
LYS CD  HD2  sing N N 255 
LYS CD  HD3  sing N N 256 
LYS CE  NZ   sing N N 257 
LYS CE  HE2  sing N N 258 
LYS CE  HE3  sing N N 259 
LYS NZ  HZ1  sing N N 260 
LYS NZ  HZ2  sing N N 261 
LYS NZ  HZ3  sing N N 262 
LYS OXT HXT  sing N N 263 
MET N   CA   sing N N 264 
MET N   H    sing N N 265 
MET N   H2   sing N N 266 
MET CA  C    sing N N 267 
MET CA  CB   sing N N 268 
MET CA  HA   sing N N 269 
MET C   O    doub N N 270 
MET C   OXT  sing N N 271 
MET CB  CG   sing N N 272 
MET CB  HB2  sing N N 273 
MET CB  HB3  sing N N 274 
MET CG  SD   sing N N 275 
MET CG  HG2  sing N N 276 
MET CG  HG3  sing N N 277 
MET SD  CE   sing N N 278 
MET CE  HE1  sing N N 279 
MET CE  HE2  sing N N 280 
MET CE  HE3  sing N N 281 
MET OXT HXT  sing N N 282 
PHE N   CA   sing N N 283 
PHE N   H    sing N N 284 
PHE N   H2   sing N N 285 
PHE CA  C    sing N N 286 
PHE CA  CB   sing N N 287 
PHE CA  HA   sing N N 288 
PHE C   O    doub N N 289 
PHE C   OXT  sing N N 290 
PHE CB  CG   sing N N 291 
PHE CB  HB2  sing N N 292 
PHE CB  HB3  sing N N 293 
PHE CG  CD1  doub Y N 294 
PHE CG  CD2  sing Y N 295 
PHE CD1 CE1  sing Y N 296 
PHE CD1 HD1  sing N N 297 
PHE CD2 CE2  doub Y N 298 
PHE CD2 HD2  sing N N 299 
PHE CE1 CZ   doub Y N 300 
PHE CE1 HE1  sing N N 301 
PHE CE2 CZ   sing Y N 302 
PHE CE2 HE2  sing N N 303 
PHE CZ  HZ   sing N N 304 
PHE OXT HXT  sing N N 305 
PRO N   CA   sing N N 306 
PRO N   CD   sing N N 307 
PRO N   H    sing N N 308 
PRO CA  C    sing N N 309 
PRO CA  CB   sing N N 310 
PRO CA  HA   sing N N 311 
PRO C   O    doub N N 312 
PRO C   OXT  sing N N 313 
PRO CB  CG   sing N N 314 
PRO CB  HB2  sing N N 315 
PRO CB  HB3  sing N N 316 
PRO CG  CD   sing N N 317 
PRO CG  HG2  sing N N 318 
PRO CG  HG3  sing N N 319 
PRO CD  HD2  sing N N 320 
PRO CD  HD3  sing N N 321 
PRO OXT HXT  sing N N 322 
SER N   CA   sing N N 323 
SER N   H    sing N N 324 
SER N   H2   sing N N 325 
SER CA  C    sing N N 326 
SER CA  CB   sing N N 327 
SER CA  HA   sing N N 328 
SER C   O    doub N N 329 
SER C   OXT  sing N N 330 
SER CB  OG   sing N N 331 
SER CB  HB2  sing N N 332 
SER CB  HB3  sing N N 333 
SER OG  HG   sing N N 334 
SER OXT HXT  sing N N 335 
THR N   CA   sing N N 336 
THR N   H    sing N N 337 
THR N   H2   sing N N 338 
THR CA  C    sing N N 339 
THR CA  CB   sing N N 340 
THR CA  HA   sing N N 341 
THR C   O    doub N N 342 
THR C   OXT  sing N N 343 
THR CB  OG1  sing N N 344 
THR CB  CG2  sing N N 345 
THR CB  HB   sing N N 346 
THR OG1 HG1  sing N N 347 
THR CG2 HG21 sing N N 348 
THR CG2 HG22 sing N N 349 
THR CG2 HG23 sing N N 350 
THR OXT HXT  sing N N 351 
TRP N   CA   sing N N 352 
TRP N   H    sing N N 353 
TRP N   H2   sing N N 354 
TRP CA  C    sing N N 355 
TRP CA  CB   sing N N 356 
TRP CA  HA   sing N N 357 
TRP C   O    doub N N 358 
TRP C   OXT  sing N N 359 
TRP CB  CG   sing N N 360 
TRP CB  HB2  sing N N 361 
TRP CB  HB3  sing N N 362 
TRP CG  CD1  doub Y N 363 
TRP CG  CD2  sing Y N 364 
TRP CD1 NE1  sing Y N 365 
TRP CD1 HD1  sing N N 366 
TRP CD2 CE2  doub Y N 367 
TRP CD2 CE3  sing Y N 368 
TRP NE1 CE2  sing Y N 369 
TRP NE1 HE1  sing N N 370 
TRP CE2 CZ2  sing Y N 371 
TRP CE3 CZ3  doub Y N 372 
TRP CE3 HE3  sing N N 373 
TRP CZ2 CH2  doub Y N 374 
TRP CZ2 HZ2  sing N N 375 
TRP CZ3 CH2  sing Y N 376 
TRP CZ3 HZ3  sing N N 377 
TRP CH2 HH2  sing N N 378 
TRP OXT HXT  sing N N 379 
TYR N   CA   sing N N 380 
TYR N   H    sing N N 381 
TYR N   H2   sing N N 382 
TYR CA  C    sing N N 383 
TYR CA  CB   sing N N 384 
TYR CA  HA   sing N N 385 
TYR C   O    doub N N 386 
TYR C   OXT  sing N N 387 
TYR CB  CG   sing N N 388 
TYR CB  HB2  sing N N 389 
TYR CB  HB3  sing N N 390 
TYR CG  CD1  doub Y N 391 
TYR CG  CD2  sing Y N 392 
TYR CD1 CE1  sing Y N 393 
TYR CD1 HD1  sing N N 394 
TYR CD2 CE2  doub Y N 395 
TYR CD2 HD2  sing N N 396 
TYR CE1 CZ   doub Y N 397 
TYR CE1 HE1  sing N N 398 
TYR CE2 CZ   sing Y N 399 
TYR CE2 HE2  sing N N 400 
TYR CZ  OH   sing N N 401 
TYR OH  HH   sing N N 402 
TYR OXT HXT  sing N N 403 
VAL N   CA   sing N N 404 
VAL N   H    sing N N 405 
VAL N   H2   sing N N 406 
VAL CA  C    sing N N 407 
VAL CA  CB   sing N N 408 
VAL CA  HA   sing N N 409 
VAL C   O    doub N N 410 
VAL C   OXT  sing N N 411 
VAL CB  CG1  sing N N 412 
VAL CB  CG2  sing N N 413 
VAL CB  HB   sing N N 414 
VAL CG1 HG11 sing N N 415 
VAL CG1 HG12 sing N N 416 
VAL CG1 HG13 sing N N 417 
VAL CG2 HG21 sing N N 418 
VAL CG2 HG22 sing N N 419 
VAL CG2 HG23 sing N N 420 
VAL OXT HXT  sing N N 421 
# 
_atom_sites.entry_id                    4HXM 
_atom_sites.fract_transf_matrix[1][1]   -0.02555551 
_atom_sites.fract_transf_matrix[1][2]   -0.01715813 
_atom_sites.fract_transf_matrix[1][3]   -0.00498310 
_atom_sites.fract_transf_matrix[2][1]   0.00804968 
_atom_sites.fract_transf_matrix[2][2]   -0.00662193 
_atom_sites.fract_transf_matrix[2][3]   -0.01848124 
_atom_sites.fract_transf_matrix[3][1]   0.00541958 
_atom_sites.fract_transf_matrix[3][2]   -0.00977469 
_atom_sites.fract_transf_matrix[3][3]   0.00586287 
_atom_sites.fract_transf_vector[1]      0.298925 
_atom_sites.fract_transf_vector[2]      0.066831 
_atom_sites.fract_transf_vector[3]      0.109187 
# 
loop_
_atom_type.symbol 
C 
N 
O 
S 
# 
loop_
_atom_site.group_PDB 
_atom_site.id 
_atom_site.type_symbol 
_atom_site.label_atom_id 
_atom_site.label_alt_id 
_atom_site.label_comp_id 
_atom_site.label_asym_id 
_atom_site.label_entity_id 
_atom_site.label_seq_id 
_atom_site.pdbx_PDB_ins_code 
_atom_site.Cartn_x 
_atom_site.Cartn_y 
_atom_site.Cartn_z 
_atom_site.occupancy 
_atom_site.B_iso_or_equiv 
_atom_site.pdbx_formal_charge 
_atom_site.auth_seq_id 
_atom_site.auth_comp_id 
_atom_site.auth_asym_id 
_atom_site.auth_atom_id 
_atom_site.pdbx_PDB_model_num 
ATOM   1    N N   . MET A 1 1   ? -9.731  2.434   19.033  1.00 12.37 ? 43  MET A N   1 
ATOM   2    C CA  . MET A 1 1   ? -10.382 2.375   17.729  1.00 8.87  ? 43  MET A CA  1 
ATOM   3    C C   . MET A 1 1   ? -9.398  2.027   16.612  1.00 8.74  ? 43  MET A C   1 
ATOM   4    O O   . MET A 1 1   ? -9.806  1.859   15.464  1.00 8.40  ? 43  MET A O   1 
ATOM   5    C CB  . MET A 1 1   ? -11.121 3.679   17.401  1.00 18.33 ? 43  MET A CB  1 
ATOM   6    C CG  . MET A 1 1   ? -10.262 4.900   17.419  1.00 13.80 ? 43  MET A CG  1 
ATOM   7    S SD  . MET A 1 1   ? -11.190 6.430   17.122  1.00 19.18 ? 43  MET A SD  1 
ATOM   8    C CE  . MET A 1 1   ? -12.491 6.297   18.325  1.00 19.99 ? 43  MET A CE  1 
ATOM   9    N N   . ASN A 1 2   ? -8.111  1.933   16.951  1.00 8.35  ? 44  ASN A N   1 
ATOM   10   C CA  . ASN A 1 2   ? -7.091  1.457   16.014  1.00 6.99  ? 44  ASN A CA  1 
ATOM   11   C C   . ASN A 1 2   ? -6.725  0.013   16.317  1.00 10.04 ? 44  ASN A C   1 
ATOM   12   O O   . ASN A 1 2   ? -6.300  -0.285  17.430  1.00 11.06 ? 44  ASN A O   1 
ATOM   13   C CB  . ASN A 1 2   ? -5.802  2.271   16.151  1.00 8.78  ? 44  ASN A CB  1 
ATOM   14   C CG  . ASN A 1 2   ? -5.904  3.663   15.550  1.00 8.48  ? 44  ASN A CG  1 
ATOM   15   O OD1 . ASN A 1 2   ? -6.544  3.875   14.517  1.00 9.91  ? 44  ASN A OD1 1 
ATOM   16   N ND2 . ASN A 1 2   ? -5.250  4.619   16.196  1.00 10.82 ? 44  ASN A ND2 1 
ATOM   17   N N   . PRO A 1 3   ? -6.847  -0.881  15.325  1.00 7.75  ? 45  PRO A N   1 
ATOM   18   C CA  . PRO A 1 3   ? -6.335  -2.237  15.520  1.00 8.77  ? 45  PRO A CA  1 
ATOM   19   C C   . PRO A 1 3   ? -4.816  -2.234  15.348  1.00 9.70  ? 45  PRO A C   1 
ATOM   20   O O   . PRO A 1 3   ? -4.266  -1.212  14.934  1.00 9.03  ? 45  PRO A O   1 
ATOM   21   C CB  . PRO A 1 3   ? -7.015  -3.020  14.399  1.00 10.72 ? 45  PRO A CB  1 
ATOM   22   C CG  . PRO A 1 3   ? -7.189  -2.025  13.309  1.00 11.75 ? 45  PRO A CG  1 
ATOM   23   C CD  . PRO A 1 3   ? -7.444  -0.701  13.989  1.00 6.94  ? 45  PRO A CD  1 
ATOM   24   N N   . PRO A 1 4   ? -4.134  -3.345  15.675  1.00 9.05  ? 46  PRO A N   1 
ATOM   25   C CA  . PRO A 1 4   ? -2.695  -3.366  15.388  1.00 8.70  ? 46  PRO A CA  1 
ATOM   26   C C   . PRO A 1 4   ? -2.459  -3.229  13.891  1.00 8.48  ? 46  PRO A C   1 
ATOM   27   O O   . PRO A 1 4   ? -3.289  -3.686  13.113  1.00 10.35 ? 46  PRO A O   1 
ATOM   28   C CB  . PRO A 1 4   ? -2.257  -4.756  15.866  1.00 11.26 ? 46  PRO A CB  1 
ATOM   29   C CG  . PRO A 1 4   ? -3.514  -5.567  15.918  1.00 15.46 ? 46  PRO A CG  1 
ATOM   30   C CD  . PRO A 1 4   ? -4.594  -4.602  16.288  1.00 13.24 ? 46  PRO A CD  1 
ATOM   31   N N   . PRO A 1 5   ? -1.345  -2.600  13.500  1.00 11.55 ? 47  PRO A N   1 
ATOM   32   C CA  . PRO A 1 5   ? -1.053  -2.450  12.075  1.00 8.99  ? 47  PRO A CA  1 
ATOM   33   C C   . PRO A 1 5   ? -0.789  -3.814  11.455  1.00 9.11  ? 47  PRO A C   1 
ATOM   34   O O   . PRO A 1 5   ? -0.509  -4.776  12.182  1.00 8.48  ? 47  PRO A O   1 
ATOM   35   C CB  . PRO A 1 5   ? 0.219   -1.604  12.067  1.00 11.77 ? 47  PRO A CB  1 
ATOM   36   C CG  . PRO A 1 5   ? 0.861   -1.879  13.381  1.00 14.42 ? 47  PRO A CG  1 
ATOM   37   C CD  . PRO A 1 5   ? -0.276  -2.044  14.345  1.00 12.60 ? 47  PRO A CD  1 
ATOM   38   N N   . PRO A 1 6   ? -0.880  -3.912  10.121  1.00 7.07  ? 48  PRO A N   1 
ATOM   39   C CA  . PRO A 1 6   ? -0.672  -5.229  9.515   1.00 5.54  ? 48  PRO A CA  1 
ATOM   40   C C   . PRO A 1 6   ? 0.739   -5.748  9.779   1.00 8.04  ? 48  PRO A C   1 
ATOM   41   O O   . PRO A 1 6   ? 1.680   -4.951  9.894   1.00 7.55  ? 48  PRO A O   1 
ATOM   42   C CB  . PRO A 1 6   ? -0.877  -4.966  8.018   1.00 6.70  ? 48  PRO A CB  1 
ATOM   43   C CG  . PRO A 1 6   ? -1.675  -3.673  7.970   1.00 8.69  ? 48  PRO A CG  1 
ATOM   44   C CD  . PRO A 1 6   ? -1.186  -2.875  9.119   1.00 8.29  ? 48  PRO A CD  1 
ATOM   45   N N   . GLU A 1 7   ? 0.877   -7.065  9.894   1.00 7.16  ? 49  GLU A N   1 
ATOM   46   C CA  . GLU A 1 7   ? 2.177   -7.664  10.155  1.00 6.98  ? 49  GLU A CA  1 
ATOM   47   C C   . GLU A 1 7   ? 3.179   -7.327  9.059   1.00 6.42  ? 49  GLU A C   1 
ATOM   48   O O   . GLU A 1 7   ? 2.810   -7.187  7.893   1.00 7.21  ? 49  GLU A O   1 
ATOM   49   C CB  . GLU A 1 7   ? 2.049   -9.189  10.298  1.00 7.04  ? 49  GLU A CB  1 
ATOM   50   C CG  . GLU A 1 7   ? 1.644   -9.904  9.022   1.00 7.23  ? 49  GLU A CG  1 
ATOM   51   C CD  . GLU A 1 7   ? 1.416   -11.396 9.229   1.00 7.29  ? 49  GLU A CD  1 
ATOM   52   O OE1 . GLU A 1 7   ? 1.466   -12.160 8.231   1.00 9.50  ? 49  GLU A OE1 1 
ATOM   53   O OE2 . GLU A 1 7   ? 1.184   -11.809 10.390  1.00 11.87 ? 49  GLU A OE2 1 
ATOM   54   N N   . THR A 1 8   ? 4.445   -7.173  9.440   1.00 6.52  ? 50  THR A N   1 
ATOM   55   C CA  . THR A 1 8   ? 5.512   -6.972  8.465   1.00 6.94  ? 50  THR A CA  1 
ATOM   56   C C   . THR A 1 8   ? 6.506   -8.123  8.537   1.00 6.45  ? 50  THR A C   1 
ATOM   57   O O   . THR A 1 8   ? 7.507   -8.142  7.826   1.00 9.64  ? 50  THR A O   1 
ATOM   58   C CB  . THR A 1 8   ? 6.230   -5.631  8.669   1.00 9.53  ? 50  THR A CB  1 
ATOM   59   O OG1 . THR A 1 8   ? 6.652   -5.514  10.032  1.00 10.58 ? 50  THR A OG1 1 
ATOM   60   C CG2 . THR A 1 8   ? 5.296   -4.477  8.335   1.00 9.03  ? 50  THR A CG2 1 
ATOM   61   N N   . SER A 1 9   ? 6.227   -9.067  9.426   1.00 8.55  ? 51  SER A N   1 
ATOM   62   C CA  . SER A 1 9   ? 7.003   -10.297 9.534   1.00 6.69  ? 51  SER A CA  1 
ATOM   63   C C   . SER A 1 9   ? 6.060   -11.384 10.019  1.00 6.06  ? 51  SER A C   1 
ATOM   64   O O   . SER A 1 9   ? 5.077   -11.097 10.712  1.00 8.09  ? 51  SER A O   1 
ATOM   65   C CB  . SER A 1 9   ? 8.170   -10.136 10.514  1.00 10.17 ? 51  SER A CB  1 
ATOM   66   O OG  . SER A 1 9   ? 7.700   -9.903  11.831  1.00 15.53 ? 51  SER A OG  1 
ATOM   67   N N   . ASN A 1 10  ? 6.359   -12.630 9.673   1.00 5.59  ? 52  ASN A N   1 
ATOM   68   C CA  . ASN A 1 10  ? 5.554   -13.769 10.093  1.00 7.61  ? 52  ASN A CA  1 
ATOM   69   C C   . ASN A 1 10  ? 6.399   -15.013 9.931   1.00 8.45  ? 52  ASN A C   1 
ATOM   70   O O   . ASN A 1 10  ? 6.660   -15.444 8.814   1.00 5.94  ? 52  ASN A O   1 
ATOM   71   C CB  . ASN A 1 10  ? 4.282   -13.872 9.246   1.00 6.82  ? 52  ASN A CB  1 
ATOM   72   C CG  . ASN A 1 10  ? 3.339   -14.970 9.725   1.00 9.38  ? 52  ASN A CG  1 
ATOM   73   O OD1 . ASN A 1 10  ? 3.752   -15.928 10.389  1.00 9.43  ? 52  ASN A OD1 1 
ATOM   74   N ND2 . ASN A 1 10  ? 2.067   -14.848 9.366   1.00 15.17 ? 52  ASN A ND2 1 
ATOM   75   N N   . PRO A 1 11  ? 6.858   -15.584 11.048  1.00 4.60  ? 53  PRO A N   1 
ATOM   76   C CA  . PRO A 1 11  ? 7.777   -16.723 10.939  1.00 6.31  ? 53  PRO A CA  1 
ATOM   77   C C   . PRO A 1 11  ? 7.130   -17.981 10.375  1.00 9.21  ? 53  PRO A C   1 
ATOM   78   O O   . PRO A 1 11  ? 7.860   -18.908 10.018  1.00 11.36 ? 53  PRO A O   1 
ATOM   79   C CB  . PRO A 1 11  ? 8.220   -16.962 12.388  1.00 7.52  ? 53  PRO A CB  1 
ATOM   80   C CG  . PRO A 1 11  ? 7.960   -15.674 13.085  1.00 8.01  ? 53  PRO A CG  1 
ATOM   81   C CD  . PRO A 1 11  ? 6.738   -15.101 12.431  1.00 5.06  ? 53  PRO A CD  1 
ATOM   82   N N   . ASN A 1 12  ? 5.805   -18.022 10.293  1.00 7.62  ? 54  ASN A N   1 
ATOM   83   C CA  . ASN A 1 12  ? 5.118   -19.167 9.689   1.00 8.66  ? 54  ASN A CA  1 
ATOM   84   C C   . ASN A 1 12  ? 5.120   -19.090 8.172   1.00 10.37 ? 54  ASN A C   1 
ATOM   85   O O   . ASN A 1 12  ? 4.884   -20.079 7.489   1.00 13.48 ? 54  ASN A O   1 
ATOM   86   C CB  . ASN A 1 12  ? 3.674   -19.244 10.180  1.00 13.99 ? 54  ASN A CB  1 
ATOM   87   C CG  . ASN A 1 12  ? 3.574   -19.564 11.653  1.00 13.49 ? 54  ASN A CG  1 
ATOM   88   O OD1 . ASN A 1 12  ? 4.216   -20.498 12.146  1.00 18.30 ? 54  ASN A OD1 1 
ATOM   89   N ND2 . ASN A 1 12  ? 2.772   -18.788 12.371  1.00 17.12 ? 54  ASN A ND2 1 
ATOM   90   N N   . LYS A 1 13  ? 5.395   -17.904 7.655   1.00 6.77  ? 55  LYS A N   1 
ATOM   91   C CA  . LYS A 1 13  ? 5.260   -17.635 6.235   1.00 5.45  ? 55  LYS A CA  1 
ATOM   92   C C   . LYS A 1 13  ? 6.637   -17.649 5.574   1.00 4.36  ? 55  LYS A C   1 
ATOM   93   O O   . LYS A 1 13  ? 7.588   -17.058 6.086   1.00 7.02  ? 55  LYS A O   1 
ATOM   94   C CB  . LYS A 1 13  ? 4.596   -16.260 6.082   1.00 4.41  ? 55  LYS A CB  1 
ATOM   95   C CG  . LYS A 1 13  ? 4.179   -15.900 4.676   1.00 5.67  ? 55  LYS A CG  1 
ATOM   96   C CD  . LYS A 1 13  ? 3.540   -14.506 4.686   1.00 6.31  ? 55  LYS A CD  1 
ATOM   97   C CE  . LYS A 1 13  ? 2.953   -14.151 3.342   1.00 6.42  ? 55  LYS A CE  1 
ATOM   98   N NZ  . LYS A 1 13  ? 3.981   -13.903 2.291   1.00 9.09  ? 55  LYS A NZ  1 
ATOM   99   N N   . PRO A 1 14  ? 6.765   -18.318 4.418   1.00 4.53  ? 56  PRO A N   1 
ATOM   100  C CA  . PRO A 1 14  ? 8.106   -18.366 3.830   1.00 4.73  ? 56  PRO A CA  1 
ATOM   101  C C   . PRO A 1 14  ? 8.478   -17.031 3.191   1.00 6.93  ? 56  PRO A C   1 
ATOM   102  O O   . PRO A 1 14  ? 7.585   -16.311 2.729   1.00 6.48  ? 56  PRO A O   1 
ATOM   103  C CB  . PRO A 1 14  ? 7.979   -19.470 2.774   1.00 5.68  ? 56  PRO A CB  1 
ATOM   104  C CG  . PRO A 1 14  ? 6.535   -19.412 2.352   1.00 6.15  ? 56  PRO A CG  1 
ATOM   105  C CD  . PRO A 1 14  ? 5.772   -19.073 3.629   1.00 6.70  ? 56  PRO A CD  1 
ATOM   106  N N   . LYS A 1 15  ? 9.770   -16.715 3.195   1.00 6.57  ? 57  LYS A N   1 
ATOM   107  C CA  . LYS A 1 15  ? 10.292  -15.485 2.614   1.00 4.76  ? 57  LYS A CA  1 
ATOM   108  C C   . LYS A 1 15  ? 10.795  -15.741 1.206   1.00 6.85  ? 57  LYS A C   1 
ATOM   109  O O   . LYS A 1 15  ? 11.112  -16.873 0.850   1.00 8.65  ? 57  LYS A O   1 
ATOM   110  C CB  . LYS A 1 15  ? 11.453  -14.952 3.449   1.00 4.69  ? 57  LYS A CB  1 
ATOM   111  C CG  . LYS A 1 15  ? 11.101  -14.419 4.809   1.00 8.29  ? 57  LYS A CG  1 
ATOM   112  C CD  . LYS A 1 15  ? 12.327  -13.717 5.364   1.00 11.74 ? 57  LYS A CD  1 
ATOM   113  C CE  . LYS A 1 15  ? 12.049  -13.000 6.656   1.00 18.35 ? 57  LYS A CE  1 
ATOM   114  N NZ  . LYS A 1 15  ? 13.302  -12.327 7.105   1.00 17.75 ? 57  LYS A NZ  1 
ATOM   115  N N   . ARG A 1 16  ? 10.901  -14.685 0.410   1.00 5.27  ? 58  ARG A N   1 
ATOM   116  C CA  . ARG A 1 16  ? 11.565  -14.832 -0.878  1.00 5.81  ? 58  ARG A CA  1 
ATOM   117  C C   . ARG A 1 16  ? 12.108  -13.504 -1.376  1.00 9.43  ? 58  ARG A C   1 
ATOM   118  O O   . ARG A 1 16  ? 11.643  -12.439 -0.965  1.00 8.88  ? 58  ARG A O   1 
ATOM   119  C CB  . ARG A 1 16  ? 10.623  -15.451 -1.910  1.00 9.01  ? 58  ARG A CB  1 
ATOM   120  C CG  . ARG A 1 16  ? 11.362  -16.141 -3.057  1.00 11.08 ? 58  ARG A CG  1 
ATOM   121  C CD  . ARG A 1 16  ? 10.500  -17.168 -3.759  1.00 15.66 ? 58  ARG A CD  1 
ATOM   122  N NE  . ARG A 1 16  ? 9.506   -16.543 -4.614  1.00 21.79 ? 58  ARG A NE  1 
ATOM   123  C CZ  . ARG A 1 16  ? 9.194   -16.967 -5.835  1.00 10.42 ? 58  ARG A CZ  1 
ATOM   124  N NH1 . ARG A 1 16  ? 9.783   -18.034 -6.362  1.00 15.11 ? 58  ARG A NH1 1 
ATOM   125  N NH2 . ARG A 1 16  ? 8.279   -16.330 -6.526  1.00 14.78 ? 58  ARG A NH2 1 
ATOM   126  N N   . GLN A 1 17  ? 13.128  -13.578 -2.222  1.00 7.91  ? 59  GLN A N   1 
ATOM   127  C CA  . GLN A 1 17  ? 13.607  -12.407 -2.943  1.00 9.87  ? 59  GLN A CA  1 
ATOM   128  C C   . GLN A 1 17  ? 13.648  -12.707 -4.435  1.00 9.46  ? 59  GLN A C   1 
ATOM   129  O O   . GLN A 1 17  ? 14.105  -13.777 -4.854  1.00 11.42 ? 59  GLN A O   1 
ATOM   130  C CB  . GLN A 1 17  ? 14.980  -11.967 -2.431  1.00 12.97 ? 59  GLN A CB  1 
ATOM   131  C CG  . GLN A 1 17  ? 15.504  -10.677 -3.076  1.00 15.48 ? 59  GLN A CG  1 
ATOM   132  C CD  . GLN A 1 17  ? 14.670  -9.448  -2.736  1.00 18.75 ? 59  GLN A CD  1 
ATOM   133  O OE1 . GLN A 1 17  ? 13.508  -9.336  -3.139  1.00 15.29 ? 59  GLN A OE1 1 
ATOM   134  N NE2 . GLN A 1 17  ? 15.266  -8.514  -1.995  1.00 21.39 ? 59  GLN A NE2 1 
ATOM   135  N N   . THR A 1 18  ? 13.138  -11.777 -5.237  1.00 7.88  ? 60  THR A N   1 
ATOM   136  C CA  . THR A 1 18  ? 13.153  -11.922 -6.686  1.00 6.38  ? 60  THR A CA  1 
ATOM   137  C C   . THR A 1 18  ? 13.571  -10.594 -7.303  1.00 9.04  ? 60  THR A C   1 
ATOM   138  O O   . THR A 1 18  ? 13.516  -9.552  -6.645  1.00 9.09  ? 60  THR A O   1 
ATOM   139  C CB  . THR A 1 18  ? 11.761  -12.316 -7.252  1.00 7.74  ? 60  THR A CB  1 
ATOM   140  O OG1 . THR A 1 18  ? 10.847  -11.214 -7.137  1.00 8.73  ? 60  THR A OG1 1 
ATOM   141  C CG2 . THR A 1 18  ? 11.181  -13.546 -6.553  1.00 11.28 ? 60  THR A CG2 1 
ATOM   142  N N   . ASN A 1 19  ? 13.991  -10.623 -8.562  1.00 8.67  ? 61  ASN A N   1 
ATOM   143  C CA  . ASN A 1 19  ? 14.312  -9.392  -9.267  1.00 8.52  ? 61  ASN A CA  1 
ATOM   144  C C   . ASN A 1 19  ? 13.120  -8.440  -9.328  1.00 9.46  ? 61  ASN A C   1 
ATOM   145  O O   . ASN A 1 19  ? 13.287  -7.227  -9.204  1.00 9.03  ? 61  ASN A O   1 
ATOM   146  C CB  . ASN A 1 19  ? 14.809  -9.691  -10.680 1.00 12.69 ? 61  ASN A CB  1 
ATOM   147  C CG  . ASN A 1 19  ? 16.124  -10.442 -10.689 1.00 17.94 ? 61  ASN A CG  1 
ATOM   148  O OD1 . ASN A 1 19  ? 16.896  -10.379 -9.736  1.00 23.12 ? 61  ASN A OD1 1 
ATOM   149  N ND2 . ASN A 1 19  ? 16.393  -11.142 -11.785 1.00 22.59 ? 61  ASN A ND2 1 
ATOM   150  N N   . GLN A 1 20  ? 11.922  -8.997  -9.512  1.00 7.80  ? 62  GLN A N   1 
ATOM   151  C CA  . GLN A 1 20  ? 10.703  -8.190  -9.546  1.00 7.08  ? 62  GLN A CA  1 
ATOM   152  C C   . GLN A 1 20  ? 10.419  -7.532  -8.201  1.00 5.22  ? 62  GLN A C   1 
ATOM   153  O O   . GLN A 1 20  ? 10.062  -6.352  -8.156  1.00 7.08  ? 62  GLN A O   1 
ATOM   154  C CB  . GLN A 1 20  ? 9.495   -9.004  -10.030 1.00 7.61  ? 62  GLN A CB  1 
ATOM   155  C CG  . GLN A 1 20  ? 9.629   -9.456  -11.487 1.00 10.52 ? 62  GLN A CG  1 
ATOM   156  C CD  . GLN A 1 20  ? 8.339   -10.005 -12.074 1.00 20.21 ? 62  GLN A CD  1 
ATOM   157  O OE1 . GLN A 1 20  ? 7.355   -10.222 -11.366 1.00 22.73 ? 62  GLN A OE1 1 
ATOM   158  N NE2 . GLN A 1 20  ? 8.342   -10.235 -13.383 1.00 23.27 ? 62  GLN A NE2 1 
ATOM   159  N N   . LEU A 1 21  ? 10.570  -8.284  -7.112  1.00 5.68  ? 63  LEU A N   1 
ATOM   160  C CA  . LEU A 1 21  ? 10.377  -7.697  -5.787  1.00 4.65  ? 63  LEU A CA  1 
ATOM   161  C C   . LEU A 1 21  ? 11.404  -6.607  -5.495  1.00 6.11  ? 63  LEU A C   1 
ATOM   162  O O   . LEU A 1 21  ? 11.067  -5.588  -4.893  1.00 7.25  ? 63  LEU A O   1 
ATOM   163  C CB  . LEU A 1 21  ? 10.388  -8.771  -4.692  1.00 7.55  ? 63  LEU A CB  1 
ATOM   164  C CG  . LEU A 1 21  ? 9.100   -9.595  -4.578  1.00 5.93  ? 63  LEU A CG  1 
ATOM   165  C CD1 . LEU A 1 21  ? 9.377   -10.907 -3.846  1.00 6.68  ? 63  LEU A CD1 1 
ATOM   166  C CD2 . LEU A 1 21  ? 7.980   -8.811  -3.885  1.00 6.80  ? 63  LEU A CD2 1 
ATOM   167  N N   . GLN A 1 22  ? 12.649  -6.804  -5.927  1.00 7.27  ? 64  GLN A N   1 
ATOM   168  C CA  . GLN A 1 22  ? 13.684  -5.799  -5.693  1.00 8.80  ? 64  GLN A CA  1 
ATOM   169  C C   . GLN A 1 22  ? 13.312  -4.508  -6.412  1.00 7.55  ? 64  GLN A C   1 
ATOM   170  O O   . GLN A 1 22  ? 13.480  -3.408  -5.873  1.00 8.55  ? 64  GLN A O   1 
ATOM   171  C CB  . GLN A 1 22  ? 15.043  -6.293  -6.195  1.00 9.17  ? 64  GLN A CB  1 
ATOM   172  C CG  . GLN A 1 22  ? 15.658  -7.395  -5.351  1.00 13.52 ? 64  GLN A CG  1 
ATOM   173  C CD  . GLN A 1 22  ? 16.927  -7.945  -5.976  1.00 20.97 ? 64  GLN A CD  1 
ATOM   174  O OE1 . GLN A 1 22  ? 16.878  -8.760  -6.901  1.00 25.64 ? 64  GLN A OE1 1 
ATOM   175  N NE2 . GLN A 1 22  ? 18.072  -7.492  -5.482  1.00 31.99 ? 64  GLN A NE2 1 
ATOM   176  N N   . TYR A 1 23  ? 12.790  -4.664  -7.626  1.00 5.62  ? 65  TYR A N   1 
ATOM   177  C CA  . TYR A 1 23  ? 12.362  -3.541  -8.451  1.00 6.85  ? 65  TYR A CA  1 
ATOM   178  C C   . TYR A 1 23  ? 11.176  -2.829  -7.821  1.00 7.00  ? 65  TYR A C   1 
ATOM   179  O O   . TYR A 1 23  ? 11.089  -1.593  -7.844  1.00 6.39  ? 65  TYR A O   1 
ATOM   180  C CB  . TYR A 1 23  ? 11.983  -4.060  -9.834  1.00 7.32  ? 65  TYR A CB  1 
ATOM   181  C CG  . TYR A 1 23  ? 11.512  -3.028  -10.827 1.00 8.40  ? 65  TYR A CG  1 
ATOM   182  C CD1 . TYR A 1 23  ? 12.420  -2.335  -11.617 1.00 13.49 ? 65  TYR A CD1 1 
ATOM   183  C CD2 . TYR A 1 23  ? 10.159  -2.798  -11.023 1.00 7.48  ? 65  TYR A CD2 1 
ATOM   184  C CE1 . TYR A 1 23  ? 11.982  -1.416  -12.558 1.00 12.38 ? 65  TYR A CE1 1 
ATOM   185  C CE2 . TYR A 1 23  ? 9.715   -1.883  -11.954 1.00 9.41  ? 65  TYR A CE2 1 
ATOM   186  C CZ  . TYR A 1 23  ? 10.633  -1.195  -12.718 1.00 10.44 ? 65  TYR A CZ  1 
ATOM   187  O OH  . TYR A 1 23  ? 10.193  -0.284  -13.644 1.00 13.42 ? 65  TYR A OH  1 
ATOM   188  N N   . LEU A 1 24  ? 10.256  -3.605  -7.262  1.00 6.20  ? 66  LEU A N   1 
ATOM   189  C CA  . LEU A 1 24  ? 9.088   -3.017  -6.611  1.00 4.10  ? 66  LEU A CA  1 
ATOM   190  C C   . LEU A 1 24  ? 9.478   -2.102  -5.461  1.00 6.12  ? 66  LEU A C   1 
ATOM   191  O O   . LEU A 1 24  ? 8.811   -1.096  -5.213  1.00 8.42  ? 66  LEU A O   1 
ATOM   192  C CB  . LEU A 1 24  ? 8.109   -4.093  -6.136  1.00 4.09  ? 66  LEU A CB  1 
ATOM   193  C CG  . LEU A 1 24  ? 7.235   -4.725  -7.222  1.00 5.20  ? 66  LEU A CG  1 
ATOM   194  C CD1 . LEU A 1 24  ? 6.370   -5.829  -6.644  1.00 8.41  ? 66  LEU A CD1 1 
ATOM   195  C CD2 . LEU A 1 24  ? 6.365   -3.683  -7.904  1.00 13.03 ? 66  LEU A CD2 1 
ATOM   196  N N   . LEU A 1 25  ? 10.561  -2.439  -4.768  1.00 6.77  ? 67  LEU A N   1 
ATOM   197  C CA  . LEU A 1 25  ? 11.043  -1.600  -3.681  1.00 5.57  ? 67  LEU A CA  1 
ATOM   198  C C   . LEU A 1 25  ? 11.849  -0.420  -4.209  1.00 7.27  ? 67  LEU A C   1 
ATOM   199  O O   . LEU A 1 25  ? 11.530  0.751   -3.924  1.00 8.69  ? 67  LEU A O   1 
ATOM   200  C CB  . LEU A 1 25  ? 11.899  -2.420  -2.718  1.00 7.26  ? 67  LEU A CB  1 
ATOM   201  C CG  . LEU A 1 25  ? 12.485  -1.595  -1.571  1.00 7.06  ? 67  LEU A CG  1 
ATOM   202  C CD1 . LEU A 1 25  ? 11.391  -0.930  -0.770  1.00 8.73  ? 67  LEU A CD1 1 
ATOM   203  C CD2 . LEU A 1 25  ? 13.328  -2.476  -0.663  1.00 8.53  ? 67  LEU A CD2 1 
ATOM   204  N N   . ARG A 1 26  ? 12.870  -0.733  -5.006  1.00 8.07  ? 68  ARG A N   1 
ATOM   205  C CA  . ARG A 1 26  ? 13.858  0.251   -5.433  1.00 11.19 ? 68  ARG A CA  1 
ATOM   206  C C   . ARG A 1 26  ? 13.263  1.294   -6.361  1.00 8.90  ? 68  ARG A C   1 
ATOM   207  O O   . ARG A 1 26  ? 13.569  2.477   -6.247  1.00 11.81 ? 68  ARG A O   1 
ATOM   208  C CB  . ARG A 1 26  ? 15.031  -0.434  -6.141  1.00 11.77 ? 68  ARG A CB  1 
ATOM   209  C CG  . ARG A 1 26  ? 16.124  0.531   -6.589  1.00 16.73 ? 68  ARG A CG  1 
ATOM   210  C CD  . ARG A 1 26  ? 17.217  -0.185  -7.370  1.00 19.27 ? 68  ARG A CD  1 
ATOM   211  N NE  . ARG A 1 26  ? 16.742  -0.677  -8.664  1.00 25.54 ? 68  ARG A NE  1 
ATOM   212  C CZ  . ARG A 1 26  ? 16.735  0.043   -9.782  1.00 23.53 ? 68  ARG A CZ  1 
ATOM   213  N NH1 . ARG A 1 26  ? 16.284  -0.486  -10.911 1.00 23.77 ? 68  ARG A NH1 1 
ATOM   214  N NH2 . ARG A 1 26  ? 17.171  1.296   -9.771  1.00 25.18 ? 68  ARG A NH2 1 
ATOM   215  N N   . VAL A 1 27  ? 12.422  0.851   -7.287  1.00 5.92  ? 69  VAL A N   1 
ATOM   216  C CA  . VAL A 1 27  ? 11.875  1.740   -8.289  1.00 8.03  ? 69  VAL A CA  1 
ATOM   217  C C   . VAL A 1 27  ? 10.441  2.139   -7.991  1.00 9.87  ? 69  VAL A C   1 
ATOM   218  O O   . VAL A 1 27  ? 10.143  3.325   -7.847  1.00 11.75 ? 69  VAL A O   1 
ATOM   219  C CB  . VAL A 1 27  ? 11.970  1.132   -9.709  1.00 10.92 ? 69  VAL A CB  1 
ATOM   220  C CG1 . VAL A 1 27  ? 11.302  2.045   -10.735 1.00 12.10 ? 69  VAL A CG1 1 
ATOM   221  C CG2 . VAL A 1 27  ? 13.421  0.890   -10.074 1.00 15.44 ? 69  VAL A CG2 1 
ATOM   222  N N   . VAL A 1 28  ? 9.544   1.162   -7.890  1.00 8.49  ? 70  VAL A N   1 
ATOM   223  C CA  . VAL A 1 28  ? 8.122   1.485   -7.819  1.00 5.18  ? 70  VAL A CA  1 
ATOM   224  C C   . VAL A 1 28  ? 7.747   2.177   -6.514  1.00 6.05  ? 70  VAL A C   1 
ATOM   225  O O   . VAL A 1 28  ? 7.237   3.300   -6.533  1.00 6.71  ? 70  VAL A O   1 
ATOM   226  C CB  . VAL A 1 28  ? 7.237   0.254   -8.050  1.00 5.10  ? 70  VAL A CB  1 
ATOM   227  C CG1 . VAL A 1 28  ? 5.762   0.645   -8.008  1.00 7.95  ? 70  VAL A CG1 1 
ATOM   228  C CG2 . VAL A 1 28  ? 7.581   -0.385  -9.397  1.00 7.31  ? 70  VAL A CG2 1 
ATOM   229  N N   . LEU A 1 29  ? 8.016   1.532   -5.383  1.00 6.69  ? 71  LEU A N   1 
ATOM   230  C CA  . LEU A 1 29  ? 7.618   2.129   -4.117  1.00 6.45  ? 71  LEU A CA  1 
ATOM   231  C C   . LEU A 1 29  ? 8.362   3.422   -3.830  1.00 6.93  ? 71  LEU A C   1 
ATOM   232  O O   . LEU A 1 29  ? 7.753   4.419   -3.441  1.00 6.68  ? 71  LEU A O   1 
ATOM   233  C CB  . LEU A 1 29  ? 7.808   1.144   -2.961  1.00 6.31  ? 71  LEU A CB  1 
ATOM   234  C CG  . LEU A 1 29  ? 7.248   1.657   -1.631  1.00 9.50  ? 71  LEU A CG  1 
ATOM   235  C CD1 . LEU A 1 29  ? 6.522   0.551   -0.906  1.00 12.01 ? 71  LEU A CD1 1 
ATOM   236  C CD2 . LEU A 1 29  ? 8.343   2.281   -0.765  1.00 9.19  ? 71  LEU A CD2 1 
ATOM   237  N N   . LYS A 1 30  ? 9.678   3.410   -4.009  1.00 7.89  ? 72  LYS A N   1 
ATOM   238  C CA  . LYS A 1 30  ? 10.457  4.583   -3.640  1.00 9.83  ? 72  LYS A CA  1 
ATOM   239  C C   . LYS A 1 30  ? 10.213  5.778   -4.550  1.00 9.42  ? 72  LYS A C   1 
ATOM   240  O O   . LYS A 1 30  ? 10.434  6.916   -4.136  1.00 11.77 ? 72  LYS A O   1 
ATOM   241  C CB  . LYS A 1 30  ? 11.941  4.241   -3.489  1.00 10.82 ? 72  LYS A CB  1 
ATOM   242  C CG  . LYS A 1 30  ? 12.196  3.384   -2.251  1.00 10.02 ? 72  LYS A CG  1 
ATOM   243  C CD  . LYS A 1 30  ? 13.665  3.044   -2.057  1.00 16.50 ? 72  LYS A CD  1 
ATOM   244  C CE  . LYS A 1 30  ? 13.845  2.146   -0.842  1.00 18.97 ? 72  LYS A CE  1 
ATOM   245  N NZ  . LYS A 1 30  ? 15.279  1.900   -0.525  1.00 22.68 ? 72  LYS A NZ  1 
ATOM   246  N N   . THR A 1 31  ? 9.717   5.536   -5.761  1.00 8.04  ? 73  THR A N   1 
ATOM   247  C CA  . THR A 1 31  ? 9.328   6.639   -6.633  1.00 7.01  ? 73  THR A CA  1 
ATOM   248  C C   . THR A 1 31  ? 7.931   7.151   -6.255  1.00 8.15  ? 73  THR A C   1 
ATOM   249  O O   . THR A 1 31  ? 7.751   8.345   -6.080  1.00 7.79  ? 73  THR A O   1 
ATOM   250  C CB  . THR A 1 31  ? 9.398   6.258   -8.118  1.00 11.49 ? 73  THR A CB  1 
ATOM   251  O OG1 . THR A 1 31  ? 10.698  5.723   -8.405  1.00 11.44 ? 73  THR A OG1 1 
ATOM   252  C CG2 . THR A 1 31  ? 9.170   7.475   -8.982  1.00 12.95 ? 73  THR A CG2 1 
ATOM   253  N N   . LEU A 1 32  ? 6.960   6.252   -6.088  1.00 6.47  ? 74  LEU A N   1 
ATOM   254  C CA  . LEU A 1 32  ? 5.621   6.654   -5.649  1.00 7.64  ? 74  LEU A CA  1 
ATOM   255  C C   . LEU A 1 32  ? 5.663   7.445   -4.346  1.00 6.90  ? 74  LEU A C   1 
ATOM   256  O O   . LEU A 1 32  ? 4.909   8.404   -4.177  1.00 6.62  ? 74  LEU A O   1 
ATOM   257  C CB  . LEU A 1 32  ? 4.710   5.438   -5.464  1.00 9.06  ? 74  LEU A CB  1 
ATOM   258  C CG  . LEU A 1 32  ? 4.045   4.863   -6.714  1.00 13.44 ? 74  LEU A CG  1 
ATOM   259  C CD1 . LEU A 1 32  ? 3.222   3.639   -6.332  1.00 17.33 ? 74  LEU A CD1 1 
ATOM   260  C CD2 . LEU A 1 32  ? 3.166   5.920   -7.353  1.00 18.89 ? 74  LEU A CD2 1 
ATOM   261  N N   . TRP A 1 33  ? 6.559   7.047   -3.447  1.00 5.78  ? 75  TRP A N   1 
ATOM   262  C CA  . TRP A 1 33  ? 6.707   7.681   -2.140  1.00 4.91  ? 75  TRP A CA  1 
ATOM   263  C C   . TRP A 1 33  ? 6.980   9.175   -2.251  1.00 7.06  ? 75  TRP A C   1 
ATOM   264  O O   . TRP A 1 33  ? 6.602   9.948   -1.371  1.00 5.82  ? 75  TRP A O   1 
ATOM   265  C CB  . TRP A 1 33  ? 7.865   7.022   -1.396  1.00 4.86  ? 75  TRP A CB  1 
ATOM   266  C CG  . TRP A 1 33  ? 7.923   7.337   0.050   1.00 6.64  ? 75  TRP A CG  1 
ATOM   267  C CD1 . TRP A 1 33  ? 8.514   8.417   0.639   1.00 9.21  ? 75  TRP A CD1 1 
ATOM   268  C CD2 . TRP A 1 33  ? 7.389   6.541   1.110   1.00 6.08  ? 75  TRP A CD2 1 
ATOM   269  N NE1 . TRP A 1 33  ? 8.368   8.344   2.006   1.00 9.58  ? 75  TRP A NE1 1 
ATOM   270  C CE2 . TRP A 1 33  ? 7.685   7.196   2.314   1.00 6.22  ? 75  TRP A CE2 1 
ATOM   271  C CE3 . TRP A 1 33  ? 6.681   5.337   1.152   1.00 8.28  ? 75  TRP A CE3 1 
ATOM   272  C CZ2 . TRP A 1 33  ? 7.291   6.692   3.549   1.00 6.74  ? 75  TRP A CZ2 1 
ATOM   273  C CZ3 . TRP A 1 33  ? 6.298   4.834   2.379   1.00 9.06  ? 75  TRP A CZ3 1 
ATOM   274  C CH2 . TRP A 1 33  ? 6.607   5.504   3.557   1.00 6.78  ? 75  TRP A CH2 1 
ATOM   275  N N   . LYS A 1 34  ? 7.650   9.575   -3.329  1.00 5.87  ? 76  LYS A N   1 
ATOM   276  C CA  . LYS A 1 34  ? 8.046   10.970  -3.509  1.00 8.60  ? 76  LYS A CA  1 
ATOM   277  C C   . LYS A 1 34  ? 6.995   11.841  -4.187  1.00 7.90  ? 76  LYS A C   1 
ATOM   278  O O   . LYS A 1 34  ? 7.159   13.064  -4.289  1.00 9.01  ? 76  LYS A O   1 
ATOM   279  C CB  . LYS A 1 34  ? 9.338   11.030  -4.316  1.00 7.32  ? 76  LYS A CB  1 
ATOM   280  C CG  . LYS A 1 34  ? 10.544  10.473  -3.579  1.00 8.48  ? 76  LYS A CG  1 
ATOM   281  C CD  . LYS A 1 34  ? 11.753  10.440  -4.490  1.00 15.40 ? 76  LYS A CD  1 
ATOM   282  C CE  . LYS A 1 34  ? 12.909  9.719   -3.826  1.00 13.75 ? 76  LYS A CE  1 
ATOM   283  N NZ  . LYS A 1 34  ? 13.314  10.379  -2.554  1.00 26.60 ? 76  LYS A NZ  1 
ATOM   284  N N   . HIS A 1 35  ? 5.927   11.220  -4.671  1.00 5.86  ? 77  HIS A N   1 
ATOM   285  C CA  . HIS A 1 35  ? 4.871   11.951  -5.355  1.00 7.24  ? 77  HIS A CA  1 
ATOM   286  C C   . HIS A 1 35  ? 4.173   12.907  -4.389  1.00 5.81  ? 77  HIS A C   1 
ATOM   287  O O   . HIS A 1 35  ? 4.043   12.608  -3.202  1.00 7.48  ? 77  HIS A O   1 
ATOM   288  C CB  . HIS A 1 35  ? 3.857   10.967  -5.947  1.00 8.35  ? 77  HIS A CB  1 
ATOM   289  C CG  . HIS A 1 35  ? 2.894   11.601  -6.898  1.00 8.09  ? 77  HIS A CG  1 
ATOM   290  N ND1 . HIS A 1 35  ? 1.769   12.280  -6.482  1.00 7.92  ? 77  HIS A ND1 1 
ATOM   291  C CD2 . HIS A 1 35  ? 2.896   11.663  -8.250  1.00 11.94 ? 77  HIS A CD2 1 
ATOM   292  C CE1 . HIS A 1 35  ? 1.117   12.734  -7.539  1.00 8.97  ? 77  HIS A CE1 1 
ATOM   293  N NE2 . HIS A 1 35  ? 1.774   12.360  -8.625  1.00 9.86  ? 77  HIS A NE2 1 
ATOM   294  N N   . GLN A 1 36  ? 3.733   14.057  -4.897  1.00 5.90  ? 78  GLN A N   1 
ATOM   295  C CA  . GLN A 1 36  ? 3.088   15.068  -4.051  1.00 6.75  ? 78  GLN A CA  1 
ATOM   296  C C   . GLN A 1 36  ? 1.835   14.569  -3.338  1.00 8.21  ? 78  GLN A C   1 
ATOM   297  O O   . GLN A 1 36  ? 1.419   15.146  -2.319  1.00 9.28  ? 78  GLN A O   1 
ATOM   298  C CB  . GLN A 1 36  ? 2.761   16.329  -4.861  1.00 11.29 ? 78  GLN A CB  1 
ATOM   299  C CG  . GLN A 1 36  ? 1.642   16.148  -5.867  1.00 12.75 ? 78  GLN A CG  1 
ATOM   300  C CD  . GLN A 1 36  ? 1.164   17.459  -6.474  1.00 20.10 ? 78  GLN A CD  1 
ATOM   301  O OE1 . GLN A 1 36  ? 1.308   18.520  -5.877  1.00 18.07 ? 78  GLN A OE1 1 
ATOM   302  N NE2 . GLN A 1 36  ? 0.600   17.383  -7.675  1.00 26.41 ? 78  GLN A NE2 1 
ATOM   303  N N   . PHE A 1 37  ? 1.236   13.504  -3.857  1.00 6.11  ? 79  PHE A N   1 
ATOM   304  C CA  . PHE A 1 37  ? 0.006   12.966  -3.275  1.00 5.74  ? 79  PHE A CA  1 
ATOM   305  C C   . PHE A 1 37  ? 0.235   11.696  -2.452  1.00 6.45  ? 79  PHE A C   1 
ATOM   306  O O   . PHE A 1 37  ? -0.727  11.039  -2.054  1.00 7.01  ? 79  PHE A O   1 
ATOM   307  C CB  . PHE A 1 37  ? -1.023  12.653  -4.373  1.00 8.01  ? 79  PHE A CB  1 
ATOM   308  C CG  . PHE A 1 37  ? -1.564  13.863  -5.089  1.00 8.58  ? 79  PHE A CG  1 
ATOM   309  C CD1 . PHE A 1 37  ? -1.459  15.137  -4.547  1.00 9.06  ? 79  PHE A CD1 1 
ATOM   310  C CD2 . PHE A 1 37  ? -2.204  13.706  -6.307  1.00 9.44  ? 79  PHE A CD2 1 
ATOM   311  C CE1 . PHE A 1 37  ? -1.980  16.239  -5.228  1.00 10.71 ? 79  PHE A CE1 1 
ATOM   312  C CE2 . PHE A 1 37  ? -2.725  14.800  -6.984  1.00 11.71 ? 79  PHE A CE2 1 
ATOM   313  C CZ  . PHE A 1 37  ? -2.604  16.064  -6.440  1.00 10.70 ? 79  PHE A CZ  1 
ATOM   314  N N   . ALA A 1 38  ? 1.490   11.347  -2.191  1.00 6.14  ? 80  ALA A N   1 
ATOM   315  C CA  . ALA A 1 38  ? 1.800   10.112  -1.463  1.00 5.74  ? 80  ALA A CA  1 
ATOM   316  C C   . ALA A 1 38  ? 1.536   10.175  0.044   1.00 5.48  ? 80  ALA A C   1 
ATOM   317  O O   . ALA A 1 38  ? 1.305   9.145   0.666   1.00 6.61  ? 80  ALA A O   1 
ATOM   318  C CB  . ALA A 1 38  ? 3.242   9.697   -1.697  1.00 7.50  ? 80  ALA A CB  1 
ATOM   319  N N   . TRP A 1 39  ? 1.603   11.368  0.628   1.00 5.27  ? 81  TRP A N   1 
ATOM   320  C CA  . TRP A 1 39  ? 1.572   11.502  2.084   1.00 5.26  ? 81  TRP A CA  1 
ATOM   321  C C   . TRP A 1 39  ? 0.415   10.840  2.861   1.00 4.66  ? 81  TRP A C   1 
ATOM   322  O O   . TRP A 1 39  ? 0.650   10.345  3.958   1.00 4.66  ? 81  TRP A O   1 
ATOM   323  C CB  . TRP A 1 39  ? 1.782   12.968  2.515   1.00 5.99  ? 81  TRP A CB  1 
ATOM   324  C CG  . TRP A 1 39  ? 0.750   13.918  2.014   1.00 6.39  ? 81  TRP A CG  1 
ATOM   325  C CD1 . TRP A 1 39  ? 0.806   14.668  0.871   1.00 6.66  ? 81  TRP A CD1 1 
ATOM   326  C CD2 . TRP A 1 39  ? -0.493  14.244  2.648   1.00 4.87  ? 81  TRP A CD2 1 
ATOM   327  N NE1 . TRP A 1 39  ? -0.330  15.434  0.754   1.00 4.97  ? 81  TRP A NE1 1 
ATOM   328  C CE2 . TRP A 1 39  ? -1.149  15.182  1.826   1.00 3.83  ? 81  TRP A CE2 1 
ATOM   329  C CE3 . TRP A 1 39  ? -1.128  13.814  3.819   1.00 7.28  ? 81  TRP A CE3 1 
ATOM   330  C CZ2 . TRP A 1 39  ? -2.397  15.711  2.145   1.00 5.89  ? 81  TRP A CZ2 1 
ATOM   331  C CZ3 . TRP A 1 39  ? -2.373  14.339  4.133   1.00 7.11  ? 81  TRP A CZ3 1 
ATOM   332  C CH2 . TRP A 1 39  ? -2.990  15.285  3.306   1.00 6.09  ? 81  TRP A CH2 1 
ATOM   333  N N   . PRO A 1 40  ? -0.823  10.810  2.314   1.00 3.05  ? 82  PRO A N   1 
ATOM   334  C CA  . PRO A 1 40  ? -1.868  10.161  3.122   1.00 4.56  ? 82  PRO A CA  1 
ATOM   335  C C   . PRO A 1 40  ? -1.681  8.648   3.238   1.00 3.74  ? 82  PRO A C   1 
ATOM   336  O O   . PRO A 1 40  ? -2.310  8.013   4.089   1.00 4.40  ? 82  PRO A O   1 
ATOM   337  C CB  . PRO A 1 40  ? -3.153  10.428  2.326   1.00 4.48  ? 82  PRO A CB  1 
ATOM   338  C CG  . PRO A 1 40  ? -2.832  11.608  1.461   1.00 3.85  ? 82  PRO A CG  1 
ATOM   339  C CD  . PRO A 1 40  ? -1.385  11.420  1.098   1.00 3.52  ? 82  PRO A CD  1 
ATOM   340  N N   . PHE A 1 41  ? -0.817  8.095   2.393   1.00 4.07  ? 83  PHE A N   1 
ATOM   341  C CA  . PHE A 1 41  ? -0.706  6.658   2.227   1.00 3.34  ? 83  PHE A CA  1 
ATOM   342  C C   . PHE A 1 41  ? 0.628   6.111   2.718   1.00 5.70  ? 83  PHE A C   1 
ATOM   343  O O   . PHE A 1 41  ? 0.931   4.939   2.496   1.00 5.59  ? 83  PHE A O   1 
ATOM   344  C CB  . PHE A 1 41  ? -0.904  6.298   0.747   1.00 4.76  ? 83  PHE A CB  1 
ATOM   345  C CG  . PHE A 1 41  ? -2.147  6.889   0.158   1.00 4.43  ? 83  PHE A CG  1 
ATOM   346  C CD1 . PHE A 1 41  ? -3.382  6.307   0.406   1.00 5.60  ? 83  PHE A CD1 1 
ATOM   347  C CD2 . PHE A 1 41  ? -2.094  8.044   -0.607  1.00 5.43  ? 83  PHE A CD2 1 
ATOM   348  C CE1 . PHE A 1 41  ? -4.547  6.867   -0.108  1.00 7.39  ? 83  PHE A CE1 1 
ATOM   349  C CE2 . PHE A 1 41  ? -3.252  8.603   -1.127  1.00 5.13  ? 83  PHE A CE2 1 
ATOM   350  C CZ  . PHE A 1 41  ? -4.474  8.012   -0.889  1.00 4.85  ? 83  PHE A CZ  1 
ATOM   351  N N   . GLN A 1 42  ? 1.415   6.939   3.400   1.00 3.14  ? 84  GLN A N   1 
ATOM   352  C CA  . GLN A 1 42  ? 2.750   6.520   3.862   1.00 3.83  ? 84  GLN A CA  1 
ATOM   353  C C   . GLN A 1 42  ? 2.767   5.799   5.217   1.00 4.72  ? 84  GLN A C   1 
ATOM   354  O O   . GLN A 1 42  ? 3.829   5.347   5.681   1.00 6.20  ? 84  GLN A O   1 
ATOM   355  C CB  . GLN A 1 42  ? 3.703   7.711   3.891   1.00 4.70  ? 84  GLN A CB  1 
ATOM   356  C CG  . GLN A 1 42  ? 4.027   8.252   2.509   1.00 5.49  ? 84  GLN A CG  1 
ATOM   357  C CD  . GLN A 1 42  ? 4.833   9.527   2.555   1.00 7.47  ? 84  GLN A CD  1 
ATOM   358  O OE1 . GLN A 1 42  ? 4.839   10.241  3.559   1.00 10.01 ? 84  GLN A OE1 1 
ATOM   359  N NE2 . GLN A 1 42  ? 5.528   9.824   1.456   1.00 7.97  ? 84  GLN A NE2 1 
ATOM   360  N N   . GLN A 1 43  ? 1.599   5.672   5.840   1.00 4.94  ? 85  GLN A N   1 
ATOM   361  C CA  . GLN A 1 43  ? 1.483   5.042   7.162   1.00 4.57  ? 85  GLN A CA  1 
ATOM   362  C C   . GLN A 1 43  ? 0.063   4.516   7.339   1.00 5.17  ? 85  GLN A C   1 
ATOM   363  O O   . GLN A 1 43  ? -0.851  4.953   6.624   1.00 6.00  ? 85  GLN A O   1 
ATOM   364  C CB  . GLN A 1 43  ? 1.777   6.069   8.262   1.00 6.14  ? 85  GLN A CB  1 
ATOM   365  C CG  . GLN A 1 43  ? 0.846   7.279   8.252   1.00 5.97  ? 85  GLN A CG  1 
ATOM   366  C CD  . GLN A 1 43  ? 1.183   8.263   7.140   1.00 6.86  ? 85  GLN A CD  1 
ATOM   367  O OE1 . GLN A 1 43  ? 2.329   8.699   7.014   1.00 9.86  ? 85  GLN A OE1 1 
ATOM   368  N NE2 . GLN A 1 43  ? 0.195   8.597   6.322   1.00 6.51  ? 85  GLN A NE2 1 
ATOM   369  N N   . PRO A 1 44  ? -0.135  3.584   8.290   1.00 5.67  ? 86  PRO A N   1 
ATOM   370  C CA  . PRO A 1 44  ? -1.497  3.127   8.564   1.00 6.02  ? 86  PRO A CA  1 
ATOM   371  C C   . PRO A 1 44  ? -2.366  4.284   9.024   1.00 5.58  ? 86  PRO A C   1 
ATOM   372  O O   . PRO A 1 44  ? -1.885  5.178   9.718   1.00 6.35  ? 86  PRO A O   1 
ATOM   373  C CB  . PRO A 1 44  ? -1.307  2.151   9.733   1.00 8.72  ? 86  PRO A CB  1 
ATOM   374  C CG  . PRO A 1 44  ? 0.081   1.635   9.567   1.00 7.11  ? 86  PRO A CG  1 
ATOM   375  C CD  . PRO A 1 44  ? 0.871   2.809   9.040   1.00 8.10  ? 86  PRO A CD  1 
ATOM   376  N N   . VAL A 1 45  ? -3.634  4.260   8.641   1.00 5.24  ? 87  VAL A N   1 
ATOM   377  C CA  . VAL A 1 45  ? -4.590  5.245   9.123   1.00 5.46  ? 87  VAL A CA  1 
ATOM   378  C C   . VAL A 1 45  ? -4.670  5.206   10.653  1.00 7.73  ? 87  VAL A C   1 
ATOM   379  O O   . VAL A 1 45  ? -4.888  4.147   11.249  1.00 7.22  ? 87  VAL A O   1 
ATOM   380  C CB  . VAL A 1 45  ? -5.979  4.981   8.523   1.00 5.95  ? 87  VAL A CB  1 
ATOM   381  C CG1 . VAL A 1 45  ? -7.056  5.788   9.268   1.00 7.96  ? 87  VAL A CG1 1 
ATOM   382  C CG2 . VAL A 1 45  ? -5.987  5.293   7.018   1.00 8.70  ? 87  VAL A CG2 1 
ATOM   383  N N   . ASP A 1 46  ? -4.460  6.358   11.289  1.00 6.51  ? 88  ASP A N   1 
ATOM   384  C CA  . ASP A 1 46  ? -4.654  6.484   12.729  1.00 7.54  ? 88  ASP A CA  1 
ATOM   385  C C   . ASP A 1 46  ? -6.006  7.139   12.963  1.00 5.99  ? 88  ASP A C   1 
ATOM   386  O O   . ASP A 1 46  ? -6.168  8.354   12.780  1.00 5.70  ? 88  ASP A O   1 
ATOM   387  C CB  . ASP A 1 46  ? -3.524  7.313   13.340  1.00 8.42  ? 88  ASP A CB  1 
ATOM   388  C CG  . ASP A 1 46  ? -3.590  7.387   14.860  1.00 10.47 ? 88  ASP A CG  1 
ATOM   389  O OD1 . ASP A 1 46  ? -4.694  7.313   15.445  1.00 7.75  ? 88  ASP A OD1 1 
ATOM   390  O OD2 . ASP A 1 46  ? -2.515  7.536   15.474  1.00 13.77 ? 88  ASP A OD2 1 
ATOM   391  N N   . ALA A 1 47  ? -6.980  6.336   13.379  1.00 5.12  ? 89  ALA A N   1 
ATOM   392  C CA  . ALA A 1 47  ? -8.364  6.799   13.474  1.00 6.21  ? 89  ALA A CA  1 
ATOM   393  C C   . ALA A 1 47  ? -8.560  7.812   14.592  1.00 6.62  ? 89  ALA A C   1 
ATOM   394  O O   . ALA A 1 47  ? -9.498  8.605   14.554  1.00 6.46  ? 89  ALA A O   1 
ATOM   395  C CB  . ALA A 1 47  ? -9.304  5.615   13.659  1.00 7.97  ? 89  ALA A CB  1 
ATOM   396  N N   . VAL A 1 48  ? -7.687  7.762   15.599  1.00 5.88  ? 90  VAL A N   1 
ATOM   397  C CA  . VAL A 1 48  ? -7.734  8.738   16.685  1.00 7.43  ? 90  VAL A CA  1 
ATOM   398  C C   . VAL A 1 48  ? -7.162  10.074  16.219  1.00 7.11  ? 90  VAL A C   1 
ATOM   399  O O   . VAL A 1 48  ? -7.793  11.122  16.376  1.00 7.89  ? 90  VAL A O   1 
ATOM   400  C CB  . VAL A 1 48  ? -6.960  8.243   17.909  1.00 8.22  ? 90  VAL A CB  1 
ATOM   401  C CG1 . VAL A 1 48  ? -7.049  9.265   19.031  1.00 9.72  ? 90  VAL A CG1 1 
ATOM   402  C CG2 . VAL A 1 48  ? -7.536  6.912   18.373  1.00 9.90  ? 90  VAL A CG2 1 
ATOM   403  N N   . LYS A 1 49  ? -5.974  10.023  15.620  1.00 5.26  ? 91  LYS A N   1 
ATOM   404  C CA  . LYS A 1 49  ? -5.312  11.216  15.111  1.00 7.42  ? 91  LYS A CA  1 
ATOM   405  C C   . LYS A 1 49  ? -6.163  11.929  14.073  1.00 7.67  ? 91  LYS A C   1 
ATOM   406  O O   . LYS A 1 49  ? -6.375  13.148  14.152  1.00 7.39  ? 91  LYS A O   1 
ATOM   407  C CB  . LYS A 1 49  ? -3.972  10.843  14.476  1.00 7.39  ? 91  LYS A CB  1 
ATOM   408  C CG  . LYS A 1 49  ? -3.268  11.998  13.761  1.00 14.22 ? 91  LYS A CG  1 
ATOM   409  C CD  . LYS A 1 49  ? -2.594  12.934  14.741  1.00 15.31 ? 91  LYS A CD  1 
ATOM   410  C CE  . LYS A 1 49  ? -1.519  13.786  14.063  1.00 17.31 ? 91  LYS A CE  1 
ATOM   411  N NZ  . LYS A 1 49  ? -2.078  14.956  13.341  1.00 17.93 ? 91  LYS A NZ  1 
ATOM   412  N N   . LEU A 1 50  ? -6.665  11.159  13.114  1.00 5.34  ? 92  LEU A N   1 
ATOM   413  C CA  . LEU A 1 50  ? -7.340  11.729  11.947  1.00 6.17  ? 92  LEU A CA  1 
ATOM   414  C C   . LEU A 1 50  ? -8.830  11.950  12.163  1.00 7.41  ? 92  LEU A C   1 
ATOM   415  O O   . LEU A 1 50  ? -9.501  12.500  11.292  1.00 7.76  ? 92  LEU A O   1 
ATOM   416  C CB  . LEU A 1 50  ? -7.134  10.831  10.726  1.00 5.95  ? 92  LEU A CB  1 
ATOM   417  C CG  . LEU A 1 50  ? -5.676  10.610  10.331  1.00 7.15  ? 92  LEU A CG  1 
ATOM   418  C CD1 . LEU A 1 50  ? -5.583  9.725   9.093   1.00 7.10  ? 92  LEU A CD1 1 
ATOM   419  C CD2 . LEU A 1 50  ? -4.970  11.937  10.101  1.00 9.74  ? 92  LEU A CD2 1 
ATOM   420  N N   . ASN A 1 51  ? -9.334  11.526  13.323  1.00 7.11  ? 93  ASN A N   1 
ATOM   421  C CA  . ASN A 1 51  ? -10.746 11.697  13.666  1.00 8.22  ? 93  ASN A CA  1 
ATOM   422  C C   . ASN A 1 51  ? -11.649 10.984  12.667  1.00 8.98  ? 93  ASN A C   1 
ATOM   423  O O   . ASN A 1 51  ? -12.627 11.552  12.156  1.00 8.87  ? 93  ASN A O   1 
ATOM   424  C CB  . ASN A 1 51  ? -11.089 13.183  13.778  1.00 9.01  ? 93  ASN A CB  1 
ATOM   425  C CG  . ASN A 1 51  ? -10.034 13.950  14.529  1.00 6.04  ? 93  ASN A CG  1 
ATOM   426  O OD1 . ASN A 1 51  ? -9.459  13.442  15.487  1.00 7.51  ? 93  ASN A OD1 1 
ATOM   427  N ND2 . ASN A 1 51  ? -9.739  15.164  14.074  1.00 9.50  ? 93  ASN A ND2 1 
ATOM   428  N N   . LEU A 1 52  ? -11.291 9.729   12.406  1.00 7.74  ? 94  LEU A N   1 
ATOM   429  C CA  . LEU A 1 52  ? -12.028 8.842   11.513  1.00 6.22  ? 94  LEU A CA  1 
ATOM   430  C C   . LEU A 1 52  ? -12.449 7.622   12.317  1.00 6.29  ? 94  LEU A C   1 
ATOM   431  O O   . LEU A 1 52  ? -11.933 6.521   12.095  1.00 5.36  ? 94  LEU A O   1 
ATOM   432  C CB  . LEU A 1 52  ? -11.123 8.399   10.366  1.00 6.59  ? 94  LEU A CB  1 
ATOM   433  C CG  . LEU A 1 52  ? -10.527 9.507   9.507   1.00 7.20  ? 94  LEU A CG  1 
ATOM   434  C CD1 . LEU A 1 52  ? -9.572  8.948   8.450   1.00 7.99  ? 94  LEU A CD1 1 
ATOM   435  C CD2 . LEU A 1 52  ? -11.653 10.280  8.853   1.00 8.98  ? 94  LEU A CD2 1 
ATOM   436  N N   . PRO A 1 53  ? -13.366 7.804   13.272  1.00 7.16  ? 95  PRO A N   1 
ATOM   437  C CA  . PRO A 1 53  ? -13.642 6.732   14.235  1.00 6.71  ? 95  PRO A CA  1 
ATOM   438  C C   . PRO A 1 53  ? -14.236 5.483   13.609  1.00 5.92  ? 95  PRO A C   1 
ATOM   439  O O   . PRO A 1 53  ? -14.177 4.411   14.218  1.00 7.54  ? 95  PRO A O   1 
ATOM   440  C CB  . PRO A 1 53  ? -14.655 7.383   15.204  1.00 6.61  ? 95  PRO A CB  1 
ATOM   441  C CG  . PRO A 1 53  ? -15.251 8.479   14.431  1.00 7.26  ? 95  PRO A CG  1 
ATOM   442  C CD  . PRO A 1 53  ? -14.158 9.011   13.563  1.00 7.73  ? 95  PRO A CD  1 
ATOM   443  N N   . ASP A 1 54  ? -14.795 5.606   12.410  1.00 4.82  ? 96  ASP A N   1 
ATOM   444  C CA  . ASP A 1 54  ? -15.363 4.447   11.735  1.00 5.54  ? 96  ASP A CA  1 
ATOM   445  C C   . ASP A 1 54  ? -14.428 3.814   10.723  1.00 5.14  ? 96  ASP A C   1 
ATOM   446  O O   . ASP A 1 54  ? -14.847 2.917   10.017  1.00 5.67  ? 96  ASP A O   1 
ATOM   447  C CB  . ASP A 1 54  ? -16.692 4.796   11.041  1.00 6.82  ? 96  ASP A CB  1 
ATOM   448  C CG  . ASP A 1 54  ? -16.546 5.890   9.987   1.00 6.80  ? 96  ASP A CG  1 
ATOM   449  O OD1 . ASP A 1 54  ? -15.466 6.503   9.890   1.00 7.82  ? 96  ASP A OD1 1 
ATOM   450  O OD2 . ASP A 1 54  ? -17.523 6.150   9.251   1.00 10.13 ? 96  ASP A OD2 1 
ATOM   451  N N   . TYR A 1 55  ? -13.182 4.282   10.631  1.00 5.52  ? 97  TYR A N   1 
ATOM   452  C CA  . TYR A 1 55  ? -12.321 3.797   9.554   1.00 5.34  ? 97  TYR A CA  1 
ATOM   453  C C   . TYR A 1 55  ? -12.226 2.279   9.542   1.00 4.04  ? 97  TYR A C   1 
ATOM   454  O O   . TYR A 1 55  ? -12.452 1.645   8.507   1.00 4.45  ? 97  TYR A O   1 
ATOM   455  C CB  . TYR A 1 55  ? -10.912 4.382   9.608   1.00 4.27  ? 97  TYR A CB  1 
ATOM   456  C CG  . TYR A 1 55  ? -10.122 3.964   8.381   1.00 3.29  ? 97  TYR A CG  1 
ATOM   457  C CD1 . TYR A 1 55  ? -10.282 4.632   7.176   1.00 5.92  ? 97  TYR A CD1 1 
ATOM   458  C CD2 . TYR A 1 55  ? -9.264  2.878   8.418   1.00 4.61  ? 97  TYR A CD2 1 
ATOM   459  C CE1 . TYR A 1 55  ? -9.593  4.234   6.041   1.00 5.79  ? 97  TYR A CE1 1 
ATOM   460  C CE2 . TYR A 1 55  ? -8.571  2.472   7.284   1.00 4.59  ? 97  TYR A CE2 1 
ATOM   461  C CZ  . TYR A 1 55  ? -8.736  3.168   6.106   1.00 5.85  ? 97  TYR A CZ  1 
ATOM   462  O OH  . TYR A 1 55  ? -8.054  2.779   4.967   1.00 5.33  ? 97  TYR A OH  1 
ATOM   463  N N   . TYR A 1 56  ? -11.906 1.699   10.693  1.00 4.06  ? 98  TYR A N   1 
ATOM   464  C CA  . TYR A 1 56  ? -11.728 0.255   10.776  1.00 4.90  ? 98  TYR A CA  1 
ATOM   465  C C   . TYR A 1 56  ? -13.041 -0.492  10.984  1.00 4.81  ? 98  TYR A C   1 
ATOM   466  O O   . TYR A 1 56  ? -13.071 -1.723  10.953  1.00 6.25  ? 98  TYR A O   1 
ATOM   467  C CB  . TYR A 1 56  ? -10.682 -0.083  11.832  1.00 4.67  ? 98  TYR A CB  1 
ATOM   468  C CG  . TYR A 1 56  ? -9.313  0.435   11.443  1.00 3.57  ? 98  TYR A CG  1 
ATOM   469  C CD1 . TYR A 1 56  ? -8.553  -0.232  10.496  1.00 4.96  ? 98  TYR A CD1 1 
ATOM   470  C CD2 . TYR A 1 56  ? -8.792  1.601   12.002  1.00 4.55  ? 98  TYR A CD2 1 
ATOM   471  C CE1 . TYR A 1 56  ? -7.309  0.221   10.126  1.00 6.27  ? 98  TYR A CE1 1 
ATOM   472  C CE2 . TYR A 1 56  ? -7.519  2.068   11.639  1.00 4.58  ? 98  TYR A CE2 1 
ATOM   473  C CZ  . TYR A 1 56  ? -6.793  1.365   10.688  1.00 5.32  ? 98  TYR A CZ  1 
ATOM   474  O OH  . TYR A 1 56  ? -5.534  1.788   10.295  1.00 6.07  ? 98  TYR A OH  1 
ATOM   475  N N   . LYS A 1 57  ? -14.128 0.257   11.149  1.00 4.79  ? 99  LYS A N   1 
ATOM   476  C CA  . LYS A 1 57  ? -15.466 -0.317  11.088  1.00 5.30  ? 99  LYS A CA  1 
ATOM   477  C C   . LYS A 1 57  ? -15.852 -0.583  9.632   1.00 7.97  ? 99  LYS A C   1 
ATOM   478  O O   . LYS A 1 57  ? -16.669 -1.458  9.339   1.00 9.05  ? 99  LYS A O   1 
ATOM   479  C CB  . LYS A 1 57  ? -16.484 0.625   11.721  1.00 5.68  ? 99  LYS A CB  1 
ATOM   480  C CG  . LYS A 1 57  ? -16.191 0.961   13.163  1.00 7.43  ? 99  LYS A CG  1 
ATOM   481  C CD  . LYS A 1 57  ? -17.347 1.755   13.733  1.00 7.45  ? 99  LYS A CD  1 
ATOM   482  C CE  . LYS A 1 57  ? -17.051 2.244   15.138  1.00 7.67  ? 99  LYS A CE  1 
ATOM   483  N NZ  . LYS A 1 57  ? -16.629 1.140   16.052  1.00 8.56  ? 99  LYS A NZ  1 
ATOM   484  N N   . ILE A 1 58  ? -15.255 0.180   8.723   1.00 5.80  ? 100 ILE A N   1 
ATOM   485  C CA  . ILE A 1 58  ? -15.517 0.038   7.293   1.00 6.90  ? 100 ILE A CA  1 
ATOM   486  C C   . ILE A 1 58  ? -14.449 -0.815  6.593   1.00 6.56  ? 100 ILE A C   1 
ATOM   487  O O   . ILE A 1 58  ? -14.762 -1.702  5.781   1.00 8.18  ? 100 ILE A O   1 
ATOM   488  C CB  . ILE A 1 58  ? -15.569 1.431   6.606   1.00 4.59  ? 100 ILE A CB  1 
ATOM   489  C CG1 . ILE A 1 58  ? -16.676 2.307   7.209   1.00 10.46 ? 100 ILE A CG1 1 
ATOM   490  C CG2 . ILE A 1 58  ? -15.755 1.292   5.094   1.00 6.50  ? 100 ILE A CG2 1 
ATOM   491  C CD1 . ILE A 1 58  ? -18.062 1.773   7.006   1.00 12.23 ? 100 ILE A CD1 1 
ATOM   492  N N   . ILE A 1 59  ? -13.188 -0.534  6.901   1.00 3.69  ? 101 ILE A N   1 
ATOM   493  C CA  . ILE A 1 59  ? -12.058 -1.160  6.213   1.00 4.31  ? 101 ILE A CA  1 
ATOM   494  C C   . ILE A 1 59  ? -11.513 -2.334  7.024   1.00 4.89  ? 101 ILE A C   1 
ATOM   495  O O   . ILE A 1 59  ? -10.942 -2.144  8.104   1.00 5.64  ? 101 ILE A O   1 
ATOM   496  C CB  . ILE A 1 59  ? -10.951 -0.111  5.930   1.00 5.20  ? 101 ILE A CB  1 
ATOM   497  C CG1 . ILE A 1 59  ? -11.465 0.962   4.956   1.00 4.92  ? 101 ILE A CG1 1 
ATOM   498  C CG2 . ILE A 1 59  ? -9.679  -0.778  5.387   1.00 5.29  ? 101 ILE A CG2 1 
ATOM   499  C CD1 . ILE A 1 59  ? -12.007 0.394   3.642   1.00 5.76  ? 101 ILE A CD1 1 
ATOM   500  N N   . LYS A 1 60  ? -11.705 -3.549  6.508   1.00 3.79  ? 102 LYS A N   1 
ATOM   501  C CA  . LYS A 1 60  ? -11.328 -4.743  7.260   1.00 5.85  ? 102 LYS A CA  1 
ATOM   502  C C   . LYS A 1 60  ? -9.985  -5.333  6.842   1.00 5.77  ? 102 LYS A C   1 
ATOM   503  O O   . LYS A 1 60  ? -9.448  -6.181  7.543   1.00 6.04  ? 102 LYS A O   1 
ATOM   504  C CB  . LYS A 1 60  ? -12.412 -5.820  7.176   1.00 5.82  ? 102 LYS A CB  1 
ATOM   505  C CG  . LYS A 1 60  ? -13.782 -5.383  7.658   1.00 4.70  ? 102 LYS A CG  1 
ATOM   506  C CD  . LYS A 1 60  ? -13.721 -4.812  9.064   1.00 5.81  ? 102 LYS A CD  1 
ATOM   507  C CE  . LYS A 1 60  ? -15.097 -4.380  9.528   1.00 6.52  ? 102 LYS A CE  1 
ATOM   508  N NZ  . LYS A 1 60  ? -15.080 -3.745  10.881  1.00 6.78  ? 102 LYS A NZ  1 
ATOM   509  N N   . THR A 1 61  ? -9.456  -4.899  5.696   1.00 6.46  ? 103 THR A N   1 
ATOM   510  C CA  . THR A 1 61  ? -8.115  -5.317  5.275   1.00 6.04  ? 103 THR A CA  1 
ATOM   511  C C   . THR A 1 61  ? -7.266  -4.074  4.976   1.00 5.65  ? 103 THR A C   1 
ATOM   512  O O   . THR A 1 61  ? -6.992  -3.760  3.810   1.00 5.46  ? 103 THR A O   1 
ATOM   513  C CB  . THR A 1 61  ? -8.153  -6.260  4.039   1.00 10.47 ? 103 THR A CB  1 
ATOM   514  O OG1 . THR A 1 61  ? -8.722  -5.578  2.919   1.00 19.48 ? 103 THR A OG1 1 
ATOM   515  C CG2 . THR A 1 61  ? -8.987  -7.496  4.332   1.00 11.84 ? 103 THR A CG2 1 
ATOM   516  N N   . PRO A 1 62  ? -6.877  -3.332  6.024   1.00 4.26  ? 104 PRO A N   1 
ATOM   517  C CA  . PRO A 1 62  ? -6.144  -2.082  5.802   1.00 5.48  ? 104 PRO A CA  1 
ATOM   518  C C   . PRO A 1 62  ? -4.765  -2.322  5.200   1.00 7.02  ? 104 PRO A C   1 
ATOM   519  O O   . PRO A 1 62  ? -4.163  -3.388  5.363   1.00 6.61  ? 104 PRO A O   1 
ATOM   520  C CB  . PRO A 1 62  ? -6.030  -1.469  7.208   1.00 7.70  ? 104 PRO A CB  1 
ATOM   521  C CG  . PRO A 1 62  ? -6.257  -2.583  8.142   1.00 7.88  ? 104 PRO A CG  1 
ATOM   522  C CD  . PRO A 1 62  ? -7.132  -3.585  7.452   1.00 5.69  ? 104 PRO A CD  1 
ATOM   523  N N   . MET A 1 63  ? -4.287  -1.342  4.446   1.00 5.12  ? 105 MET A N   1 
ATOM   524  C CA  . MET A 1 63  ? -2.956  -1.428  3.866   1.00 6.04  ? 105 MET A CA  1 
ATOM   525  C C   . MET A 1 63  ? -2.447  -0.030  3.564   1.00 4.75  ? 105 MET A C   1 
ATOM   526  O O   . MET A 1 63  ? -3.229  0.877   3.284   1.00 7.44  ? 105 MET A O   1 
ATOM   527  C CB  . MET A 1 63  ? -2.969  -2.285  2.595   1.00 5.55  ? 105 MET A CB  1 
ATOM   528  C CG  . MET A 1 63  ? -1.581  -2.616  2.029   1.00 5.37  ? 105 MET A CG  1 
ATOM   529  S SD  . MET A 1 63  ? -0.395  -3.297  3.218   1.00 6.07  ? 105 MET A SD  1 
ATOM   530  C CE  . MET A 1 63  ? -1.322  -4.699  3.851   1.00 7.95  ? 105 MET A CE  1 
ATOM   531  N N   . ASP A 1 64  ? -1.136  0.144   3.635   1.00 4.58  ? 106 ASP A N   1 
ATOM   532  C CA  . ASP A 1 64  ? -0.515  1.436   3.385   1.00 3.76  ? 106 ASP A CA  1 
ATOM   533  C C   . ASP A 1 64  ? 0.889   1.192   2.865   1.00 5.48  ? 106 ASP A C   1 
ATOM   534  O O   . ASP A 1 64  ? 1.411   0.073   2.984   1.00 4.23  ? 106 ASP A O   1 
ATOM   535  C CB  . ASP A 1 64  ? -0.444  2.238   4.681   1.00 6.05  ? 106 ASP A CB  1 
ATOM   536  C CG  . ASP A 1 64  ? 0.471   1.584   5.710   1.00 5.59  ? 106 ASP A CG  1 
ATOM   537  O OD1 . ASP A 1 64  ? 0.007   0.637   6.396   1.00 7.93  ? 106 ASP A OD1 1 
ATOM   538  O OD2 . ASP A 1 64  ? 1.652   2.002   5.817   1.00 5.91  ? 106 ASP A OD2 1 
ATOM   539  N N   . MET A 1 65  ? 1.513   2.224   2.300   1.00 3.55  ? 107 MET A N   1 
ATOM   540  C CA  . MET A 1 65  ? 2.822   2.060   1.684   1.00 4.32  ? 107 MET A CA  1 
ATOM   541  C C   . MET A 1 65  ? 3.940   1.872   2.694   1.00 3.98  ? 107 MET A C   1 
ATOM   542  O O   . MET A 1 65  ? 4.966   1.293   2.366   1.00 5.10  ? 107 MET A O   1 
ATOM   543  C CB  . MET A 1 65  ? 3.150   3.236   0.760   1.00 7.43  ? 107 MET A CB  1 
ATOM   544  C CG  . MET A 1 65  ? 2.301   3.277   -0.478  1.00 8.43  ? 107 MET A CG  1 
ATOM   545  S SD  . MET A 1 65  ? 3.085   4.223   -1.796  1.00 10.59 ? 107 MET A SD  1 
ATOM   546  C CE  . MET A 1 65  ? 3.046   5.843   -1.059  1.00 7.58  ? 107 MET A CE  1 
ATOM   547  N N   . GLY A 1 66  ? 3.763   2.383   3.909   1.00 5.11  ? 108 GLY A N   1 
ATOM   548  C CA  . GLY A 1 66  ? 4.732   2.136   4.963   1.00 5.64  ? 108 GLY A CA  1 
ATOM   549  C C   . GLY A 1 66  ? 4.836   0.656   5.283   1.00 4.73  ? 108 GLY A C   1 
ATOM   550  O O   . GLY A 1 66  ? 5.930   0.102   5.379   1.00 5.63  ? 108 GLY A O   1 
ATOM   551  N N   . THR A 1 67  ? 3.688   0.011   5.432   1.00 3.73  ? 109 THR A N   1 
ATOM   552  C CA  . THR A 1 67  ? 3.635   -1.437  5.616   1.00 4.09  ? 109 THR A CA  1 
ATOM   553  C C   . THR A 1 67  ? 4.241   -2.193  4.437   1.00 5.17  ? 109 THR A C   1 
ATOM   554  O O   . THR A 1 67  ? 5.023   -3.129  4.620   1.00 4.32  ? 109 THR A O   1 
ATOM   555  C CB  . THR A 1 67  ? 2.188   -1.879  5.826   1.00 5.79  ? 109 THR A CB  1 
ATOM   556  O OG1 . THR A 1 67  ? 1.691   -1.249  7.012   1.00 6.90  ? 109 THR A OG1 1 
ATOM   557  C CG2 . THR A 1 67  ? 2.100   -3.382  5.981   1.00 6.15  ? 109 THR A CG2 1 
ATOM   558  N N   . ILE A 1 68  ? 3.884   -1.782  3.223   1.00 4.25  ? 110 ILE A N   1 
ATOM   559  C CA  . ILE A 1 68  ? 4.415   -2.435  2.029   1.00 3.92  ? 110 ILE A CA  1 
ATOM   560  C C   . ILE A 1 68  ? 5.932   -2.305  1.971   1.00 5.27  ? 110 ILE A C   1 
ATOM   561  O O   . ILE A 1 68  ? 6.629   -3.284  1.705   1.00 3.81  ? 110 ILE A O   1 
ATOM   562  C CB  . ILE A 1 68  ? 3.794   -1.873  0.743   1.00 3.70  ? 110 ILE A CB  1 
ATOM   563  C CG1 . ILE A 1 68  ? 2.302   -2.187  0.718   1.00 3.68  ? 110 ILE A CG1 1 
ATOM   564  C CG2 . ILE A 1 68  ? 4.478   -2.470  -0.495  1.00 3.90  ? 110 ILE A CG2 1 
ATOM   565  C CD1 . ILE A 1 68  ? 1.507   -1.393  -0.338  1.00 5.23  ? 110 ILE A CD1 1 
ATOM   566  N N   . LYS A 1 69  ? 6.440   -1.108  2.243   1.00 3.98  ? 111 LYS A N   1 
ATOM   567  C CA  . LYS A 1 69  ? 7.888   -0.892  2.270   1.00 3.94  ? 111 LYS A CA  1 
ATOM   568  C C   . LYS A 1 69  ? 8.587   -1.827  3.260   1.00 6.17  ? 111 LYS A C   1 
ATOM   569  O O   . LYS A 1 69  ? 9.608   -2.438  2.932   1.00 6.37  ? 111 LYS A O   1 
ATOM   570  C CB  . LYS A 1 69  ? 8.204   0.576   2.587   1.00 7.18  ? 111 LYS A CB  1 
ATOM   571  C CG  . LYS A 1 69  ? 9.684   0.926   2.583   1.00 7.09  ? 111 LYS A CG  1 
ATOM   572  C CD  . LYS A 1 69  ? 9.876   2.418   2.865   1.00 14.71 ? 111 LYS A CD  1 
ATOM   573  C CE  . LYS A 1 69  ? 11.344  2.811   2.827   1.00 19.72 ? 111 LYS A CE  1 
ATOM   574  N NZ  . LYS A 1 69  ? 12.094  2.263   3.988   1.00 29.63 ? 111 LYS A NZ  1 
ATOM   575  N N   . LYS A 1 70  ? 8.032   -1.947  4.461   1.00 5.09  ? 112 LYS A N   1 
ATOM   576  C CA  . LYS A 1 70  ? 8.635   -2.789  5.480   1.00 4.97  ? 112 LYS A CA  1 
ATOM   577  C C   . LYS A 1 70  ? 8.571   -4.246  5.060   1.00 7.16  ? 112 LYS A C   1 
ATOM   578  O O   . LYS A 1 70  ? 9.523   -5.001  5.266   1.00 6.89  ? 112 LYS A O   1 
ATOM   579  C CB  . LYS A 1 70  ? 7.952   -2.580  6.834   1.00 6.65  ? 112 LYS A CB  1 
ATOM   580  C CG  . LYS A 1 70  ? 8.288   -1.256  7.485   1.00 14.33 ? 112 LYS A CG  1 
ATOM   581  C CD  . LYS A 1 70  ? 7.540   -1.079  8.791   1.00 14.18 ? 112 LYS A CD  1 
ATOM   582  C CE  . LYS A 1 70  ? 7.785   0.298   9.383   1.00 26.77 ? 112 LYS A CE  1 
ATOM   583  N NZ  . LYS A 1 70  ? 7.000   0.513   10.634  1.00 33.79 ? 112 LYS A NZ  1 
ATOM   584  N N   . ARG A 1 71  ? 7.458   -4.642  4.453   1.00 3.73  ? 113 ARG A N   1 
ATOM   585  C CA  . ARG A 1 71  ? 7.343   -6.012  3.956   1.00 4.64  ? 113 ARG A CA  1 
ATOM   586  C C   . ARG A 1 71  ? 8.408   -6.308  2.890   1.00 5.01  ? 113 ARG A C   1 
ATOM   587  O O   . ARG A 1 71  ? 9.031   -7.374  2.913   1.00 4.83  ? 113 ARG A O   1 
ATOM   588  C CB  . ARG A 1 71  ? 5.930   -6.292  3.431   1.00 4.35  ? 113 ARG A CB  1 
ATOM   589  C CG  . ARG A 1 71  ? 4.904   -6.433  4.542   1.00 4.37  ? 113 ARG A CG  1 
ATOM   590  C CD  . ARG A 1 71  ? 3.484   -6.604  4.000   1.00 3.13  ? 113 ARG A CD  1 
ATOM   591  N NE  . ARG A 1 71  ? 2.576   -6.917  5.099   1.00 3.47  ? 113 ARG A NE  1 
ATOM   592  C CZ  . ARG A 1 71  ? 1.347   -7.400  4.959   1.00 4.34  ? 113 ARG A CZ  1 
ATOM   593  N NH1 . ARG A 1 71  ? 0.830   -7.632  3.757   1.00 5.86  ? 113 ARG A NH1 1 
ATOM   594  N NH2 . ARG A 1 71  ? 0.627   -7.652  6.043   1.00 5.84  ? 113 ARG A NH2 1 
ATOM   595  N N   . LEU A 1 72  ? 8.621   -5.378  1.963   1.00 4.69  ? 114 LEU A N   1 
ATOM   596  C CA  . LEU A 1 72  ? 9.638   -5.554  0.927   1.00 3.93  ? 114 LEU A CA  1 
ATOM   597  C C   . LEU A 1 72  ? 11.035  -5.628  1.542   1.00 6.98  ? 114 LEU A C   1 
ATOM   598  O O   . LEU A 1 72  ? 11.848  -6.477  1.171   1.00 7.65  ? 114 LEU A O   1 
ATOM   599  C CB  . LEU A 1 72  ? 9.548   -4.434  -0.121  1.00 4.84  ? 114 LEU A CB  1 
ATOM   600  C CG  . LEU A 1 72  ? 8.342   -4.513  -1.060  1.00 4.74  ? 114 LEU A CG  1 
ATOM   601  C CD1 . LEU A 1 72  ? 8.099   -3.172  -1.740  1.00 4.67  ? 114 LEU A CD1 1 
ATOM   602  C CD2 . LEU A 1 72  ? 8.510   -5.605  -2.111  1.00 6.35  ? 114 LEU A CD2 1 
ATOM   603  N N   . GLU A 1 73  ? 11.299  -4.751  2.502   1.00 7.41  ? 115 GLU A N   1 
ATOM   604  C CA  . GLU A 1 73  ? 12.595  -4.731  3.175   1.00 7.24  ? 115 GLU A CA  1 
ATOM   605  C C   . GLU A 1 73  ? 12.859  -6.026  3.928   1.00 9.15  ? 115 GLU A C   1 
ATOM   606  O O   . GLU A 1 73  ? 14.013  -6.456  4.057   1.00 11.57 ? 115 GLU A O   1 
ATOM   607  C CB  . GLU A 1 73  ? 12.673  -3.540  4.131   1.00 7.77  ? 115 GLU A CB  1 
ATOM   608  C CG  . GLU A 1 73  ? 12.794  -2.212  3.403   1.00 9.54  ? 115 GLU A CG  1 
ATOM   609  C CD  . GLU A 1 73  ? 12.639  -1.019  4.313   1.00 15.66 ? 115 GLU A CD  1 
ATOM   610  O OE1 . GLU A 1 73  ? 12.109  -1.177  5.435   1.00 15.48 ? 115 GLU A OE1 1 
ATOM   611  O OE2 . GLU A 1 73  ? 13.051  0.084   3.900   1.00 19.14 ? 115 GLU A OE2 1 
ATOM   612  N N   . ASN A 1 74  ? 11.790  -6.641  4.424   1.00 7.45  ? 116 ASN A N   1 
ATOM   613  C CA  . ASN A 1 74  ? 11.898  -7.864  5.209   1.00 10.84 ? 116 ASN A CA  1 
ATOM   614  C C   . ASN A 1 74  ? 11.792  -9.154  4.403   1.00 9.94  ? 116 ASN A C   1 
ATOM   615  O O   . ASN A 1 74  ? 11.855  -10.242 4.972   1.00 11.30 ? 116 ASN A O   1 
ATOM   616  C CB  . ASN A 1 74  ? 10.830  -7.875  6.296   1.00 10.48 ? 116 ASN A CB  1 
ATOM   617  C CG  . ASN A 1 74  ? 11.044  -6.803  7.336   1.00 16.25 ? 116 ASN A CG  1 
ATOM   618  O OD1 . ASN A 1 74  ? 12.124  -6.216  7.434   1.00 20.27 ? 116 ASN A OD1 1 
ATOM   619  N ND2 . ASN A 1 74  ? 10.014  -6.545  8.132   1.00 17.30 ? 116 ASN A ND2 1 
ATOM   620  N N   . ASN A 1 75  ? 11.626  -9.033  3.089   1.00 8.05  ? 117 ASN A N   1 
ATOM   621  C CA  . ASN A 1 75  ? 11.418  -10.189 2.212   1.00 7.95  ? 117 ASN A CA  1 
ATOM   622  C C   . ASN A 1 75  ? 10.196  -11.024 2.618   1.00 6.68  ? 117 ASN A C   1 
ATOM   623  O O   . ASN A 1 75  ? 10.164  -12.247 2.472   1.00 6.26  ? 117 ASN A O   1 
ATOM   624  C CB  . ASN A 1 75  ? 12.685  -11.043 2.099   1.00 7.84  ? 117 ASN A CB  1 
ATOM   625  C CG  . ASN A 1 75  ? 13.884  -10.238 1.623   1.00 13.23 ? 117 ASN A CG  1 
ATOM   626  O OD1 . ASN A 1 75  ? 13.843  -9.610  0.566   1.00 13.12 ? 117 ASN A OD1 1 
ATOM   627  N ND2 . ASN A 1 75  ? 14.944  -10.233 2.417   1.00 19.05 ? 117 ASN A ND2 1 
ATOM   628  N N   . TYR A 1 76  ? 9.173   -10.328 3.101   1.00 4.91  ? 118 TYR A N   1 
ATOM   629  C CA  . TYR A 1 76  ? 7.935   -10.941 3.544   1.00 4.04  ? 118 TYR A CA  1 
ATOM   630  C C   . TYR A 1 76  ? 7.123   -11.601 2.427   1.00 4.89  ? 118 TYR A C   1 
ATOM   631  O O   . TYR A 1 76  ? 6.392   -12.571 2.666   1.00 5.23  ? 118 TYR A O   1 
ATOM   632  C CB  . TYR A 1 76  ? 7.097   -9.847  4.221   1.00 4.76  ? 118 TYR A CB  1 
ATOM   633  C CG  . TYR A 1 76  ? 5.703   -10.241 4.634   1.00 4.95  ? 118 TYR A CG  1 
ATOM   634  C CD1 . TYR A 1 76  ? 5.458   -10.775 5.894   1.00 5.00  ? 118 TYR A CD1 1 
ATOM   635  C CD2 . TYR A 1 76  ? 4.622   -10.051 3.776   1.00 4.31  ? 118 TYR A CD2 1 
ATOM   636  C CE1 . TYR A 1 76  ? 4.171   -11.109 6.284   1.00 5.85  ? 118 TYR A CE1 1 
ATOM   637  C CE2 . TYR A 1 76  ? 3.332   -10.388 4.152   1.00 4.57  ? 118 TYR A CE2 1 
ATOM   638  C CZ  . TYR A 1 76  ? 3.119   -10.915 5.409   1.00 5.19  ? 118 TYR A CZ  1 
ATOM   639  O OH  . TYR A 1 76  ? 1.845   -11.251 5.786   1.00 6.00  ? 118 TYR A OH  1 
ATOM   640  N N   . TYR A 1 77  ? 7.237   -11.069 1.212   1.00 4.71  ? 119 TYR A N   1 
ATOM   641  C CA  . TYR A 1 77  ? 6.424   -11.540 0.098   1.00 5.80  ? 119 TYR A CA  1 
ATOM   642  C C   . TYR A 1 77  ? 7.038   -12.734 -0.605  1.00 6.80  ? 119 TYR A C   1 
ATOM   643  O O   . TYR A 1 77  ? 8.262   -12.850 -0.689  1.00 7.85  ? 119 TYR A O   1 
ATOM   644  C CB  . TYR A 1 77  ? 6.256   -10.443 -0.946  1.00 6.20  ? 119 TYR A CB  1 
ATOM   645  C CG  . TYR A 1 77  ? 5.497   -9.219  -0.486  1.00 4.13  ? 119 TYR A CG  1 
ATOM   646  C CD1 . TYR A 1 77  ? 4.153   -9.295  -0.144  1.00 7.06  ? 119 TYR A CD1 1 
ATOM   647  C CD2 . TYR A 1 77  ? 6.116   -7.977  -0.431  1.00 5.61  ? 119 TYR A CD2 1 
ATOM   648  C CE1 . TYR A 1 77  ? 3.443   -8.157  0.268   1.00 6.08  ? 119 TYR A CE1 1 
ATOM   649  C CE2 . TYR A 1 77  ? 5.419   -6.846  -0.036  1.00 6.31  ? 119 TYR A CE2 1 
ATOM   650  C CZ  . TYR A 1 77  ? 4.090   -6.939  0.304   1.00 4.81  ? 119 TYR A CZ  1 
ATOM   651  O OH  . TYR A 1 77  ? 3.415   -5.800  0.692   1.00 6.29  ? 119 TYR A OH  1 
ATOM   652  N N   . TRP A 1 78  ? 6.188   -13.614 -1.122  1.00 4.42  ? 120 TRP A N   1 
ATOM   653  C CA  . TRP A 1 78  ? 6.665   -14.709 -1.967  1.00 4.76  ? 120 TRP A CA  1 
ATOM   654  C C   . TRP A 1 78  ? 7.005   -14.229 -3.374  1.00 6.33  ? 120 TRP A C   1 
ATOM   655  O O   . TRP A 1 78  ? 8.005   -14.643 -3.965  1.00 6.56  ? 120 TRP A O   1 
ATOM   656  C CB  . TRP A 1 78  ? 5.613   -15.815 -2.055  1.00 5.72  ? 120 TRP A CB  1 
ATOM   657  C CG  . TRP A 1 78  ? 6.086   -17.011 -2.814  1.00 6.47  ? 120 TRP A CG  1 
ATOM   658  C CD1 . TRP A 1 78  ? 5.730   -17.374 -4.083  1.00 7.56  ? 120 TRP A CD1 1 
ATOM   659  C CD2 . TRP A 1 78  ? 7.017   -17.995 -2.361  1.00 7.62  ? 120 TRP A CD2 1 
ATOM   660  N NE1 . TRP A 1 78  ? 6.375   -18.531 -4.440  1.00 7.09  ? 120 TRP A NE1 1 
ATOM   661  C CE2 . TRP A 1 78  ? 7.174   -18.933 -3.403  1.00 6.82  ? 120 TRP A CE2 1 
ATOM   662  C CE3 . TRP A 1 78  ? 7.731   -18.178 -1.170  1.00 7.70  ? 120 TRP A CE3 1 
ATOM   663  C CZ2 . TRP A 1 78  ? 8.016   -20.042 -3.291  1.00 8.19  ? 120 TRP A CZ2 1 
ATOM   664  C CZ3 . TRP A 1 78  ? 8.568   -19.286 -1.061  1.00 6.62  ? 120 TRP A CZ3 1 
ATOM   665  C CH2 . TRP A 1 78  ? 8.708   -20.194 -2.121  1.00 5.39  ? 120 TRP A CH2 1 
ATOM   666  N N   . ASN A 1 79  ? 6.164   -13.364 -3.922  1.00 4.75  ? 121 ASN A N   1 
ATOM   667  C CA  . ASN A 1 79  ? 6.391   -12.882 -5.275  1.00 5.00  ? 121 ASN A CA  1 
ATOM   668  C C   . ASN A 1 79  ? 5.812   -11.495 -5.501  1.00 4.94  ? 121 ASN A C   1 
ATOM   669  O O   . ASN A 1 79  ? 5.148   -10.930 -4.624  1.00 5.01  ? 121 ASN A O   1 
ATOM   670  C CB  . ASN A 1 79  ? 5.882   -13.885 -6.320  1.00 5.26  ? 121 ASN A CB  1 
ATOM   671  C CG  . ASN A 1 79  ? 4.386   -14.157 -6.225  1.00 7.09  ? 121 ASN A CG  1 
ATOM   672  O OD1 . ASN A 1 79  ? 3.622   -13.373 -5.667  1.00 7.83  ? 121 ASN A OD1 1 
ATOM   673  N ND2 . ASN A 1 79  ? 3.961   -15.275 -6.792  1.00 8.53  ? 121 ASN A ND2 1 
ATOM   674  N N   . ALA A 1 80  ? 6.079   -10.947 -6.679  1.00 6.02  ? 122 ALA A N   1 
ATOM   675  C CA  . ALA A 1 80  ? 5.657   -9.589  -7.003  1.00 4.46  ? 122 ALA A CA  1 
ATOM   676  C C   . ALA A 1 80  ? 4.139   -9.444  -6.991  1.00 5.40  ? 122 ALA A C   1 
ATOM   677  O O   . ALA A 1 80  ? 3.603   -8.397  -6.606  1.00 4.70  ? 122 ALA A O   1 
ATOM   678  C CB  . ALA A 1 80  ? 6.222   -9.179  -8.361  1.00 8.55  ? 122 ALA A CB  1 
ATOM   679  N N   . GLN A 1 81  ? 3.435   -10.477 -7.440  1.00 6.89  ? 123 GLN A N   1 
ATOM   680  C CA  . GLN A 1 81  ? 1.981   -10.412 -7.480  1.00 7.28  ? 123 GLN A CA  1 
ATOM   681  C C   . GLN A 1 81  ? 1.387   -10.200 -6.091  1.00 5.56  ? 123 GLN A C   1 
ATOM   682  O O   . GLN A 1 81  ? 0.387   -9.494  -5.930  1.00 6.20  ? 123 GLN A O   1 
ATOM   683  C CB  . GLN A 1 81  ? 1.391   -11.670 -8.117  1.00 14.33 ? 123 GLN A CB  1 
ATOM   684  C CG  . GLN A 1 81  ? -0.115  -11.578 -8.298  1.00 17.48 ? 123 GLN A CG  1 
ATOM   685  C CD  . GLN A 1 81  ? -0.540  -10.300 -9.014  1.00 23.75 ? 123 GLN A CD  1 
ATOM   686  O OE1 . GLN A 1 81  ? -0.127  -10.039 -10.147 1.00 29.60 ? 123 GLN A OE1 1 
ATOM   687  N NE2 . GLN A 1 81  ? -1.364  -9.488  -8.346  1.00 26.64 ? 123 GLN A NE2 1 
ATOM   688  N N   . GLU A 1 82  ? 2.016   -10.798 -5.084  1.00 5.45  ? 124 GLU A N   1 
ATOM   689  C CA  . GLU A 1 82  ? 1.539   -10.647 -3.722  1.00 5.77  ? 124 GLU A CA  1 
ATOM   690  C C   . GLU A 1 82  ? 1.680   -9.201  -3.264  1.00 4.32  ? 124 GLU A C   1 
ATOM   691  O O   . GLU A 1 82  ? 0.788   -8.650  -2.619  1.00 5.35  ? 124 GLU A O   1 
ATOM   692  C CB  . GLU A 1 82  ? 2.304   -11.574 -2.782  1.00 7.15  ? 124 GLU A CB  1 
ATOM   693  C CG  . GLU A 1 82  ? 1.722   -11.608 -1.405  1.00 9.48  ? 124 GLU A CG  1 
ATOM   694  C CD  . GLU A 1 82  ? 2.480   -12.514 -0.463  1.00 11.46 ? 124 GLU A CD  1 
ATOM   695  O OE1 . GLU A 1 82  ? 3.386   -13.248 -0.918  1.00 8.49  ? 124 GLU A OE1 1 
ATOM   696  O OE2 . GLU A 1 82  ? 2.165   -12.474 0.742   1.00 12.96 ? 124 GLU A OE2 1 
ATOM   697  N N   . CYS A 1 83  ? 2.801   -8.580  -3.622  1.00 4.43  ? 125 CYS A N   1 
ATOM   698  C CA  . CYS A 1 83  ? 3.041   -7.185  -3.284  1.00 3.66  ? 125 CYS A CA  1 
ATOM   699  C C   . CYS A 1 83  ? 2.088   -6.261  -4.051  1.00 4.20  ? 125 CYS A C   1 
ATOM   700  O O   . CYS A 1 83  ? 1.524   -5.315  -3.487  1.00 3.71  ? 125 CYS A O   1 
ATOM   701  C CB  . CYS A 1 83  ? 4.494   -6.812  -3.575  1.00 5.97  ? 125 CYS A CB  1 
ATOM   702  S SG  . CYS A 1 83  ? 4.869   -5.066  -3.335  1.00 7.80  ? 125 CYS A SG  1 
ATOM   703  N N   . ILE A 1 84  ? 1.918   -6.536  -5.341  1.00 4.92  ? 126 ILE A N   1 
ATOM   704  C CA  . ILE A 1 84  ? 0.996   -5.765  -6.165  1.00 4.12  ? 126 ILE A CA  1 
ATOM   705  C C   . ILE A 1 84  ? -0.425  -5.801  -5.588  1.00 5.22  ? 126 ILE A C   1 
ATOM   706  O O   . ILE A 1 84  ? -1.111  -4.774  -5.561  1.00 4.61  ? 126 ILE A O   1 
ATOM   707  C CB  . ILE A 1 84  ? 1.076   -6.221  -7.638  1.00 4.73  ? 126 ILE A CB  1 
ATOM   708  C CG1 . ILE A 1 84  ? 2.414   -5.770  -8.218  1.00 4.22  ? 126 ILE A CG1 1 
ATOM   709  C CG2 . ILE A 1 84  ? -0.086  -5.651  -8.464  1.00 6.54  ? 126 ILE A CG2 1 
ATOM   710  C CD1 . ILE A 1 84  ? 2.800   -6.482  -9.499  1.00 6.54  ? 126 ILE A CD1 1 
ATOM   711  N N   . GLN A 1 85  ? -0.849  -6.963  -5.094  1.00 3.83  ? 127 GLN A N   1 
ATOM   712  C CA  . GLN A 1 85  ? -2.153  -7.076  -4.451  1.00 3.37  ? 127 GLN A CA  1 
ATOM   713  C C   . GLN A 1 85  ? -2.285  -6.131  -3.257  1.00 5.19  ? 127 GLN A C   1 
ATOM   714  O O   . GLN A 1 85  ? -3.361  -5.565  -3.037  1.00 6.63  ? 127 GLN A O   1 
ATOM   715  C CB  . GLN A 1 85  ? -2.428  -8.512  -4.009  1.00 5.39  ? 127 GLN A CB  1 
ATOM   716  C CG  . GLN A 1 85  ? -3.756  -8.672  -3.274  1.00 12.56 ? 127 GLN A CG  1 
ATOM   717  C CD  . GLN A 1 85  ? -4.947  -8.330  -4.152  1.00 19.00 ? 127 GLN A CD  1 
ATOM   718  O OE1 . GLN A 1 85  ? -5.307  -9.097  -5.047  1.00 26.39 ? 127 GLN A OE1 1 
ATOM   719  N NE2 . GLN A 1 85  ? -5.565  -7.171  -3.905  1.00 18.91 ? 127 GLN A NE2 1 
ATOM   720  N N   . ASP A 1 86  ? -1.207  -5.949  -2.491  1.00 4.05  ? 128 ASP A N   1 
ATOM   721  C CA  . ASP A 1 86  ? -1.258  -5.014  -1.357  1.00 4.01  ? 128 ASP A CA  1 
ATOM   722  C C   . ASP A 1 86  ? -1.439  -3.567  -1.821  1.00 4.95  ? 128 ASP A C   1 
ATOM   723  O O   . ASP A 1 86  ? -2.232  -2.831  -1.241  1.00 5.56  ? 128 ASP A O   1 
ATOM   724  C CB  . ASP A 1 86  ? -0.018  -5.119  -0.465  1.00 3.55  ? 128 ASP A CB  1 
ATOM   725  C CG  . ASP A 1 86  ? -0.109  -6.248  0.535   1.00 5.83  ? 128 ASP A CG  1 
ATOM   726  O OD1 . ASP A 1 86  ? -1.184  -6.871  0.658   1.00 8.30  ? 128 ASP A OD1 1 
ATOM   727  O OD2 . ASP A 1 86  ? 0.911   -6.489  1.207   1.00 5.73  ? 128 ASP A OD2 1 
ATOM   728  N N   . PHE A 1 87  ? -0.711  -3.147  -2.856  1.00 4.43  ? 129 PHE A N   1 
ATOM   729  C CA  . PHE A 1 87  ? -0.967  -1.812  -3.409  1.00 3.28  ? 129 PHE A CA  1 
ATOM   730  C C   . PHE A 1 87  ? -2.425  -1.677  -3.852  1.00 4.87  ? 129 PHE A C   1 
ATOM   731  O O   . PHE A 1 87  ? -3.078  -0.674  -3.567  1.00 4.35  ? 129 PHE A O   1 
ATOM   732  C CB  . PHE A 1 87  ? -0.078  -1.542  -4.620  1.00 5.04  ? 129 PHE A CB  1 
ATOM   733  C CG  . PHE A 1 87  ? 1.313   -1.083  -4.292  1.00 4.76  ? 129 PHE A CG  1 
ATOM   734  C CD1 . PHE A 1 87  ? 1.581   0.264   -4.111  1.00 7.53  ? 129 PHE A CD1 1 
ATOM   735  C CD2 . PHE A 1 87  ? 2.375   -1.983  -4.260  1.00 5.49  ? 129 PHE A CD2 1 
ATOM   736  C CE1 . PHE A 1 87  ? 2.871   0.707   -3.845  1.00 7.73  ? 129 PHE A CE1 1 
ATOM   737  C CE2 . PHE A 1 87  ? 3.676   -1.543  -4.000  1.00 6.28  ? 129 PHE A CE2 1 
ATOM   738  C CZ  . PHE A 1 87  ? 3.915   -0.188  -3.794  1.00 7.43  ? 129 PHE A CZ  1 
ATOM   739  N N   . ASN A 1 88  ? -2.938  -2.683  -4.557  1.00 4.72  ? 130 ASN A N   1 
ATOM   740  C CA  . ASN A 1 88  ? -4.307  -2.603  -5.056  1.00 5.40  ? 130 ASN A CA  1 
ATOM   741  C C   . ASN A 1 88  ? -5.330  -2.542  -3.925  1.00 6.05  ? 130 ASN A C   1 
ATOM   742  O O   . ASN A 1 88  ? -6.347  -1.849  -4.028  1.00 6.35  ? 130 ASN A O   1 
ATOM   743  C CB  . ASN A 1 88  ? -4.595  -3.726  -6.061  1.00 5.96  ? 130 ASN A CB  1 
ATOM   744  C CG  . ASN A 1 88  ? -4.027  -3.419  -7.445  1.00 11.55 ? 130 ASN A CG  1 
ATOM   745  O OD1 . ASN A 1 88  ? -4.083  -2.277  -7.911  1.00 15.67 ? 130 ASN A OD1 1 
ATOM   746  N ND2 . ASN A 1 88  ? -3.483  -4.432  -8.104  1.00 16.14 ? 130 ASN A ND2 1 
ATOM   747  N N   . THR A 1 89  ? -5.029  -3.225  -2.827  1.00 4.89  ? 131 THR A N   1 
ATOM   748  C CA  . THR A 1 89  ? -5.883  -3.186  -1.651  1.00 3.63  ? 131 THR A CA  1 
ATOM   749  C C   . THR A 1 89  ? -5.873  -1.780  -1.048  1.00 5.02  ? 131 THR A C   1 
ATOM   750  O O   . THR A 1 89  ? -6.913  -1.257  -0.644  1.00 4.08  ? 131 THR A O   1 
ATOM   751  C CB  . THR A 1 89  ? -5.412  -4.225  -0.619  1.00 3.37  ? 131 THR A CB  1 
ATOM   752  O OG1 . THR A 1 89  ? -5.675  -5.539  -1.133  1.00 8.50  ? 131 THR A OG1 1 
ATOM   753  C CG2 . THR A 1 89  ? -6.147  -4.055  0.732   1.00 6.54  ? 131 THR A CG2 1 
ATOM   754  N N   . MET A 1 90  ? -4.698  -1.164  -1.011  1.00 3.73  ? 132 MET A N   1 
ATOM   755  C CA  . MET A 1 90  ? -4.568  0.202   -0.509  1.00 3.00  ? 132 MET A CA  1 
ATOM   756  C C   . MET A 1 90  ? -5.408  1.191   -1.311  1.00 5.01  ? 132 MET A C   1 
ATOM   757  O O   . MET A 1 90  ? -6.122  2.033   -0.747  1.00 4.56  ? 132 MET A O   1 
ATOM   758  C CB  . MET A 1 90  ? -3.099  0.632   -0.534  1.00 5.13  ? 132 MET A CB  1 
ATOM   759  C CG  . MET A 1 90  ? -2.879  2.060   -0.076  1.00 4.73  ? 132 MET A CG  1 
ATOM   760  S SD  . MET A 1 90  ? -1.147  2.523   -0.191  1.00 6.05  ? 132 MET A SD  1 
ATOM   761  C CE  . MET A 1 90  ? -1.019  2.809   -1.961  1.00 7.50  ? 132 MET A CE  1 
ATOM   762  N N   . PHE A 1 91  ? -5.336  1.076   -2.632  1.00 4.33  ? 133 PHE A N   1 
ATOM   763  C CA  . PHE A 1 91  ? -6.093  1.973   -3.493  1.00 2.76  ? 133 PHE A CA  1 
ATOM   764  C C   . PHE A 1 91  ? -7.588  1.732   -3.320  1.00 3.77  ? 133 PHE A C   1 
ATOM   765  O O   . PHE A 1 91  ? -8.361  2.681   -3.106  1.00 3.95  ? 133 PHE A O   1 
ATOM   766  C CB  . PHE A 1 91  ? -5.670  1.794   -4.958  1.00 3.74  ? 133 PHE A CB  1 
ATOM   767  C CG  . PHE A 1 91  ? -4.260  2.237   -5.237  1.00 5.19  ? 133 PHE A CG  1 
ATOM   768  C CD1 . PHE A 1 91  ? -3.823  3.485   -4.823  1.00 5.65  ? 133 PHE A CD1 1 
ATOM   769  C CD2 . PHE A 1 91  ? -3.377  1.413   -5.914  1.00 7.00  ? 133 PHE A CD2 1 
ATOM   770  C CE1 . PHE A 1 91  ? -2.524  3.895   -5.066  1.00 8.82  ? 133 PHE A CE1 1 
ATOM   771  C CE2 . PHE A 1 91  ? -2.077  1.827   -6.173  1.00 6.32  ? 133 PHE A CE2 1 
ATOM   772  C CZ  . PHE A 1 91  ? -1.656  3.066   -5.735  1.00 7.50  ? 133 PHE A CZ  1 
ATOM   773  N N   . THR A 1 92  ? -8.004  0.471   -3.398  1.00 4.13  ? 134 THR A N   1 
ATOM   774  C CA  A THR A 1 92  ? -9.408  0.097   -3.272  0.50 5.12  ? 134 THR A CA  1 
ATOM   775  C CA  B THR A 1 92  ? -9.432  0.186   -3.297  0.50 5.10  ? 134 THR A CA  1 
ATOM   776  C C   . THR A 1 92  ? -9.999  0.525   -1.932  1.00 5.27  ? 134 THR A C   1 
ATOM   777  O O   . THR A 1 92  ? -11.140 0.955   -1.856  1.00 5.76  ? 134 THR A O   1 
ATOM   778  C CB  A THR A 1 92  ? -9.584  -1.424  -3.440  0.50 5.42  ? 134 THR A CB  1 
ATOM   779  C CB  B THR A 1 92  ? -9.830  -1.255  -3.698  0.50 5.59  ? 134 THR A CB  1 
ATOM   780  O OG1 A THR A 1 92  ? -9.029  -1.835  -4.696  0.50 7.81  ? 134 THR A OG1 1 
ATOM   781  O OG1 B THR A 1 92  ? -9.090  -2.206  -2.927  0.50 5.70  ? 134 THR A OG1 1 
ATOM   782  C CG2 A THR A 1 92  ? -11.049 -1.799  -3.400  0.50 7.27  ? 134 THR A CG2 1 
ATOM   783  C CG2 B THR A 1 92  ? -9.590  -1.482  -5.184  0.50 6.35  ? 134 THR A CG2 1 
ATOM   784  N N   . ASN A 1 93  ? -9.211  0.372   -0.867  1.00 4.68  ? 135 ASN A N   1 
ATOM   785  C CA  . ASN A 1 93  ? -9.675  0.802   0.457   1.00 4.72  ? 135 ASN A CA  1 
ATOM   786  C C   . ASN A 1 93  ? -10.044 2.278   0.440   1.00 5.20  ? 135 ASN A C   1 
ATOM   787  O O   . ASN A 1 93  ? -11.016 2.711   1.069   1.00 4.65  ? 135 ASN A O   1 
ATOM   788  C CB  . ASN A 1 93  ? -8.605  0.581   1.523   1.00 3.56  ? 135 ASN A CB  1 
ATOM   789  C CG  . ASN A 1 93  ? -8.472  -0.873  1.937   1.00 5.97  ? 135 ASN A CG  1 
ATOM   790  O OD1 . ASN A 1 93  ? -9.330  -1.708  1.635   1.00 6.19  ? 135 ASN A OD1 1 
ATOM   791  N ND2 . ASN A 1 93  ? -7.387  -1.179  2.636   1.00 5.88  ? 135 ASN A ND2 1 
ATOM   792  N N   . CYS A 1 94  ? -9.247  3.060   -0.276  1.00 4.32  ? 136 CYS A N   1 
ATOM   793  C CA  . CYS A 1 94  ? -9.484  4.488   -0.336  1.00 4.25  ? 136 CYS A CA  1 
ATOM   794  C C   . CYS A 1 94  ? -10.801 4.775   -1.052  1.00 3.98  ? 136 CYS A C   1 
ATOM   795  O O   . CYS A 1 94  ? -11.594 5.619   -0.617  1.00 4.01  ? 136 CYS A O   1 
ATOM   796  C CB  . CYS A 1 94  ? -8.317  5.188   -1.025  1.00 4.47  ? 136 CYS A CB  1 
ATOM   797  S SG  . CYS A 1 94  ? -8.451  6.981   -0.987  1.00 5.40  ? 136 CYS A SG  1 
ATOM   798  N N   . TYR A 1 95  ? -11.054 4.047   -2.134  1.00 3.80  ? 137 TYR A N   1 
ATOM   799  C CA  . TYR A 1 95  ? -12.288 4.260   -2.883  1.00 3.60  ? 137 TYR A CA  1 
ATOM   800  C C   . TYR A 1 95  ? -13.489 3.781   -2.090  1.00 5.46  ? 137 TYR A C   1 
ATOM   801  O O   . TYR A 1 95  ? -14.572 4.367   -2.172  1.00 6.99  ? 137 TYR A O   1 
ATOM   802  C CB  . TYR A 1 95  ? -12.219 3.551   -4.238  1.00 5.47  ? 137 TYR A CB  1 
ATOM   803  C CG  . TYR A 1 95  ? -10.972 3.878   -5.023  1.00 4.59  ? 137 TYR A CG  1 
ATOM   804  C CD1 . TYR A 1 95  ? -10.433 5.159   -5.024  1.00 6.06  ? 137 TYR A CD1 1 
ATOM   805  C CD2 . TYR A 1 95  ? -10.332 2.901   -5.773  1.00 5.89  ? 137 TYR A CD2 1 
ATOM   806  C CE1 . TYR A 1 95  ? -9.287  5.454   -5.748  1.00 5.31  ? 137 TYR A CE1 1 
ATOM   807  C CE2 . TYR A 1 95  ? -9.187  3.187   -6.488  1.00 6.60  ? 137 TYR A CE2 1 
ATOM   808  C CZ  . TYR A 1 95  ? -8.670  4.454   -6.468  1.00 6.72  ? 137 TYR A CZ  1 
ATOM   809  O OH  . TYR A 1 95  ? -7.530  4.726   -7.197  1.00 9.05  ? 137 TYR A OH  1 
ATOM   810  N N   . ILE A 1 96  ? -13.290 2.735   -1.297  1.00 5.11  ? 138 ILE A N   1 
ATOM   811  C CA  . ILE A 1 96  ? -14.361 2.198   -0.457  1.00 5.29  ? 138 ILE A CA  1 
ATOM   812  C C   . ILE A 1 96  ? -14.707 3.113   0.713   1.00 6.12  ? 138 ILE A C   1 
ATOM   813  O O   . ILE A 1 96  ? -15.882 3.371   0.988   1.00 6.13  ? 138 ILE A O   1 
ATOM   814  C CB  . ILE A 1 96  ? -13.965 0.804   0.085   1.00 3.46  ? 138 ILE A CB  1 
ATOM   815  C CG1 . ILE A 1 96  ? -13.980 -0.212  -1.057  1.00 4.44  ? 138 ILE A CG1 1 
ATOM   816  C CG2 . ILE A 1 96  ? -14.901 0.378   1.207   1.00 6.82  ? 138 ILE A CG2 1 
ATOM   817  C CD1 . ILE A 1 96  ? -13.347 -1.554  -0.669  1.00 7.80  ? 138 ILE A CD1 1 
ATOM   818  N N   . TYR A 1 97  ? -13.694 3.616   1.407   1.00 5.23  ? 139 TYR A N   1 
ATOM   819  C CA  . TYR A 1 97  ? -13.946 4.413   2.599   1.00 4.59  ? 139 TYR A CA  1 
ATOM   820  C C   . TYR A 1 97  ? -14.486 5.804   2.290   1.00 5.70  ? 139 TYR A C   1 
ATOM   821  O O   . TYR A 1 97  ? -15.163 6.405   3.127   1.00 7.02  ? 139 TYR A O   1 
ATOM   822  C CB  . TYR A 1 97  ? -12.700 4.514   3.485   1.00 4.72  ? 139 TYR A CB  1 
ATOM   823  C CG  . TYR A 1 97  ? -12.969 5.307   4.741   1.00 5.60  ? 139 TYR A CG  1 
ATOM   824  C CD1 . TYR A 1 97  ? -13.769 4.786   5.749   1.00 6.18  ? 139 TYR A CD1 1 
ATOM   825  C CD2 . TYR A 1 97  ? -12.461 6.584   4.900   1.00 5.96  ? 139 TYR A CD2 1 
ATOM   826  C CE1 . TYR A 1 97  ? -14.045 5.523   6.907   1.00 5.58  ? 139 TYR A CE1 1 
ATOM   827  C CE2 . TYR A 1 97  ? -12.725 7.321   6.049   1.00 6.86  ? 139 TYR A CE2 1 
ATOM   828  C CZ  . TYR A 1 97  ? -13.520 6.784   7.038   1.00 6.07  ? 139 TYR A CZ  1 
ATOM   829  O OH  . TYR A 1 97  ? -13.779 7.533   8.164   1.00 7.56  ? 139 TYR A OH  1 
ATOM   830  N N   . ASN A 1 98  ? -14.187 6.302   1.094   1.00 5.72  ? 140 ASN A N   1 
ATOM   831  C CA  . ASN A 1 98  ? -14.559 7.660   0.718   1.00 4.39  ? 140 ASN A CA  1 
ATOM   832  C C   . ASN A 1 98  ? -15.663 7.664   -0.342  1.00 7.45  ? 140 ASN A C   1 
ATOM   833  O O   . ASN A 1 98  ? -16.507 6.766   -0.326  1.00 6.64  ? 140 ASN A O   1 
ATOM   834  C CB  . ASN A 1 98  ? -13.306 8.434   0.328   1.00 5.49  ? 140 ASN A CB  1 
ATOM   835  C CG  . ASN A 1 98  ? -12.294 8.467   1.465   1.00 5.11  ? 140 ASN A CG  1 
ATOM   836  O OD1 . ASN A 1 98  ? -12.473 9.205   2.435   1.00 5.68  ? 140 ASN A OD1 1 
ATOM   837  N ND2 . ASN A 1 98  ? -11.255 7.629   1.380   1.00 5.72  ? 140 ASN A ND2 1 
ATOM   838  N N   . LYS A 1 99  ? -15.666 8.669   -1.225  1.00 7.87  ? 141 LYS A N   1 
ATOM   839  C CA  . LYS A 1 99  ? -16.701 8.872   -2.253  1.00 12.04 ? 141 LYS A CA  1 
ATOM   840  C C   . LYS A 1 99  ? -16.029 9.377   -3.515  1.00 8.57  ? 141 LYS A C   1 
ATOM   841  O O   . LYS A 1 99  ? -15.001 10.040  -3.435  1.00 7.26  ? 141 LYS A O   1 
ATOM   842  C CB  . LYS A 1 99  ? -17.684 9.974   -1.844  1.00 16.19 ? 141 LYS A CB  1 
ATOM   843  C CG  . LYS A 1 99  ? -18.327 9.856   -0.500  1.00 20.17 ? 141 LYS A CG  1 
ATOM   844  C CD  . LYS A 1 99  ? -19.242 11.044  -0.250  1.00 19.55 ? 141 LYS A CD  1 
ATOM   845  C CE  . LYS A 1 99  ? -20.227 11.231  -1.395  1.00 20.13 ? 141 LYS A CE  1 
ATOM   846  N NZ  . LYS A 1 99  ? -21.343 12.164  -1.040  1.00 20.16 ? 141 LYS A NZ  1 
ATOM   847  N N   . PRO A 1 100 ? -16.628 9.111   -4.690  1.00 9.10  ? 142 PRO A N   1 
ATOM   848  C CA  . PRO A 1 100 ? -16.023 9.632   -5.918  1.00 10.75 ? 142 PRO A CA  1 
ATOM   849  C C   . PRO A 1 100 ? -15.913 11.148  -5.850  1.00 9.13  ? 142 PRO A C   1 
ATOM   850  O O   . PRO A 1 100 ? -16.810 11.816  -5.325  1.00 12.81 ? 142 PRO A O   1 
ATOM   851  C CB  . PRO A 1 100 ? -17.020 9.215   -7.003  1.00 12.33 ? 142 PRO A CB  1 
ATOM   852  C CG  . PRO A 1 100 ? -17.703 8.007   -6.437  1.00 12.90 ? 142 PRO A CG  1 
ATOM   853  C CD  . PRO A 1 100 ? -17.820 8.287   -4.963  1.00 12.38 ? 142 PRO A CD  1 
ATOM   854  N N   . GLY A 1 101 ? -14.798 11.676  -6.335  1.00 10.22 ? 143 GLY A N   1 
ATOM   855  C CA  . GLY A 1 101 ? -14.604 13.110  -6.394  1.00 12.12 ? 143 GLY A CA  1 
ATOM   856  C C   . GLY A 1 101 ? -13.962 13.736  -5.172  1.00 9.63  ? 143 GLY A C   1 
ATOM   857  O O   . GLY A 1 101 ? -13.541 14.894  -5.232  1.00 12.75 ? 143 GLY A O   1 
ATOM   858  N N   . ASP A 1 102 ? -13.898 12.994  -4.064  1.00 6.98  ? 144 ASP A N   1 
ATOM   859  C CA  . ASP A 1 102 ? -13.247 13.496  -2.853  1.00 6.84  ? 144 ASP A CA  1 
ATOM   860  C C   . ASP A 1 102 ? -11.775 13.778  -3.156  1.00 6.94  ? 144 ASP A C   1 
ATOM   861  O O   . ASP A 1 102 ? -11.183 13.095  -3.989  1.00 6.50  ? 144 ASP A O   1 
ATOM   862  C CB  . ASP A 1 102 ? -13.329 12.457  -1.723  1.00 6.32  ? 144 ASP A CB  1 
ATOM   863  C CG  . ASP A 1 102 ? -14.700 12.393  -1.061  1.00 10.79 ? 144 ASP A CG  1 
ATOM   864  O OD1 . ASP A 1 102 ? -15.553 13.271  -1.322  1.00 13.90 ? 144 ASP A OD1 1 
ATOM   865  O OD2 . ASP A 1 102 ? -14.923 11.460  -0.253  1.00 11.94 ? 144 ASP A OD2 1 
ATOM   866  N N   . ASP A 1 103 ? -11.192 14.768  -2.480  1.00 5.52  ? 145 ASP A N   1 
ATOM   867  C CA  . ASP A 1 103 ? -9.777  15.092  -2.680  1.00 4.43  ? 145 ASP A CA  1 
ATOM   868  C C   . ASP A 1 103 ? -8.882  13.873  -2.430  1.00 5.25  ? 145 ASP A C   1 
ATOM   869  O O   . ASP A 1 103 ? -7.951  13.615  -3.182  1.00 5.00  ? 145 ASP A O   1 
ATOM   870  C CB  . ASP A 1 103 ? -9.337  16.263  -1.785  1.00 4.80  ? 145 ASP A CB  1 
ATOM   871  C CG  . ASP A 1 103 ? -9.654  17.627  -2.397  1.00 8.78  ? 145 ASP A CG  1 
ATOM   872  O OD1 . ASP A 1 103 ? -10.116 17.680  -3.557  1.00 6.66  ? 145 ASP A OD1 1 
ATOM   873  O OD2 . ASP A 1 103 ? -9.412  18.646  -1.720  1.00 8.12  ? 145 ASP A OD2 1 
ATOM   874  N N   . ILE A 1 104 ? -9.165  13.118  -1.375  1.00 4.73  ? 146 ILE A N   1 
ATOM   875  C CA  . ILE A 1 104 ? -8.346  11.950  -1.053  1.00 3.79  ? 146 ILE A CA  1 
ATOM   876  C C   . ILE A 1 104 ? -8.428  10.899  -2.168  1.00 5.28  ? 146 ILE A C   1 
ATOM   877  O O   . ILE A 1 104 ? -7.446  10.222  -2.469  1.00 4.32  ? 146 ILE A O   1 
ATOM   878  C CB  . ILE A 1 104 ? -8.721  11.363  0.344   1.00 4.29  ? 146 ILE A CB  1 
ATOM   879  C CG1 . ILE A 1 104 ? -7.789  10.208  0.733   1.00 5.89  ? 146 ILE A CG1 1 
ATOM   880  C CG2 . ILE A 1 104 ? -10.164 10.904  0.378   1.00 5.87  ? 146 ILE A CG2 1 
ATOM   881  C CD1 . ILE A 1 104 ? -6.411  10.662  1.129   1.00 8.37  ? 146 ILE A CD1 1 
ATOM   882  N N   . VAL A 1 105 ? -9.601  10.796  -2.794  1.00 5.59  ? 147 VAL A N   1 
ATOM   883  C CA  . VAL A 1 105 ? -9.811  9.852   -3.888  1.00 3.03  ? 147 VAL A CA  1 
ATOM   884  C C   . VAL A 1 105 ? -9.085  10.323  -5.144  1.00 5.45  ? 147 VAL A C   1 
ATOM   885  O O   . VAL A 1 105 ? -8.507  9.505   -5.859  1.00 6.36  ? 147 VAL A O   1 
ATOM   886  C CB  . VAL A 1 105 ? -11.320 9.622   -4.134  1.00 4.64  ? 147 VAL A CB  1 
ATOM   887  C CG1 . VAL A 1 105 ? -11.567 8.902   -5.454  1.00 6.39  ? 147 VAL A CG1 1 
ATOM   888  C CG2 . VAL A 1 105 ? -11.910 8.842   -2.955  1.00 7.11  ? 147 VAL A CG2 1 
ATOM   889  N N   . LEU A 1 106 ? -9.075  11.633  -5.398  1.00 5.52  ? 148 LEU A N   1 
ATOM   890  C CA  . LEU A 1 106 ? -8.309  12.155  -6.534  1.00 5.53  ? 148 LEU A CA  1 
ATOM   891  C C   . LEU A 1 106 ? -6.821  11.838  -6.371  1.00 6.30  ? 148 LEU A C   1 
ATOM   892  O O   . LEU A 1 106 ? -6.112  11.573  -7.355  1.00 7.34  ? 148 LEU A O   1 
ATOM   893  C CB  . LEU A 1 106 ? -8.501  13.662  -6.683  1.00 5.61  ? 148 LEU A CB  1 
ATOM   894  C CG  . LEU A 1 106 ? -9.915  14.137  -7.004  1.00 7.68  ? 148 LEU A CG  1 
ATOM   895  C CD1 . LEU A 1 106 ? -9.966  15.658  -6.939  1.00 8.92  ? 148 LEU A CD1 1 
ATOM   896  C CD2 . LEU A 1 106 ? -10.352 13.650  -8.370  1.00 11.49 ? 148 LEU A CD2 1 
ATOM   897  N N   . MET A 1 107 ? -6.347  11.859  -5.130  1.00 4.20  ? 149 MET A N   1 
ATOM   898  C CA  . MET A 1 107 ? -4.954  11.549  -4.844  1.00 5.32  ? 149 MET A CA  1 
ATOM   899  C C   . MET A 1 107 ? -4.662  10.081  -5.112  1.00 5.69  ? 149 MET A C   1 
ATOM   900  O O   . MET A 1 107 ? -3.672  9.744   -5.761  1.00 5.58  ? 149 MET A O   1 
ATOM   901  C CB  . MET A 1 107 ? -4.630  11.902  -3.395  1.00 5.17  ? 149 MET A CB  1 
ATOM   902  C CG  . MET A 1 107 ? -4.801  13.377  -3.146  1.00 4.50  ? 149 MET A CG  1 
ATOM   903  S SD  . MET A 1 107 ? -4.631  13.847  -1.423  1.00 11.31 ? 149 MET A SD  1 
ATOM   904  C CE  . MET A 1 107 ? -2.890  13.819  -1.307  1.00 4.95  ? 149 MET A CE  1 
ATOM   905  N N   . ALA A 1 108 ? -5.523  9.205   -4.602  1.00 6.05  ? 150 ALA A N   1 
ATOM   906  C CA  . ALA A 1 108 ? -5.365  7.772   -4.827  1.00 4.82  ? 150 ALA A CA  1 
ATOM   907  C C   . ALA A 1 108 ? -5.426  7.430   -6.315  1.00 4.76  ? 150 ALA A C   1 
ATOM   908  O O   . ALA A 1 108 ? -4.622  6.627   -6.790  1.00 6.31  ? 150 ALA A O   1 
ATOM   909  C CB  . ALA A 1 108 ? -6.416  6.963   -4.025  1.00 5.78  ? 150 ALA A CB  1 
ATOM   910  N N   . GLU A 1 109 ? -6.342  8.069   -7.047  1.00 6.66  ? 151 GLU A N   1 
ATOM   911  C CA  . GLU A 1 109 ? -6.486  7.846   -8.485  1.00 6.74  ? 151 GLU A CA  1 
ATOM   912  C C   . GLU A 1 109 ? -5.200  8.199   -9.234  1.00 6.94  ? 151 GLU A C   1 
ATOM   913  O O   . GLU A 1 109 ? -4.758  7.465   -10.132 1.00 7.38  ? 151 GLU A O   1 
ATOM   914  C CB  . GLU A 1 109 ? -7.654  8.668   -9.054  1.00 7.95  ? 151 GLU A CB  1 
ATOM   915  C CG  . GLU A 1 109 ? -9.058  8.171   -8.681  1.00 9.35  ? 151 GLU A CG  1 
ATOM   916  C CD  . GLU A 1 109 ? -10.148 9.205   -8.965  1.00 11.62 ? 151 GLU A CD  1 
ATOM   917  O OE1 . GLU A 1 109 ? -9.815  10.367  -9.293  1.00 15.32 ? 151 GLU A OE1 1 
ATOM   918  O OE2 . GLU A 1 109 ? -11.340 8.854   -8.861  1.00 15.98 ? 151 GLU A OE2 1 
ATOM   919  N N   . ALA A 1 110 ? -4.608  9.339   -8.885  1.00 6.51  ? 152 ALA A N   1 
ATOM   920  C CA  . ALA A 1 110 ? -3.353  9.760   -9.501  1.00 8.03  ? 152 ALA A CA  1 
ATOM   921  C C   . ALA A 1 110 ? -2.219  8.784   -9.190  1.00 7.47  ? 152 ALA A C   1 
ATOM   922  O O   . ALA A 1 110 ? -1.426  8.436   -10.071 1.00 6.89  ? 152 ALA A O   1 
ATOM   923  C CB  . ALA A 1 110 ? -2.984  11.171  -9.036  1.00 9.08  ? 152 ALA A CB  1 
ATOM   924  N N   . LEU A 1 111 ? -2.129  8.348   -7.934  1.00 7.08  ? 153 LEU A N   1 
ATOM   925  C CA  . LEU A 1 111 ? -1.084  7.407   -7.552  1.00 5.31  ? 153 LEU A CA  1 
ATOM   926  C C   . LEU A 1 111 ? -1.274  6.056   -8.212  1.00 6.28  ? 153 LEU A C   1 
ATOM   927  O O   . LEU A 1 111 ? -0.301  5.394   -8.566  1.00 5.99  ? 153 LEU A O   1 
ATOM   928  C CB  . LEU A 1 111 ? -1.035  7.221   -6.032  1.00 8.34  ? 153 LEU A CB  1 
ATOM   929  C CG  . LEU A 1 111 ? -0.594  8.463   -5.278  1.00 8.40  ? 153 LEU A CG  1 
ATOM   930  C CD1 . LEU A 1 111 ? -0.681  8.189   -3.783  1.00 9.52  ? 153 LEU A CD1 1 
ATOM   931  C CD2 . LEU A 1 111 ? 0.813   8.868   -5.687  1.00 12.18 ? 153 LEU A CD2 1 
ATOM   932  N N   . GLU A 1 112 ? -2.522  5.627   -8.349  1.00 7.19  ? 154 GLU A N   1 
ATOM   933  C CA  . GLU A 1 112 ? -2.781  4.328   -8.970  1.00 6.03  ? 154 GLU A CA  1 
ATOM   934  C C   . GLU A 1 112 ? -2.370  4.317   -10.448 1.00 6.43  ? 154 GLU A C   1 
ATOM   935  O O   . GLU A 1 112 ? -1.827  3.324   -10.948 1.00 4.72  ? 154 GLU A O   1 
ATOM   936  C CB  . GLU A 1 112 ? -4.248  3.927   -8.816  1.00 5.33  ? 154 GLU A CB  1 
ATOM   937  C CG  . GLU A 1 112 ? -4.556  2.560   -9.443  1.00 8.23  ? 154 GLU A CG  1 
ATOM   938  C CD  . GLU A 1 112 ? -6.027  2.209   -9.403  1.00 13.46 ? 154 GLU A CD  1 
ATOM   939  O OE1 . GLU A 1 112 ? -6.832  3.025   -8.901  1.00 17.99 ? 154 GLU A OE1 1 
ATOM   940  O OE2 . GLU A 1 112 ? -6.388  1.117   -9.888  1.00 16.63 ? 154 GLU A OE2 1 
ATOM   941  N N   . LYS A 1 113 ? -2.626  5.417   -11.151 1.00 6.89  ? 155 LYS A N   1 
ATOM   942  C CA  . LYS A 1 113 ? -2.171  5.535   -12.538 1.00 5.90  ? 155 LYS A CA  1 
ATOM   943  C C   . LYS A 1 113 ? -0.657  5.430   -12.655 1.00 6.35  ? 155 LYS A C   1 
ATOM   944  O O   . LYS A 1 113 ? -0.137  4.738   -13.537 1.00 7.94  ? 155 LYS A O   1 
ATOM   945  C CB  . LYS A 1 113 ? -2.634  6.856   -13.149 1.00 8.17  ? 155 LYS A CB  1 
ATOM   946  C CG  . LYS A 1 113 ? -4.093  6.877   -13.529 1.00 10.97 ? 155 LYS A CG  1 
ATOM   947  C CD  . LYS A 1 113 ? -4.426  8.185   -14.236 1.00 14.09 ? 155 LYS A CD  1 
ATOM   948  C CE  . LYS A 1 113 ? -5.906  8.300   -14.521 1.00 18.49 ? 155 LYS A CE  1 
ATOM   949  N NZ  . LYS A 1 113 ? -6.234  9.681   -14.964 1.00 23.12 ? 155 LYS A NZ  1 
ATOM   950  N N   . LEU A 1 114 ? 0.055   6.119   -11.769 1.00 7.70  ? 156 LEU A N   1 
ATOM   951  C CA  . LEU A 1 114 ? 1.508   6.106   -11.784 1.00 6.89  ? 156 LEU A CA  1 
ATOM   952  C C   . LEU A 1 114 ? 2.016   4.704   -11.452 1.00 6.39  ? 156 LEU A C   1 
ATOM   953  O O   . LEU A 1 114 ? 2.948   4.199   -12.079 1.00 7.25  ? 156 LEU A O   1 
ATOM   954  C CB  . LEU A 1 114 ? 2.059   7.132   -10.791 1.00 8.69  ? 156 LEU A CB  1 
ATOM   955  C CG  . LEU A 1 114 ? 3.575   7.335   -10.812 1.00 11.89 ? 156 LEU A CG  1 
ATOM   956  C CD1 . LEU A 1 114 ? 4.049   7.656   -12.233 1.00 14.51 ? 156 LEU A CD1 1 
ATOM   957  C CD2 . LEU A 1 114 ? 4.002   8.431   -9.842  1.00 14.98 ? 156 LEU A CD2 1 
ATOM   958  N N   . PHE A 1 115 ? 1.382   4.081   -10.464 1.00 7.03  ? 157 PHE A N   1 
ATOM   959  C CA  . PHE A 1 115 ? 1.698   2.709   -10.082 1.00 4.62  ? 157 PHE A CA  1 
ATOM   960  C C   . PHE A 1 115 ? 1.529   1.752   -11.260 1.00 7.02  ? 157 PHE A C   1 
ATOM   961  O O   . PHE A 1 115 ? 2.427   0.955   -11.542 1.00 5.43  ? 157 PHE A O   1 
ATOM   962  C CB  . PHE A 1 115 ? 0.803   2.289   -8.904  1.00 4.34  ? 157 PHE A CB  1 
ATOM   963  C CG  . PHE A 1 115 ? 0.943   0.848   -8.526  1.00 4.78  ? 157 PHE A CG  1 
ATOM   964  C CD1 . PHE A 1 115 ? 2.078   0.399   -7.874  1.00 4.28  ? 157 PHE A CD1 1 
ATOM   965  C CD2 . PHE A 1 115 ? -0.067  -0.052  -8.818  1.00 6.32  ? 157 PHE A CD2 1 
ATOM   966  C CE1 . PHE A 1 115 ? 2.211   -0.951  -7.535  1.00 7.03  ? 157 PHE A CE1 1 
ATOM   967  C CE2 . PHE A 1 115 ? 0.055   -1.396  -8.476  1.00 7.82  ? 157 PHE A CE2 1 
ATOM   968  C CZ  . PHE A 1 115 ? 1.189   -1.840  -7.836  1.00 6.99  ? 157 PHE A CZ  1 
ATOM   969  N N   . LEU A 1 116 ? 0.396   1.833   -11.955 1.00 5.11  ? 158 LEU A N   1 
ATOM   970  C CA  . LEU A 1 116 ? 0.177   0.972   -13.120 1.00 5.72  ? 158 LEU A CA  1 
ATOM   971  C C   . LEU A 1 116 ? 1.220   1.220   -14.212 1.00 5.60  ? 158 LEU A C   1 
ATOM   972  O O   . LEU A 1 116 ? 1.727   0.274   -14.811 1.00 7.26  ? 158 LEU A O   1 
ATOM   973  C CB  . LEU A 1 116 ? -1.241  1.140   -13.668 1.00 6.25  ? 158 LEU A CB  1 
ATOM   974  C CG  . LEU A 1 116 ? -2.315  0.535   -12.772 1.00 7.32  ? 158 LEU A CG  1 
ATOM   975  C CD1 . LEU A 1 116 ? -3.689  0.829   -13.338 1.00 11.06 ? 158 LEU A CD1 1 
ATOM   976  C CD2 . LEU A 1 116 ? -2.112  -0.967  -12.618 1.00 13.03 ? 158 LEU A CD2 1 
ATOM   977  N N   . GLN A 1 117 ? 1.540   2.488   -14.463 1.00 6.19  ? 159 GLN A N   1 
ATOM   978  C CA  . GLN A 1 117 ? 2.596   2.845   -15.410 1.00 8.53  ? 159 GLN A CA  1 
ATOM   979  C C   . GLN A 1 117 ? 3.896   2.119   -15.086 1.00 7.07  ? 159 GLN A C   1 
ATOM   980  O O   . GLN A 1 117 ? 4.550   1.570   -15.976 1.00 8.27  ? 159 GLN A O   1 
ATOM   981  C CB  . GLN A 1 117 ? 2.849   4.354   -15.373 1.00 11.12 ? 159 GLN A CB  1 
ATOM   982  C CG  . GLN A 1 117 ? 2.661   5.068   -16.686 1.00 24.40 ? 159 GLN A CG  1 
ATOM   983  C CD  . GLN A 1 117 ? 2.714   6.570   -16.522 1.00 23.93 ? 159 GLN A CD  1 
ATOM   984  O OE1 . GLN A 1 117 ? 1.787   7.279   -16.914 1.00 35.93 ? 159 GLN A OE1 1 
ATOM   985  N NE2 . GLN A 1 117 ? 3.799   7.067   -15.935 1.00 16.72 ? 159 GLN A NE2 1 
ATOM   986  N N   . LYS A 1 118 ? 4.253   2.083   -13.805 1.00 7.13  ? 160 LYS A N   1 
ATOM   987  C CA  . LYS A 1 118 ? 5.536   1.522   -13.397 1.00 6.71  ? 160 LYS A CA  1 
ATOM   988  C C   . LYS A 1 118 ? 5.572   -0.003  -13.346 1.00 7.56  ? 160 LYS A C   1 
ATOM   989  O O   . LYS A 1 118 ? 6.629   -0.589  -13.562 1.00 9.01  ? 160 LYS A O   1 
ATOM   990  C CB  . LYS A 1 118 ? 5.988   2.124   -12.065 1.00 9.09  ? 160 LYS A CB  1 
ATOM   991  C CG  . LYS A 1 118 ? 6.257   3.612   -12.189 1.00 14.01 ? 160 LYS A CG  1 
ATOM   992  C CD  . LYS A 1 118 ? 6.815   4.194   -10.921 1.00 18.62 ? 160 LYS A CD  1 
ATOM   993  C CE  . LYS A 1 118 ? 7.043   5.679   -11.104 1.00 20.81 ? 160 LYS A CE  1 
ATOM   994  N NZ  . LYS A 1 118 ? 7.741   5.964   -12.389 1.00 21.52 ? 160 LYS A NZ  1 
ATOM   995  N N   . ILE A 1 119 ? 4.438   -0.645  -13.071 1.00 5.97  ? 161 ILE A N   1 
ATOM   996  C CA  . ILE A 1 119 ? 4.419   -2.114  -13.031 1.00 4.99  ? 161 ILE A CA  1 
ATOM   997  C C   . ILE A 1 119 ? 4.023   -2.772  -14.350 1.00 8.47  ? 161 ILE A C   1 
ATOM   998  O O   . ILE A 1 119 ? 4.020   -4.006  -14.451 1.00 9.34  ? 161 ILE A O   1 
ATOM   999  C CB  . ILE A 1 119 ? 3.523   -2.682  -11.907 1.00 7.91  ? 161 ILE A CB  1 
ATOM   1000 C CG1 . ILE A 1 119 ? 2.040   -2.417  -12.178 1.00 7.31  ? 161 ILE A CG1 1 
ATOM   1001 C CG2 . ILE A 1 119 ? 3.947   -2.136  -10.547 1.00 6.58  ? 161 ILE A CG2 1 
ATOM   1002 C CD1 . ILE A 1 119 ? 1.106   -3.334  -11.379 1.00 6.75  ? 161 ILE A CD1 1 
ATOM   1003 N N   . ASN A 1 120 ? 3.695   -1.951  -15.345 1.00 8.99  ? 162 ASN A N   1 
ATOM   1004 C CA  . ASN A 1 120 ? 3.343   -2.433  -16.678 1.00 11.49 ? 162 ASN A CA  1 
ATOM   1005 C C   . ASN A 1 120 ? 4.435   -3.357  -17.181 1.00 13.03 ? 162 ASN A C   1 
ATOM   1006 O O   . ASN A 1 120 ? 4.168   -4.396  -17.781 1.00 18.51 ? 162 ASN A O   1 
ATOM   1007 C CB  . ASN A 1 120 ? 3.191   -1.236  -17.614 1.00 9.53  ? 162 ASN A CB  1 
ATOM   1008 C CG  . ASN A 1 120 ? 2.700   -1.615  -18.998 1.00 17.21 ? 162 ASN A CG  1 
ATOM   1009 O OD1 . ASN A 1 120 ? 1.497   -1.750  -19.231 1.00 20.79 ? 162 ASN A OD1 1 
ATOM   1010 N ND2 . ASN A 1 120 ? 3.627   -1.739  -19.936 1.00 15.48 ? 162 ASN A ND2 1 
ATOM   1011 N N   . GLU A 1 121 ? 5.672   -2.972  -16.893 1.00 11.18 ? 163 GLU A N   1 
ATOM   1012 C CA  . GLU A 1 121 ? 6.835   -3.758  -17.261 1.00 9.33  ? 163 GLU A CA  1 
ATOM   1013 C C   . GLU A 1 121 ? 7.746   -3.943  -16.058 1.00 10.41 ? 163 GLU A C   1 
ATOM   1014 O O   . GLU A 1 121 ? 8.241   -2.970  -15.485 1.00 10.31 ? 163 GLU A O   1 
ATOM   1015 C CB  . GLU A 1 121 ? 7.585   -3.022  -18.360 1.00 15.28 ? 163 GLU A CB  1 
ATOM   1016 C CG  . GLU A 1 121 ? 8.189   -3.895  -19.409 1.00 19.40 ? 163 GLU A CG  1 
ATOM   1017 C CD  . GLU A 1 121 ? 8.528   -3.086  -20.635 1.00 18.65 ? 163 GLU A CD  1 
ATOM   1018 O OE1 . GLU A 1 121 ? 9.391   -2.193  -20.512 1.00 17.95 ? 163 GLU A OE1 1 
ATOM   1019 O OE2 . GLU A 1 121 ? 7.912   -3.323  -21.702 1.00 18.54 ? 163 GLU A OE2 1 
ATOM   1020 N N   . LEU A 1 122 ? 7.972   -5.197  -15.678 1.00 12.18 ? 164 LEU A N   1 
ATOM   1021 C CA  . LEU A 1 122 ? 8.886   -5.518  -14.599 1.00 10.77 ? 164 LEU A CA  1 
ATOM   1022 C C   . LEU A 1 122 ? 10.107  -6.234  -15.176 1.00 14.54 ? 164 LEU A C   1 
ATOM   1023 O O   . LEU A 1 122 ? 10.032  -6.785  -16.276 1.00 14.87 ? 164 LEU A O   1 
ATOM   1024 C CB  . LEU A 1 122 ? 8.191   -6.425  -13.574 1.00 11.45 ? 164 LEU A CB  1 
ATOM   1025 C CG  . LEU A 1 122 ? 6.902   -5.919  -12.927 1.00 12.38 ? 164 LEU A CG  1 
ATOM   1026 C CD1 . LEU A 1 122 ? 6.345   -6.994  -12.003 1.00 14.92 ? 164 LEU A CD1 1 
ATOM   1027 C CD2 . LEU A 1 122 ? 7.140   -4.631  -12.158 1.00 9.14  ? 164 LEU A CD2 1 
ATOM   1028 N N   . PRO A 1 123 ? 11.237  -6.223  -14.444 1.00 12.35 ? 165 PRO A N   1 
ATOM   1029 C CA  . PRO A 1 123 ? 12.410  -6.998  -14.869 1.00 12.70 ? 165 PRO A CA  1 
ATOM   1030 C C   . PRO A 1 123 ? 12.084  -8.484  -14.995 1.00 16.65 ? 165 PRO A C   1 
ATOM   1031 O O   . PRO A 1 123 ? 11.155  -8.985  -14.356 1.00 17.06 ? 165 PRO A O   1 
ATOM   1032 C CB  . PRO A 1 123 ? 13.407  -6.798  -13.727 1.00 18.42 ? 165 PRO A CB  1 
ATOM   1033 C CG  . PRO A 1 123 ? 12.984  -5.561  -13.038 1.00 16.42 ? 165 PRO A CG  1 
ATOM   1034 C CD  . PRO A 1 123 ? 11.501  -5.420  -13.238 1.00 13.45 ? 165 PRO A CD  1 
ATOM   1035 N N   . THR A 1 124 ? 12.844  -9.185  -15.825 1.00 17.00 ? 166 THR A N   1 
ATOM   1036 C CA  . THR A 1 124 ? 12.662  -10.623 -15.982 1.00 24.11 ? 166 THR A CA  1 
ATOM   1037 C C   . THR A 1 124 ? 13.455  -11.413 -14.940 1.00 28.22 ? 166 THR A C   1 
ATOM   1038 O O   . THR A 1 124 ? 14.402  -10.899 -14.341 1.00 24.23 ? 166 THR A O   1 
ATOM   1039 C CB  . THR A 1 124 ? 13.079  -11.080 -17.385 1.00 26.88 ? 166 THR A CB  1 
ATOM   1040 O OG1 . THR A 1 124 ? 14.424  -10.659 -17.637 1.00 35.04 ? 166 THR A OG1 1 
ATOM   1041 C CG2 . THR A 1 124 ? 12.162  -10.469 -18.427 1.00 29.09 ? 166 THR A CG2 1 
HETATM 1042 C CAA . 1A8 B 2 .   ? -0.851  11.060  9.161   1.00 15.97 ? 201 1A8 A CAA 1 
HETATM 1043 C CAM . 1A8 B 2 .   ? -0.360  11.707  7.913   1.00 17.68 ? 201 1A8 A CAM 1 
HETATM 1044 C CAN . 1A8 B 2 .   ? -1.419  12.615  7.397   1.00 11.32 ? 201 1A8 A CAN 1 
HETATM 1045 C CAT . 1A8 B 2 .   ? -2.570  11.837  6.849   1.00 7.81  ? 201 1A8 A CAT 1 
HETATM 1046 O OAB . 1A8 B 2 .   ? -2.406  10.706  6.416   1.00 9.64  ? 201 1A8 A OAB 1 
HETATM 1047 N NAO . 1A8 B 2 .   ? -3.835  12.483  6.853   1.00 6.78  ? 201 1A8 A NAO 1 
HETATM 1048 C CAU . 1A8 B 2 .   ? -5.080  11.960  6.381   1.00 6.16  ? 201 1A8 A CAU 1 
HETATM 1049 C CAJ . 1A8 B 2 .   ? -6.193  12.755  6.585   1.00 9.09  ? 201 1A8 A CAJ 1 
HETATM 1050 C CAK . 1A8 B 2 .   ? -5.206  10.738  5.733   1.00 6.72  ? 201 1A8 A CAK 1 
HETATM 1051 C CAW . 1A8 B 2 .   ? -6.456  10.331  5.317   1.00 6.26  ? 201 1A8 A CAW 1 
HETATM 1052 C CAX . 1A8 B 2 .   ? -6.630  9.040   4.612   1.00 6.48  ? 201 1A8 A CAX 1 
HETATM 1053 C CAI . 1A8 B 2 .   ? -5.593  8.100   4.283   1.00 7.61  ? 201 1A8 A CAI 1 
HETATM 1054 S SAS . 1A8 B 2 .   ? -6.302  6.798   3.463   1.00 6.83  ? 201 1A8 A SAS 1 
HETATM 1055 C CAZ . 1A8 B 2 .   ? -7.863  7.402   3.491   1.00 5.69  ? 201 1A8 A CAZ 1 
HETATM 1056 O OAC . 1A8 B 2 .   ? -8.884  6.894   3.038   1.00 5.36  ? 201 1A8 A OAC 1 
HETATM 1057 N NAQ . 1A8 B 2 .   ? -7.846  8.562   4.133   1.00 5.81  ? 201 1A8 A NAQ 1 
HETATM 1058 C CAL . 1A8 B 2 .   ? -7.575  11.117  5.511   1.00 8.84  ? 201 1A8 A CAL 1 
HETATM 1059 C CAV . 1A8 B 2 .   ? -7.440  12.332  6.150   1.00 12.04 ? 201 1A8 A CAV 1 
HETATM 1060 N NAP . 1A8 B 2 .   ? -8.571  13.170  6.306   1.00 16.59 ? 201 1A8 A NAP 1 
HETATM 1061 S SBA . 1A8 B 2 .   ? -8.496  14.552  5.412   1.00 30.60 ? 201 1A8 A SBA 1 
HETATM 1062 O OAD . 1A8 B 2 .   ? -7.661  15.465  6.160   1.00 24.25 ? 201 1A8 A OAD 1 
HETATM 1063 O OAE . 1A8 B 2 .   ? -9.762  15.260  5.428   1.00 22.92 ? 201 1A8 A OAE 1 
HETATM 1064 C CAY . 1A8 B 2 .   ? -7.836  14.442  3.742   1.00 15.06 ? 201 1A8 A CAY 1 
HETATM 1065 S SAR . 1A8 B 2 .   ? -6.368  13.865  3.336   1.00 24.39 ? 201 1A8 A SAR 1 
HETATM 1066 C CAG . 1A8 B 2 .   ? -6.314  14.072  1.725   1.00 11.78 ? 201 1A8 A CAG 1 
HETATM 1067 C CAF . 1A8 B 2 .   ? -7.532  14.673  1.322   1.00 7.48  ? 201 1A8 A CAF 1 
HETATM 1068 C CAH . 1A8 B 2 .   ? -8.437  14.907  2.509   1.00 13.70 ? 201 1A8 A CAH 1 
HETATM 1069 O O   . HOH C 3 .   ? 8.101   -15.099 7.016   1.00 1.31  ? 301 HOH A O   1 
HETATM 1070 O O   . HOH C 3 .   ? -17.601 4.785   0.441   1.00 2.44  ? 302 HOH A O   1 
HETATM 1071 O O   . HOH C 3 .   ? 8.352   -0.653  -15.100 1.00 2.71  ? 303 HOH A O   1 
HETATM 1072 O O   . HOH C 3 .   ? -8.382  4.174   2.787   1.00 5.49  ? 304 HOH A O   1 
HETATM 1073 O O   . HOH C 3 .   ? -10.464 20.310  -4.161  1.00 5.64  ? 305 HOH A O   1 
HETATM 1074 O O   . HOH C 3 .   ? -9.911  12.019  17.203  1.00 6.07  ? 306 HOH A O   1 
HETATM 1075 O O   . HOH C 3 .   ? 9.564   -0.709  -22.666 1.00 9.35  ? 307 HOH A O   1 
HETATM 1076 O O   . HOH C 3 .   ? 7.254   -14.272 4.949   1.00 6.69  ? 308 HOH A O   1 
HETATM 1077 O O   . HOH C 3 .   ? -6.048  1.132   4.202   1.00 8.51  ? 309 HOH A O   1 
HETATM 1078 O O   . HOH C 3 .   ? -10.552 9.822   4.342   1.00 8.63  ? 310 HOH A O   1 
HETATM 1079 O O   . HOH C 3 .   ? 6.527   -0.207  -16.714 1.00 9.34  ? 311 HOH A O   1 
HETATM 1080 O O   . HOH C 3 .   ? -2.938  5.474   4.993   1.00 9.11  ? 312 HOH A O   1 
HETATM 1081 O O   . HOH C 3 .   ? 5.188   -16.240 1.355   1.00 7.33  ? 313 HOH A O   1 
HETATM 1082 O O   . HOH C 3 .   ? 11.690  -18.372 4.600   1.00 6.73  ? 314 HOH A O   1 
HETATM 1083 O O   . HOH C 3 .   ? 0.374   -1.930  -15.548 1.00 9.07  ? 315 HOH A O   1 
HETATM 1084 O O   . HOH C 3 .   ? 8.438   -11.996 -8.073  1.00 9.55  ? 316 HOH A O   1 
HETATM 1085 O O   . HOH C 3 .   ? 4.585   -12.446 -9.305  1.00 9.94  ? 317 HOH A O   1 
HETATM 1086 O O   . HOH C 3 .   ? -2.423  8.034   9.875   1.00 9.98  ? 318 HOH A O   1 
HETATM 1087 O O   . HOH C 3 .   ? -6.003  3.621   1.518   1.00 8.74  ? 319 HOH A O   1 
HETATM 1088 O O   . HOH C 3 .   ? -3.707  -0.445  9.907   1.00 9.56  ? 320 HOH A O   1 
HETATM 1089 O O   . HOH C 3 .   ? -17.981 -1.049  15.569  1.00 8.90  ? 321 HOH A O   1 
HETATM 1090 O O   . HOH C 3 .   ? -3.890  3.591   3.279   1.00 10.44 ? 322 HOH A O   1 
HETATM 1091 O O   . HOH C 3 .   ? -10.594 -3.577  3.279   1.00 10.37 ? 323 HOH A O   1 
HETATM 1092 O O   . HOH C 3 .   ? -2.606  -0.138  7.116   1.00 8.83  ? 324 HOH A O   1 
HETATM 1093 O O   . HOH C 3 .   ? 11.870  -11.913 9.527   1.00 14.82 ? 325 HOH A O   1 
HETATM 1094 O O   . HOH C 3 .   ? -4.214  2.137   6.730   1.00 12.29 ? 326 HOH A O   1 
HETATM 1095 O O   . HOH C 3 .   ? 9.578   -10.191 -0.363  1.00 8.86  ? 327 HOH A O   1 
HETATM 1096 O O   . HOH C 3 .   ? -0.790  -9.363  -0.483  1.00 12.49 ? 328 HOH A O   1 
HETATM 1097 O O   . HOH C 3 .   ? 5.083   -7.729  12.237  1.00 11.59 ? 329 HOH A O   1 
HETATM 1098 O O   . HOH C 3 .   ? -11.095 9.872   16.534  1.00 12.74 ? 330 HOH A O   1 
HETATM 1099 O O   . HOH C 3 .   ? -4.316  -3.049  10.761  1.00 11.24 ? 331 HOH A O   1 
HETATM 1100 O O   . HOH C 3 .   ? -18.804 -2.330  9.727   1.00 10.10 ? 332 HOH A O   1 
HETATM 1101 O O   . HOH C 3 .   ? -11.952 2.492   13.657  1.00 8.41  ? 333 HOH A O   1 
HETATM 1102 O O   . HOH C 3 .   ? 3.757   13.489  -0.521  1.00 10.60 ? 334 HOH A O   1 
HETATM 1103 O O   . HOH C 3 .   ? -3.942  -7.193  0.197   1.00 13.15 ? 335 HOH A O   1 
HETATM 1104 O O   . HOH C 3 .   ? 2.364   -2.316  9.517   1.00 10.28 ? 336 HOH A O   1 
HETATM 1105 O O   . HOH C 3 .   ? 4.338   14.952  -7.692  1.00 12.16 ? 337 HOH A O   1 
HETATM 1106 O O   . HOH C 3 .   ? 11.530  -8.432  -1.042  1.00 13.09 ? 338 HOH A O   1 
HETATM 1107 O O   . HOH C 3 .   ? -0.809  10.072  -12.173 1.00 11.69 ? 339 HOH A O   1 
HETATM 1108 O O   . HOH C 3 .   ? -2.686  8.115   7.087   1.00 10.88 ? 340 HOH A O   1 
HETATM 1109 O O   . HOH C 3 .   ? -3.327  2.925   13.308  1.00 13.97 ? 341 HOH A O   1 
HETATM 1110 O O   . HOH C 3 .   ? -13.278 -3.822  4.023   1.00 16.38 ? 342 HOH A O   1 
HETATM 1111 O O   . HOH C 3 .   ? -9.802  -3.372  -0.650  1.00 11.25 ? 343 HOH A O   1 
HETATM 1112 O O   . HOH C 3 .   ? -16.877 5.212   4.812   1.00 11.36 ? 344 HOH A O   1 
HETATM 1113 O O   . HOH C 3 .   ? -2.011  -8.400  2.827   1.00 15.48 ? 345 HOH A O   1 
HETATM 1114 O O   . HOH C 3 .   ? 9.379   -10.622 6.780   1.00 10.49 ? 346 HOH A O   1 
HETATM 1115 O O   . HOH C 3 .   ? -6.699  12.528  -9.747  1.00 15.61 ? 347 HOH A O   1 
HETATM 1116 O O   . HOH C 3 .   ? 14.566  -16.167 -2.340  1.00 18.55 ? 348 HOH A O   1 
HETATM 1117 O O   . HOH C 3 .   ? -1.627  -8.705  9.755   1.00 19.12 ? 349 HOH A O   1 
HETATM 1118 O O   . HOH C 3 .   ? -3.135  0.261   12.790  1.00 12.70 ? 350 HOH A O   1 
HETATM 1119 O O   . HOH C 3 .   ? -6.646  2.035   19.470  1.00 22.55 ? 351 HOH A O   1 
HETATM 1120 O O   . HOH C 3 .   ? -16.999 7.220   6.941   1.00 11.82 ? 352 HOH A O   1 
HETATM 1121 O O   . HOH C 3 .   ? 6.735   3.861   -16.556 1.00 18.45 ? 353 HOH A O   1 
HETATM 1122 O O   . HOH C 3 .   ? 1.833   14.173  6.248   1.00 16.21 ? 354 HOH A O   1 
HETATM 1123 O O   . HOH C 3 .   ? -4.466  -5.882  6.329   1.00 16.95 ? 355 HOH A O   1 
HETATM 1124 O O   . HOH C 3 .   ? -12.789 15.925  -0.481  1.00 14.97 ? 356 HOH A O   1 
HETATM 1125 O O   . HOH C 3 .   ? -17.336 -2.639  5.602   1.00 16.83 ? 357 HOH A O   1 
HETATM 1126 O O   . HOH C 3 .   ? 12.175  -6.080  -2.187  1.00 13.77 ? 358 HOH A O   1 
HETATM 1127 O O   . HOH C 3 .   ? -14.890 4.186   17.015  1.00 15.12 ? 359 HOH A O   1 
HETATM 1128 O O   . HOH C 3 .   ? -13.890 1.565   15.787  1.00 12.18 ? 360 HOH A O   1 
HETATM 1129 O O   . HOH C 3 .   ? -11.049 12.262  5.233   1.00 16.17 ? 361 HOH A O   1 
HETATM 1130 O O   . HOH C 3 .   ? 8.562   2.082   -15.384 1.00 17.19 ? 362 HOH A O   1 
HETATM 1131 O O   . HOH C 3 .   ? -11.513 13.948  9.866   1.00 19.91 ? 363 HOH A O   1 
HETATM 1132 O O   . HOH C 3 .   ? 15.556  -5.955  -10.013 1.00 18.69 ? 364 HOH A O   1 
HETATM 1133 O O   . HOH C 3 .   ? 0.059   5.516   11.570  1.00 15.61 ? 365 HOH A O   1 
HETATM 1134 O O   . HOH C 3 .   ? 6.454   6.095   -14.876 1.00 18.95 ? 366 HOH A O   1 
HETATM 1135 O O   . HOH C 3 .   ? -2.259  -7.968  6.068   1.00 18.62 ? 367 HOH A O   1 
HETATM 1136 O O   . HOH C 3 .   ? -0.383  -10.971 4.356   1.00 19.80 ? 368 HOH A O   1 
HETATM 1137 O O   . HOH C 3 .   ? 9.150   10.007  4.346   1.00 26.14 ? 369 HOH A O   1 
HETATM 1138 O O   . HOH C 3 .   ? 14.288  -13.156 -9.757  1.00 20.10 ? 370 HOH A O   1 
HETATM 1139 O O   . HOH C 3 .   ? -12.498 6.584   -8.402  1.00 19.51 ? 371 HOH A O   1 
HETATM 1140 O O   . HOH C 3 .   ? 1.077   -14.220 -5.338  1.00 20.00 ? 372 HOH A O   1 
HETATM 1141 O O   . HOH C 3 .   ? 6.342   -16.817 -8.152  1.00 16.22 ? 373 HOH A O   1 
HETATM 1142 O O   . HOH C 3 .   ? 10.899  0.997   6.394   1.00 24.40 ? 374 HOH A O   1 
HETATM 1143 O O   . HOH C 3 .   ? 11.869  9.578   -0.369  1.00 24.86 ? 375 HOH A O   1 
HETATM 1144 O O   . HOH C 3 .   ? -2.612  0.142   16.628  1.00 20.00 ? 376 HOH A O   1 
HETATM 1145 O O   . HOH C 3 .   ? 2.755   11.400  5.924   1.00 18.35 ? 377 HOH A O   1 
HETATM 1146 O O   . HOH C 3 .   ? 7.531   0.645   -19.098 1.00 19.43 ? 378 HOH A O   1 
HETATM 1147 O O   . HOH C 3 .   ? 10.087  0.089   -16.754 1.00 18.34 ? 379 HOH A O   1 
HETATM 1148 O O   . HOH C 3 .   ? 3.122   -12.061 12.547  1.00 21.14 ? 380 HOH A O   1 
HETATM 1149 O O   . HOH C 3 .   ? 8.170   1.823   6.191   1.00 18.95 ? 381 HOH A O   1 
HETATM 1150 O O   . HOH C 3 .   ? 12.256  6.221   -10.608 1.00 16.89 ? 382 HOH A O   1 
HETATM 1151 O O   . HOH C 3 .   ? 6.221   -21.834 11.533  1.00 19.71 ? 383 HOH A O   1 
HETATM 1152 O O   . HOH C 3 .   ? -0.365  8.559   11.613  1.00 17.75 ? 384 HOH A O   1 
HETATM 1153 O O   . HOH C 3 .   ? 16.038  -2.512  -12.545 1.00 25.25 ? 385 HOH A O   1 
HETATM 1154 O O   . HOH C 3 .   ? -8.404  -5.720  -1.077  1.00 24.20 ? 386 HOH A O   1 
HETATM 1155 O O   . HOH C 3 .   ? -4.994  -1.170  -10.178 1.00 21.37 ? 387 HOH A O   1 
HETATM 1156 O O   . HOH C 3 .   ? 10.008  -6.749  -18.762 1.00 19.96 ? 388 HOH A O   1 
HETATM 1157 O O   . HOH C 3 .   ? -11.536 15.026  18.103  1.00 24.11 ? 389 HOH A O   1 
HETATM 1158 O O   . HOH C 3 .   ? -13.663 11.472  2.292   1.00 22.13 ? 390 HOH A O   1 
HETATM 1159 O O   . HOH C 3 .   ? -2.972  11.686  -12.876 1.00 20.64 ? 391 HOH A O   1 
HETATM 1160 O O   . HOH C 3 .   ? 6.847   -7.584  -16.748 1.00 23.40 ? 392 HOH A O   1 
HETATM 1161 O O   . HOH C 3 .   ? -15.491 9.379   10.615  1.00 16.79 ? 393 HOH A O   1 
HETATM 1162 O O   . HOH C 3 .   ? 0.347   12.546  -11.256 1.00 23.66 ? 394 HOH A O   1 
HETATM 1163 O O   . HOH C 3 .   ? 11.373  7.209   -1.497  1.00 18.24 ? 395 HOH A O   1 
HETATM 1164 O O   . HOH C 3 .   ? -12.124 13.153  17.062  1.00 21.42 ? 396 HOH A O   1 
HETATM 1165 O O   . HOH C 3 .   ? 2.859   -14.652 -10.184 1.00 22.17 ? 397 HOH A O   1 
HETATM 1166 O O   . HOH C 3 .   ? -13.337 10.215  -8.179  1.00 19.34 ? 398 HOH A O   1 
HETATM 1167 O O   . HOH C 3 .   ? -5.758  10.975  -12.008 1.00 22.69 ? 399 HOH A O   1 
HETATM 1168 O O   . HOH C 3 .   ? -0.435  8.635   14.349  1.00 21.53 ? 400 HOH A O   1 
HETATM 1169 O O   . HOH C 3 .   ? -11.167 4.770   -8.774  1.00 19.01 ? 401 HOH A O   1 
HETATM 1170 O O   . HOH C 3 .   ? 0.382   -10.791 1.610   1.00 18.85 ? 402 HOH A O   1 
HETATM 1171 O O   . HOH C 3 .   ? 14.687  -6.607  0.842   1.00 20.65 ? 403 HOH A O   1 
HETATM 1172 O O   . HOH C 3 .   ? -13.640 16.164  -7.697  1.00 22.29 ? 404 HOH A O   1 
HETATM 1173 O O   . HOH C 3 .   ? -4.686  11.157  -16.619 1.00 33.82 ? 405 HOH A O   1 
HETATM 1174 O O   . HOH C 3 .   ? 11.243  -9.970  8.591   1.00 21.79 ? 406 HOH A O   1 
HETATM 1175 O O   . HOH C 3 .   ? -4.927  -2.113  18.979  1.00 20.41 ? 407 HOH A O   1 
HETATM 1176 O O   . HOH C 3 .   ? -11.790 16.013  12.044  1.00 20.90 ? 408 HOH A O   1 
HETATM 1177 O O   . HOH C 3 .   ? 4.811   -10.849 -11.614 1.00 26.01 ? 409 HOH A O   1 
HETATM 1178 O O   . HOH C 3 .   ? -21.137 -3.407  7.794   1.00 22.33 ? 410 HOH A O   1 
HETATM 1179 O O   . HOH C 3 .   ? 2.963   -17.992 1.572   1.00 15.37 ? 411 HOH A O   1 
HETATM 1180 O O   . HOH C 3 .   ? 11.288  -0.232  -19.471 1.00 21.12 ? 412 HOH A O   1 
HETATM 1181 O O   . HOH C 3 .   ? 7.772   -7.396  -20.045 1.00 21.67 ? 413 HOH A O   1 
HETATM 1182 O O   . HOH C 3 .   ? 4.250   14.219  -10.432 1.00 23.79 ? 414 HOH A O   1 
HETATM 1183 O O   . HOH C 3 .   ? -5.190  -3.296  -11.553 1.00 19.35 ? 415 HOH A O   1 
HETATM 1184 O O   . HOH C 3 .   ? 3.718   16.050  -0.384  1.00 20.82 ? 416 HOH A O   1 
HETATM 1185 O O   . HOH C 3 .   ? 15.268  -11.296 4.839   1.00 24.76 ? 417 HOH A O   1 
HETATM 1186 O O   . HOH C 3 .   ? -16.973 14.106  -3.496  1.00 19.32 ? 418 HOH A O   1 
HETATM 1187 O O   . HOH C 3 .   ? -15.132 10.054  7.519   1.00 22.32 ? 419 HOH A O   1 
HETATM 1188 O O   . HOH C 3 .   ? -21.264 -3.116  10.458  1.00 22.52 ? 420 HOH A O   1 
HETATM 1189 O O   . HOH C 3 .   ? -3.527  -7.109  -7.655  1.00 24.77 ? 421 HOH A O   1 
HETATM 1190 O O   . HOH C 3 .   ? 6.455   -5.399  -21.714 1.00 21.13 ? 422 HOH A O   1 
HETATM 1191 O O   . HOH C 3 .   ? 2.010   9.509   11.177  1.00 24.19 ? 423 HOH A O   1 
HETATM 1192 O O   . HOH C 3 .   ? 15.028  -5.577  -1.816  1.00 25.07 ? 424 HOH A O   1 
HETATM 1193 O O   . HOH C 3 .   ? 1.887   17.555  -1.017  1.00 26.89 ? 425 HOH A O   1 
HETATM 1194 O O   . HOH C 3 .   ? 3.354   17.333  -8.366  1.00 24.49 ? 426 HOH A O   1 
HETATM 1195 O O   . HOH C 3 .   ? 3.919   15.272  5.071   1.00 24.12 ? 427 HOH A O   1 
HETATM 1196 O O   . HOH C 3 .   ? 2.081   -15.311 -1.877  1.00 22.50 ? 428 HOH A O   1 
HETATM 1197 O O   . HOH C 3 .   ? 5.215   4.893   7.628   1.00 21.26 ? 429 HOH A O   1 
HETATM 1198 O O   . HOH C 3 .   ? -0.971  14.642  -9.853  1.00 28.69 ? 430 HOH A O   1 
HETATM 1199 O O   . HOH C 3 .   ? 15.925  -7.748  5.639   1.00 26.93 ? 431 HOH A O   1 
HETATM 1200 O O   . HOH C 3 .   ? 16.101  -3.190  -8.797  1.00 26.45 ? 432 HOH A O   1 
HETATM 1201 O O   . HOH C 3 .   ? 15.999  -0.608  -2.112  1.00 28.39 ? 433 HOH A O   1 
HETATM 1202 O O   . HOH C 3 .   ? 8.920   -18.263 -9.664  1.00 23.03 ? 434 HOH A O   1 
HETATM 1203 O O   . HOH C 3 .   ? 11.512  -11.630 -10.529 1.00 17.19 ? 435 HOH A O   1 
HETATM 1204 O O   . HOH C 3 .   ? -11.150 14.052  0.748   1.00 14.54 ? 436 HOH A O   1 
# 
